data_7DT1
#
_entry.id   7DT1
#
_cell.length_a   99.830
_cell.length_b   106.080
_cell.length_c   106.020
_cell.angle_alpha   90.000
_cell.angle_beta   104.832
_cell.angle_gamma   90.000
#
_symmetry.space_group_name_H-M   'P 1 21 1'
#
loop_
_entity.id
_entity.type
_entity.pdbx_description
1 polymer Dextransucrase
2 non-polymer 'CALCIUM ION'
3 non-polymer 1,2-ETHANEDIOL
4 non-polymer GLYCEROL
5 non-polymer DI(HYDROXYETHYL)ETHER
6 water water
#
_entity_poly.entity_id   1
_entity_poly.type   'polypeptide(L)'
_entity_poly.pdbx_seq_one_letter_code
;MQANDGHWYLFTADGTAASRVAKWAGTYYYFDPQTHLRVDDNYVQSQWGDWYMFGKDGRIATGLYKWDKNNQWYYFDPVT
YLKVTNKWVDGNYYDEDGAQAISKLVTINNRLYYFDDQGKEISNQFRTIHGDKYYFGNDSAAVTGQQTIDGKVYKFSNYG
YLLGNRYGKIENGKLNIYSLADNSLIKTVEAGPWENMAYSMDSNSINNIDGYISYTGWYRPYGTSQDGKTWYPTTVADWR
PILMYVWPSKDVQVKFIQYFVNHGYENSNYGLTAGSVKDLSENTASIKLNEVAQNLRYVIEQHVVAAKSTSQLANDINNF
ITTIPELSKASELSVVNSYGYKPDNSGSVDDDQVIFVNNDSKNQKIGNTSYADSNYRLMNRTINNQNGDNNSDDSPELLV
GNDIDNSNPVVQAENLNWEYFLLNYGKFMNYNPNGNFDGFRIDAADNIDADVLDQAAQLINSIYNTKGNQANANDHLIYN
EGYHLGAANMLDRKSNPELYMDSGYFYTLENVLGRASDRDDINNLITNSIVNRQNDVSENVATPNWSFVTNHDQRKNLIN
QIVIDDHPGVADIMSDGYKAEYVNQAWKEFYADQARTDKKYTQYNLPAQYALLLTNKDTVPQVYYGDLYDETDQYMQNKS
VYYDAITTLMKARKSYVSGGQSMIKINDHLLTSVRYGKGIIDGNVSMTDILGRNSGIAVVVGNDAQMANQTISINMGKAH
ANQAYKQLLGTIDSGLTSSDTTIYHTDSNGVLNVTVKGYSNPYVSGYLGVWVPLNGGANITTKASEVTNQSDKTYSSNAA
LDSHVIYEDFSLFQPEPTSKAEHAYNIIADNASLFNELGITDFWMAPAYTPFNTSRYNEGYSMTDRYNLGTEANLTKYGS
GEELSNAIAALHDAGLKVQEDLVMNQMIGFSGQEAVTVTRTDGHAKQLTVDGKTFANQIYFAYTRGGGEGQKNYGGKYLD
ELQKKYPELFTTKAVSTGVAPDPSVHITEWSAKYQNGTSLQNIGIGLAVKLANGDYAYLNDSNNKAFNTTLPETMSSADY
YANIEDD
;
_entity_poly.pdbx_strand_id   A,B
#
loop_
_chem_comp.id
_chem_comp.type
_chem_comp.name
_chem_comp.formula
CA non-polymer 'CALCIUM ION' 'Ca 2'
EDO non-polymer 1,2-ETHANEDIOL 'C2 H6 O2'
GOL non-polymer GLYCEROL 'C3 H8 O3'
PEG non-polymer DI(HYDROXYETHYL)ETHER 'C4 H10 O3'
#
# COMPACT_ATOMS: atom_id res chain seq x y z
N ALA A 191 31.06 50.70 -28.04
CA ALA A 191 30.05 51.58 -28.59
C ALA A 191 28.82 51.66 -27.67
N GLY A 192 28.37 50.51 -27.14
CA GLY A 192 27.19 50.49 -26.31
C GLY A 192 27.05 49.24 -25.46
N PRO A 193 25.92 49.12 -24.76
CA PRO A 193 25.65 47.92 -23.96
C PRO A 193 25.03 46.77 -24.74
N TRP A 194 24.78 46.96 -26.05
CA TRP A 194 24.41 45.87 -26.92
C TRP A 194 25.44 44.74 -26.91
N GLU A 195 26.69 45.05 -26.55
CA GLU A 195 27.75 44.06 -26.45
C GLU A 195 27.44 42.97 -25.43
N ASN A 196 26.39 43.13 -24.62
CA ASN A 196 25.91 42.03 -23.81
C ASN A 196 25.43 40.86 -24.67
N MET A 197 25.06 41.12 -25.92
CA MET A 197 24.59 40.06 -26.80
C MET A 197 25.69 39.03 -27.04
N ALA A 198 25.28 37.83 -27.40
CA ALA A 198 26.23 36.74 -27.58
C ALA A 198 27.17 37.07 -28.74
N TYR A 199 28.42 36.61 -28.61
CA TYR A 199 29.38 36.82 -29.70
C TYR A 199 28.86 36.21 -31.00
N SER A 200 28.29 35.02 -30.93
CA SER A 200 27.54 34.45 -32.05
C SER A 200 26.25 33.83 -31.51
N MET A 201 25.27 33.66 -32.39
CA MET A 201 24.00 33.03 -32.03
C MET A 201 24.03 31.53 -32.30
N ASP A 202 25.10 30.86 -31.83
CA ASP A 202 25.30 29.43 -32.05
C ASP A 202 25.99 28.82 -30.83
N SER A 203 26.19 27.49 -30.90
CA SER A 203 26.81 26.76 -29.80
C SER A 203 28.22 27.22 -29.51
N ASN A 204 28.89 27.84 -30.49
CA ASN A 204 30.26 28.29 -30.26
C ASN A 204 30.32 29.37 -29.19
N SER A 205 29.22 30.10 -29.00
CA SER A 205 29.17 31.18 -28.02
C SER A 205 28.17 30.95 -26.89
N ILE A 206 27.28 29.95 -26.99
CA ILE A 206 26.18 29.78 -26.06
C ILE A 206 26.07 28.30 -25.66
N ASN A 207 26.37 27.99 -24.40
CA ASN A 207 26.09 26.65 -23.86
C ASN A 207 24.65 26.25 -24.15
N ASN A 208 24.47 25.07 -24.68
CA ASN A 208 23.12 24.59 -24.91
C ASN A 208 23.13 23.07 -24.86
N ILE A 209 21.95 22.50 -24.76
CA ILE A 209 21.76 21.06 -24.74
C ILE A 209 20.68 20.76 -25.77
N ASP A 210 21.08 20.21 -26.92
CA ASP A 210 20.16 19.91 -28.03
C ASP A 210 19.38 21.14 -28.48
N GLY A 211 20.02 22.31 -28.38
CA GLY A 211 19.41 23.55 -28.80
C GLY A 211 18.65 24.29 -27.73
N TYR A 212 18.53 23.75 -26.52
CA TYR A 212 17.84 24.40 -25.43
C TYR A 212 18.83 25.04 -24.47
N ILE A 213 18.43 26.14 -23.86
CA ILE A 213 19.29 26.93 -22.99
C ILE A 213 18.92 26.68 -21.55
N SER A 214 19.88 26.79 -20.66
CA SER A 214 19.69 26.57 -19.25
C SER A 214 20.16 27.79 -18.47
N TYR A 215 19.41 28.18 -17.44
CA TYR A 215 19.84 29.31 -16.63
C TYR A 215 21.17 29.03 -15.96
N THR A 216 21.54 27.76 -15.80
CA THR A 216 22.86 27.42 -15.30
C THR A 216 23.93 27.47 -16.37
N GLY A 217 23.55 27.67 -17.63
CA GLY A 217 24.53 27.74 -18.69
C GLY A 217 25.32 29.03 -18.65
N TRP A 218 26.42 29.03 -19.41
CA TRP A 218 27.24 30.20 -19.63
C TRP A 218 27.24 30.56 -21.11
N TYR A 219 27.72 31.75 -21.42
CA TYR A 219 27.81 32.15 -22.81
C TYR A 219 28.89 33.21 -22.93
N ARG A 220 29.41 33.36 -24.15
CA ARG A 220 30.42 34.37 -24.44
C ARG A 220 29.73 35.61 -24.99
N PRO A 221 29.64 36.70 -24.24
CA PRO A 221 29.15 37.95 -24.82
C PRO A 221 30.21 38.55 -25.73
N TYR A 222 29.79 39.58 -26.48
CA TYR A 222 30.75 40.31 -27.29
C TYR A 222 31.75 41.05 -26.42
N GLY A 223 31.25 41.79 -25.42
CA GLY A 223 32.13 42.50 -24.50
C GLY A 223 31.57 42.59 -23.10
N THR A 224 32.43 43.03 -22.19
CA THR A 224 32.09 43.27 -20.79
C THR A 224 32.52 44.69 -20.42
N SER A 225 32.13 45.13 -19.23
CA SER A 225 32.36 46.51 -18.82
C SER A 225 32.30 46.61 -17.30
N GLN A 226 33.29 47.30 -16.70
CA GLN A 226 33.26 47.55 -15.26
C GLN A 226 32.54 48.83 -14.89
N ASP A 227 32.38 49.74 -15.85
CA ASP A 227 31.54 50.92 -15.75
C ASP A 227 30.71 51.00 -17.01
N GLY A 228 29.74 51.90 -17.04
CA GLY A 228 28.94 51.96 -18.25
C GLY A 228 29.68 52.48 -19.47
N LYS A 229 30.92 52.95 -19.30
CA LYS A 229 31.59 53.76 -20.30
C LYS A 229 32.58 53.00 -21.17
N THR A 230 33.42 52.16 -20.60
CA THR A 230 34.47 51.44 -21.33
C THR A 230 34.11 49.97 -21.44
N TRP A 231 34.16 49.43 -22.66
CA TRP A 231 33.79 48.06 -22.96
C TRP A 231 34.95 47.34 -23.66
N TYR A 232 35.38 46.21 -23.11
CA TYR A 232 36.45 45.41 -23.68
C TYR A 232 35.86 44.20 -24.40
N PRO A 233 36.15 43.99 -25.69
CA PRO A 233 35.66 42.78 -26.35
C PRO A 233 36.20 41.53 -25.67
N THR A 234 35.40 40.45 -25.73
CA THR A 234 35.78 39.17 -25.15
C THR A 234 36.63 38.35 -26.11
N THR A 235 37.57 37.59 -25.57
CA THR A 235 38.25 36.55 -26.33
C THR A 235 37.40 35.28 -26.30
N VAL A 236 37.95 34.21 -26.89
CA VAL A 236 37.26 32.93 -26.88
C VAL A 236 37.27 32.26 -25.51
N ALA A 237 38.03 32.79 -24.56
CA ALA A 237 38.10 32.24 -23.22
C ALA A 237 37.25 32.99 -22.22
N ASP A 238 36.57 34.06 -22.64
CA ASP A 238 35.79 34.91 -21.74
C ASP A 238 34.32 34.50 -21.84
N TRP A 239 33.88 33.69 -20.89
CA TRP A 239 32.50 33.28 -20.77
C TRP A 239 31.92 33.83 -19.46
N ARG A 240 30.61 34.05 -19.47
CA ARG A 240 29.87 34.59 -18.33
C ARG A 240 28.62 33.76 -18.07
N PRO A 241 28.20 33.69 -16.81
CA PRO A 241 26.97 32.96 -16.50
C PRO A 241 25.75 33.64 -17.10
N ILE A 242 24.82 32.82 -17.58
CA ILE A 242 23.59 33.34 -18.15
C ILE A 242 22.76 34.04 -17.08
N LEU A 243 22.88 33.61 -15.83
CA LEU A 243 22.11 34.21 -14.75
C LEU A 243 22.50 35.66 -14.47
N MET A 244 23.66 36.12 -14.95
CA MET A 244 23.97 37.54 -14.83
C MET A 244 23.09 38.38 -15.75
N TYR A 245 22.46 37.78 -16.74
CA TYR A 245 21.74 38.51 -17.77
C TYR A 245 20.27 38.16 -17.87
N VAL A 246 19.87 36.93 -17.55
CA VAL A 246 18.50 36.47 -17.73
C VAL A 246 18.04 35.71 -16.49
N TRP A 247 16.74 35.74 -16.22
CA TRP A 247 16.14 35.13 -15.06
C TRP A 247 14.76 34.58 -15.44
N PRO A 248 14.28 33.57 -14.72
CA PRO A 248 12.95 32.98 -15.06
C PRO A 248 11.77 33.85 -14.66
N SER A 249 11.99 34.87 -13.83
CA SER A 249 10.92 35.72 -13.32
C SER A 249 11.57 36.95 -12.73
N LYS A 250 10.80 38.04 -12.65
CA LYS A 250 11.33 39.23 -11.99
C LYS A 250 11.72 38.92 -10.55
N ASP A 251 11.01 38.01 -9.90
CA ASP A 251 11.31 37.66 -8.52
C ASP A 251 12.72 37.07 -8.40
N VAL A 252 13.05 36.07 -9.22
CA VAL A 252 14.38 35.48 -9.16
C VAL A 252 15.43 36.54 -9.46
N GLN A 253 15.10 37.47 -10.36
CA GLN A 253 16.00 38.59 -10.66
C GLN A 253 16.25 39.44 -9.41
N VAL A 254 15.20 39.70 -8.63
CA VAL A 254 15.41 40.44 -7.40
C VAL A 254 16.29 39.63 -6.45
N LYS A 255 16.03 38.33 -6.34
CA LYS A 255 16.82 37.47 -5.46
C LYS A 255 18.27 37.39 -5.92
N PHE A 256 18.49 37.41 -7.23
CA PHE A 256 19.86 37.44 -7.76
C PHE A 256 20.60 38.68 -7.28
N ILE A 257 20.01 39.85 -7.49
CA ILE A 257 20.59 41.11 -7.02
C ILE A 257 20.85 41.04 -5.52
N GLN A 258 19.81 40.70 -4.75
CA GLN A 258 19.94 40.68 -3.30
C GLN A 258 21.01 39.69 -2.82
N TYR A 259 21.17 38.57 -3.51
CA TYR A 259 22.15 37.59 -3.04
C TYR A 259 23.57 38.08 -3.30
N PHE A 260 23.83 38.59 -4.50
CA PHE A 260 25.19 39.00 -4.85
C PHE A 260 25.62 40.23 -4.07
N VAL A 261 24.71 41.19 -3.89
CA VAL A 261 25.06 42.40 -3.16
C VAL A 261 25.48 42.06 -1.73
N ASN A 262 24.73 41.17 -1.07
CA ASN A 262 25.03 40.75 0.29
C ASN A 262 26.16 39.73 0.37
N HIS A 263 26.73 39.31 -0.76
CA HIS A 263 27.86 38.40 -0.75
C HIS A 263 29.11 39.03 -1.34
N GLY A 264 29.22 40.36 -1.30
CA GLY A 264 30.46 41.04 -1.62
C GLY A 264 30.43 41.92 -2.85
N TYR A 265 29.32 41.99 -3.58
CA TYR A 265 29.29 42.78 -4.81
C TYR A 265 28.49 44.05 -4.61
N GLU A 266 28.98 44.94 -3.73
CA GLU A 266 28.33 46.22 -3.47
C GLU A 266 29.25 47.37 -3.86
N ASN A 267 28.65 48.44 -4.40
CA ASN A 267 29.39 49.62 -4.81
C ASN A 267 28.43 50.82 -4.79
N SER A 268 28.50 51.61 -3.73
CA SER A 268 27.57 52.73 -3.55
C SER A 268 27.65 53.70 -4.72
N ASN A 269 28.82 53.82 -5.36
CA ASN A 269 28.93 54.64 -6.56
C ASN A 269 27.99 54.16 -7.65
N TYR A 270 27.68 52.87 -7.68
CA TYR A 270 26.74 52.32 -8.64
C TYR A 270 25.37 52.04 -8.01
N GLY A 271 25.17 52.42 -6.75
CA GLY A 271 23.88 52.31 -6.10
C GLY A 271 23.56 50.95 -5.52
N LEU A 272 24.58 50.09 -5.35
CA LEU A 272 24.37 48.73 -4.88
C LEU A 272 24.95 48.62 -3.48
N THR A 273 24.06 48.51 -2.49
CA THR A 273 24.45 48.11 -1.14
C THR A 273 23.24 47.45 -0.50
N ALA A 274 23.52 46.66 0.55
CA ALA A 274 22.47 45.90 1.23
C ALA A 274 21.25 46.77 1.47
N GLY A 275 21.45 48.00 1.93
CA GLY A 275 20.34 48.90 2.18
C GLY A 275 19.65 49.31 0.89
N SER A 276 20.41 49.52 -0.18
CA SER A 276 19.81 50.03 -1.39
C SER A 276 18.94 49.00 -2.11
N VAL A 277 19.13 47.71 -1.83
CA VAL A 277 18.46 46.65 -2.58
C VAL A 277 17.43 45.89 -1.75
N LYS A 278 17.34 46.13 -0.44
CA LYS A 278 16.47 45.31 0.39
C LYS A 278 14.99 45.49 0.07
N ASP A 279 14.60 46.61 -0.54
CA ASP A 279 13.20 46.89 -0.81
C ASP A 279 12.78 46.56 -2.23
N LEU A 280 13.69 46.05 -3.06
CA LEU A 280 13.32 45.57 -4.38
C LEU A 280 12.46 44.32 -4.25
N SER A 281 11.52 44.18 -5.20
CA SER A 281 10.62 43.03 -5.22
C SER A 281 10.10 42.89 -6.65
N GLU A 282 9.33 41.82 -6.88
CA GLU A 282 8.76 41.60 -8.20
C GLU A 282 7.86 42.75 -8.64
N ASN A 283 7.42 43.59 -7.71
CA ASN A 283 6.53 44.70 -8.03
C ASN A 283 7.27 45.96 -8.45
N THR A 284 8.59 46.00 -8.28
CA THR A 284 9.39 47.06 -8.88
C THR A 284 9.21 47.06 -10.40
N ALA A 285 9.23 48.25 -10.99
CA ALA A 285 9.09 48.36 -12.44
C ALA A 285 10.22 47.60 -13.13
N SER A 286 9.88 46.96 -14.25
CA SER A 286 10.87 46.22 -15.02
C SER A 286 12.05 47.11 -15.41
N ILE A 287 11.77 48.37 -15.77
CA ILE A 287 12.82 49.29 -16.20
C ILE A 287 13.89 49.42 -15.11
N LYS A 288 13.45 49.66 -13.87
CA LYS A 288 14.40 49.86 -12.77
C LYS A 288 15.21 48.60 -12.49
N LEU A 289 14.54 47.45 -12.45
CA LEU A 289 15.23 46.20 -12.10
C LEU A 289 16.35 45.91 -13.09
N ASN A 290 16.05 46.02 -14.38
CA ASN A 290 17.10 45.84 -15.39
C ASN A 290 18.23 46.84 -15.19
N GLU A 291 17.90 48.11 -14.92
CA GLU A 291 18.90 49.10 -14.56
C GLU A 291 19.79 48.57 -13.44
N VAL A 292 19.18 48.14 -12.34
CA VAL A 292 19.95 47.58 -11.23
C VAL A 292 20.76 46.38 -11.70
N ALA A 293 20.12 45.48 -12.47
CA ALA A 293 20.83 44.31 -12.97
C ALA A 293 22.04 44.72 -13.82
N GLN A 294 21.85 45.71 -14.69
CA GLN A 294 22.95 46.16 -15.55
C GLN A 294 24.09 46.74 -14.72
N ASN A 295 23.76 47.39 -13.59
CA ASN A 295 24.81 47.92 -12.73
C ASN A 295 25.53 46.81 -11.96
N LEU A 296 24.82 45.73 -11.63
CA LEU A 296 25.43 44.63 -10.88
C LEU A 296 26.50 43.94 -11.69
N ARG A 297 26.24 43.73 -12.99
CA ARG A 297 27.26 43.15 -13.86
C ARG A 297 28.56 43.96 -13.81
N TYR A 298 28.44 45.29 -13.84
CA TYR A 298 29.64 46.13 -13.73
C TYR A 298 30.42 45.79 -12.48
N VAL A 299 29.72 45.75 -11.33
CA VAL A 299 30.39 45.42 -10.08
C VAL A 299 30.93 43.99 -10.11
N ILE A 300 30.27 43.11 -10.87
CA ILE A 300 30.80 41.75 -11.04
C ILE A 300 32.09 41.80 -11.84
N GLU A 301 32.06 42.46 -13.00
CA GLU A 301 33.27 42.56 -13.83
C GLU A 301 34.41 43.19 -13.06
N GLN A 302 34.10 44.14 -12.17
CA GLN A 302 35.10 44.67 -11.25
C GLN A 302 35.75 43.54 -10.45
N HIS A 303 34.93 42.69 -9.83
CA HIS A 303 35.47 41.56 -9.07
C HIS A 303 36.21 40.60 -9.98
N VAL A 304 35.65 40.32 -11.16
CA VAL A 304 36.30 39.40 -12.09
C VAL A 304 37.68 39.91 -12.47
N VAL A 305 37.82 41.22 -12.63
CA VAL A 305 39.09 41.81 -13.06
C VAL A 305 40.10 41.82 -11.93
N ALA A 306 39.68 42.16 -10.72
CA ALA A 306 40.60 42.19 -9.59
C ALA A 306 41.22 40.82 -9.34
N ALA A 307 40.43 39.76 -9.43
CA ALA A 307 40.95 38.41 -9.24
C ALA A 307 41.43 37.78 -10.54
N LYS A 308 41.24 38.45 -11.68
CA LYS A 308 41.58 37.92 -13.00
C LYS A 308 40.91 36.57 -13.25
N SER A 309 39.71 36.37 -12.70
CA SER A 309 39.12 35.04 -12.75
C SER A 309 37.61 35.10 -12.54
N THR A 310 36.92 34.16 -13.17
CA THR A 310 35.50 33.92 -12.95
C THR A 310 35.25 32.83 -11.92
N SER A 311 36.31 32.34 -11.26
CA SER A 311 36.20 31.16 -10.42
C SER A 311 35.41 31.45 -9.16
N GLN A 312 35.71 32.56 -8.48
CA GLN A 312 34.91 32.95 -7.34
C GLN A 312 33.48 33.25 -7.76
N LEU A 313 33.31 33.94 -8.90
CA LEU A 313 31.97 34.18 -9.42
C LEU A 313 31.23 32.87 -9.67
N ALA A 314 31.94 31.85 -10.17
CA ALA A 314 31.31 30.56 -10.41
C ALA A 314 30.73 29.98 -9.12
N ASN A 315 31.51 30.02 -8.03
CA ASN A 315 31.00 29.50 -6.76
C ASN A 315 29.76 30.27 -6.33
N ASP A 316 29.78 31.59 -6.51
CA ASP A 316 28.65 32.41 -6.07
C ASP A 316 27.41 32.13 -6.90
N ILE A 317 27.58 31.90 -8.20
CA ILE A 317 26.44 31.49 -9.03
C ILE A 317 25.92 30.14 -8.57
N ASN A 318 26.82 29.17 -8.39
CA ASN A 318 26.42 27.83 -7.99
C ASN A 318 25.64 27.86 -6.68
N ASN A 319 26.22 28.50 -5.66
CA ASN A 319 25.53 28.62 -4.38
C ASN A 319 24.17 29.27 -4.54
N PHE A 320 24.12 30.42 -5.21
CA PHE A 320 22.86 31.14 -5.35
C PHE A 320 21.79 30.27 -5.99
N ILE A 321 22.15 29.50 -7.02
CA ILE A 321 21.21 28.60 -7.67
C ILE A 321 20.53 27.70 -6.64
N THR A 322 21.31 27.23 -5.66
CA THR A 322 20.80 26.40 -4.58
C THR A 322 19.70 27.07 -3.78
N THR A 323 19.62 28.40 -3.77
CA THR A 323 18.56 29.10 -3.05
C THR A 323 17.27 29.23 -3.85
N ILE A 324 17.27 28.87 -5.13
CA ILE A 324 16.09 29.06 -5.96
C ILE A 324 15.52 27.69 -6.29
N PRO A 325 14.36 27.33 -5.72
CA PRO A 325 13.83 25.95 -5.91
C PRO A 325 13.69 25.55 -7.37
N GLU A 326 13.20 26.45 -8.23
CA GLU A 326 12.97 26.05 -9.61
C GLU A 326 14.25 25.88 -10.39
N LEU A 327 15.38 26.38 -9.89
CA LEU A 327 16.66 26.19 -10.57
C LEU A 327 17.52 25.14 -9.89
N SER A 328 17.02 24.51 -8.83
CA SER A 328 17.78 23.52 -8.09
C SER A 328 16.93 22.29 -7.82
N LYS A 329 17.44 21.34 -7.04
CA LYS A 329 16.84 20.01 -6.95
C LYS A 329 15.44 20.02 -6.31
N ALA A 330 15.13 20.98 -5.43
CA ALA A 330 13.84 20.96 -4.72
C ALA A 330 12.66 20.85 -5.69
N SER A 331 12.73 21.52 -6.84
CA SER A 331 11.62 21.52 -7.78
C SER A 331 11.37 20.15 -8.41
N GLU A 332 12.23 19.18 -8.16
CA GLU A 332 11.96 17.84 -8.66
C GLU A 332 10.93 17.11 -7.82
N LEU A 333 10.58 17.64 -6.65
CA LEU A 333 9.50 17.10 -5.81
C LEU A 333 9.85 15.69 -5.34
N SER A 334 11.05 15.53 -4.80
CA SER A 334 11.39 14.32 -4.09
C SER A 334 10.35 14.04 -3.01
N VAL A 335 9.90 12.80 -2.89
CA VAL A 335 8.94 12.48 -1.84
C VAL A 335 9.60 12.51 -0.47
N VAL A 336 10.94 12.56 -0.42
CA VAL A 336 11.64 12.65 0.85
C VAL A 336 11.27 13.93 1.58
N ASN A 337 10.98 15.00 0.84
CA ASN A 337 10.60 16.29 1.41
C ASN A 337 9.09 16.44 1.58
N SER A 338 8.33 15.39 1.31
CA SER A 338 6.89 15.50 1.42
C SER A 338 6.47 15.39 2.89
N TYR A 339 5.27 15.87 3.17
CA TYR A 339 4.77 15.87 4.54
C TYR A 339 4.62 14.43 5.04
N GLY A 340 5.21 14.15 6.20
CA GLY A 340 5.10 12.84 6.82
C GLY A 340 5.92 11.72 6.21
N TYR A 341 6.85 12.02 5.31
CA TYR A 341 7.68 10.98 4.71
C TYR A 341 8.51 10.27 5.77
N LYS A 342 8.52 8.92 5.70
CA LYS A 342 9.36 8.01 6.48
C LYS A 342 10.38 7.33 5.58
N PRO A 343 11.64 7.22 6.01
CA PRO A 343 12.65 6.55 5.17
C PRO A 343 12.40 5.07 5.02
N ASP A 344 12.97 4.50 3.96
CA ASP A 344 12.83 3.09 3.60
C ASP A 344 14.18 2.40 3.77
N ASN A 345 14.23 1.31 4.57
CA ASN A 345 15.53 0.71 4.84
C ASN A 345 16.11 -0.05 3.65
N SER A 346 15.40 -0.11 2.52
CA SER A 346 16.06 -0.52 1.28
C SER A 346 17.13 0.46 0.89
N GLY A 347 16.99 1.71 1.33
CA GLY A 347 17.99 2.72 1.07
C GLY A 347 17.77 3.51 -0.19
N SER A 348 16.80 3.12 -1.00
CA SER A 348 16.46 3.90 -2.18
C SER A 348 15.04 4.42 -2.04
N VAL A 349 14.66 5.28 -2.99
CA VAL A 349 13.38 5.97 -3.00
C VAL A 349 12.60 5.52 -4.22
N ASP A 350 11.71 4.55 -4.02
CA ASP A 350 10.90 3.98 -5.09
C ASP A 350 10.17 5.03 -5.91
N ASP A 351 9.66 6.09 -5.28
CA ASP A 351 8.72 7.00 -5.93
C ASP A 351 9.36 8.30 -6.42
N ASP A 352 10.69 8.36 -6.51
CA ASP A 352 11.39 9.52 -7.06
C ASP A 352 11.80 9.19 -8.48
N GLN A 353 10.92 9.49 -9.45
CA GLN A 353 11.14 9.04 -10.83
C GLN A 353 10.59 10.08 -11.77
N VAL A 354 11.14 10.11 -12.96
CA VAL A 354 10.52 10.78 -14.09
C VAL A 354 10.59 9.81 -15.26
N ILE A 355 9.56 9.80 -16.08
CA ILE A 355 9.57 8.97 -17.27
C ILE A 355 9.90 9.86 -18.45
N PHE A 356 10.52 9.27 -19.46
CA PHE A 356 10.81 9.95 -20.72
C PHE A 356 9.63 9.76 -21.67
N VAL A 357 9.04 10.85 -22.12
CA VAL A 357 7.85 10.81 -22.96
C VAL A 357 8.16 11.42 -24.32
N ASN A 358 7.43 10.97 -25.34
CA ASN A 358 7.59 11.52 -26.69
C ASN A 358 7.11 12.98 -26.76
N ASN A 359 7.82 13.79 -27.54
CA ASN A 359 7.45 15.20 -27.68
C ASN A 359 7.97 15.70 -29.02
N ASP A 360 7.09 15.67 -30.03
CA ASP A 360 7.39 16.15 -31.38
C ASP A 360 6.63 17.44 -31.71
N SER A 361 6.37 18.27 -30.71
CA SER A 361 5.44 19.37 -30.89
C SER A 361 6.05 20.48 -31.73
N LYS A 362 5.22 21.10 -32.55
CA LYS A 362 5.58 22.34 -33.22
C LYS A 362 5.21 23.57 -32.39
N ASN A 363 4.59 23.37 -31.24
CA ASN A 363 4.27 24.43 -30.31
C ASN A 363 5.49 24.73 -29.45
N GLN A 364 6.13 25.87 -29.71
CA GLN A 364 7.36 26.21 -28.98
C GLN A 364 7.12 26.39 -27.48
N LYS A 365 5.87 26.49 -27.05
CA LYS A 365 5.62 26.51 -25.62
C LYS A 365 5.71 25.11 -25.03
N ILE A 366 5.38 24.09 -25.81
CA ILE A 366 5.60 22.72 -25.38
C ILE A 366 7.02 22.23 -25.71
N GLY A 367 7.61 22.73 -26.77
CA GLY A 367 8.95 22.29 -27.13
C GLY A 367 8.94 21.04 -27.97
N ASN A 368 10.16 20.53 -28.21
CA ASN A 368 10.34 19.41 -29.14
C ASN A 368 11.64 18.70 -28.82
N THR A 369 11.56 17.42 -28.43
CA THR A 369 12.72 16.59 -28.15
C THR A 369 12.65 15.31 -28.97
N SER A 370 12.29 15.42 -30.25
CA SER A 370 11.96 14.26 -31.07
C SER A 370 13.11 13.26 -31.17
N TYR A 371 14.35 13.72 -31.11
CA TYR A 371 15.50 12.80 -31.07
C TYR A 371 15.40 11.79 -29.92
N ALA A 372 14.62 12.09 -28.88
CA ALA A 372 14.49 11.16 -27.77
C ALA A 372 13.20 10.37 -27.85
N ASP A 373 12.46 10.49 -28.94
CA ASP A 373 11.20 9.79 -29.10
C ASP A 373 11.43 8.29 -29.29
N SER A 374 10.43 7.51 -28.90
CA SER A 374 10.51 6.08 -29.07
C SER A 374 9.10 5.53 -29.32
N ASN A 375 9.05 4.48 -30.13
CA ASN A 375 7.80 3.74 -30.37
C ASN A 375 7.58 2.65 -29.36
N TYR A 376 8.52 2.45 -28.45
CA TYR A 376 8.44 1.36 -27.52
C TYR A 376 8.15 1.91 -26.14
N ARG A 377 9.11 1.83 -25.21
CA ARG A 377 8.86 2.25 -23.84
C ARG A 377 7.59 1.60 -23.30
N LEU A 378 7.47 0.29 -23.49
CA LEU A 378 6.35 -0.45 -22.92
C LEU A 378 6.72 -0.80 -21.48
N MET A 379 6.24 0.00 -20.55
CA MET A 379 6.64 -0.15 -19.16
C MET A 379 5.66 -1.04 -18.43
N ASN A 380 6.17 -1.72 -17.41
CA ASN A 380 5.43 -2.64 -16.53
C ASN A 380 4.99 -3.90 -17.25
N ARG A 381 5.70 -4.25 -18.34
CA ARG A 381 5.55 -5.56 -18.96
C ARG A 381 6.35 -6.61 -18.17
N THR A 382 6.10 -6.65 -16.86
CA THR A 382 6.91 -7.35 -15.88
C THR A 382 6.19 -8.61 -15.42
N ILE A 383 6.93 -9.72 -15.29
CA ILE A 383 6.37 -11.00 -14.85
C ILE A 383 5.15 -11.39 -15.73
N ASN A 384 3.98 -11.57 -15.11
CA ASN A 384 2.84 -12.06 -15.88
C ASN A 384 2.18 -11.00 -16.73
N ASN A 385 2.61 -9.74 -16.60
CA ASN A 385 2.13 -8.67 -17.45
C ASN A 385 2.97 -8.52 -18.69
N GLN A 386 3.70 -9.55 -19.09
CA GLN A 386 4.51 -9.46 -20.30
C GLN A 386 3.64 -9.09 -21.51
N ASN A 387 2.45 -9.65 -21.58
CA ASN A 387 1.53 -9.33 -22.66
C ASN A 387 0.60 -8.15 -22.33
N GLY A 388 0.86 -7.41 -21.26
CA GLY A 388 0.02 -6.29 -20.89
C GLY A 388 -1.43 -6.61 -20.59
N ASP A 389 -1.73 -7.85 -20.19
CA ASP A 389 -3.11 -8.26 -19.98
C ASP A 389 -3.31 -8.99 -18.65
N ASN A 390 -2.44 -8.74 -17.67
CA ASN A 390 -2.49 -9.43 -16.38
C ASN A 390 -1.54 -8.71 -15.45
N ASN A 391 -2.00 -7.61 -14.81
CA ASN A 391 -1.13 -6.86 -13.93
C ASN A 391 -1.25 -7.28 -12.48
N SER A 392 -1.58 -8.56 -12.25
CA SER A 392 -1.81 -9.05 -10.90
C SER A 392 -0.57 -8.97 -10.01
N ASP A 393 0.64 -9.00 -10.59
CA ASP A 393 1.83 -8.89 -9.76
C ASP A 393 2.17 -7.46 -9.37
N ASP A 394 1.62 -6.46 -10.07
CA ASP A 394 1.83 -5.05 -9.72
C ASP A 394 3.31 -4.74 -9.53
N SER A 395 4.15 -5.26 -10.42
CA SER A 395 5.58 -5.18 -10.21
C SER A 395 6.17 -4.02 -10.99
N PRO A 396 6.75 -3.03 -10.30
CA PRO A 396 7.05 -1.74 -10.95
C PRO A 396 8.23 -1.81 -11.88
N GLU A 397 8.20 -0.92 -12.87
CA GLU A 397 9.24 -0.83 -13.88
C GLU A 397 10.48 -0.06 -13.40
N LEU A 398 10.31 0.95 -12.53
CA LEU A 398 11.39 1.87 -12.21
C LEU A 398 11.90 1.60 -10.79
N LEU A 399 13.23 1.48 -10.65
CA LEU A 399 13.85 1.33 -9.35
C LEU A 399 14.75 2.52 -9.06
N VAL A 400 15.92 2.61 -9.69
CA VAL A 400 16.85 3.70 -9.42
C VAL A 400 17.74 3.86 -10.63
N GLY A 401 18.19 5.09 -10.91
CA GLY A 401 19.08 5.37 -12.02
C GLY A 401 18.37 5.55 -13.35
N ASN A 402 19.14 5.35 -14.42
CA ASN A 402 18.61 5.41 -15.78
C ASN A 402 18.03 4.06 -16.13
N ASP A 403 16.71 3.96 -16.10
CA ASP A 403 16.03 2.72 -16.41
C ASP A 403 16.09 2.47 -17.92
N ILE A 404 16.50 1.25 -18.28
CA ILE A 404 16.72 0.89 -19.67
C ILE A 404 15.42 0.38 -20.26
N ASP A 405 15.08 0.83 -21.47
CA ASP A 405 13.85 0.40 -22.10
C ASP A 405 14.11 -0.96 -22.74
N ASN A 406 13.95 -2.02 -21.94
CA ASN A 406 14.13 -3.39 -22.41
C ASN A 406 12.99 -3.86 -23.31
N SER A 407 12.07 -2.99 -23.68
CA SER A 407 11.08 -3.33 -24.68
C SER A 407 11.51 -2.90 -26.08
N ASN A 408 12.61 -2.18 -26.20
CA ASN A 408 13.08 -1.71 -27.50
C ASN A 408 13.87 -2.82 -28.18
N PRO A 409 13.52 -3.18 -29.41
CA PRO A 409 14.19 -4.33 -30.06
C PRO A 409 15.67 -4.12 -30.28
N VAL A 410 16.14 -2.89 -30.44
CA VAL A 410 17.57 -2.68 -30.56
C VAL A 410 18.26 -2.96 -29.23
N VAL A 411 17.67 -2.50 -28.13
CA VAL A 411 18.15 -2.88 -26.79
C VAL A 411 18.14 -4.39 -26.62
N GLN A 412 17.03 -5.03 -27.02
CA GLN A 412 16.94 -6.47 -26.79
C GLN A 412 18.01 -7.20 -27.57
N ALA A 413 18.34 -6.69 -28.77
CA ALA A 413 19.47 -7.21 -29.52
C ALA A 413 20.78 -6.93 -28.79
N GLU A 414 20.94 -5.72 -28.26
CA GLU A 414 22.18 -5.43 -27.53
C GLU A 414 22.32 -6.28 -26.27
N ASN A 415 21.21 -6.62 -25.59
CA ASN A 415 21.34 -7.50 -24.43
C ASN A 415 21.97 -8.83 -24.82
N LEU A 416 21.57 -9.38 -25.98
CA LEU A 416 22.12 -10.64 -26.42
C LEU A 416 23.61 -10.49 -26.73
N ASN A 417 23.99 -9.41 -27.42
CA ASN A 417 25.40 -9.10 -27.65
C ASN A 417 26.18 -9.08 -26.35
N TRP A 418 25.64 -8.37 -25.35
CA TRP A 418 26.23 -8.30 -24.02
C TRP A 418 26.37 -9.67 -23.38
N GLU A 419 25.26 -10.42 -23.35
CA GLU A 419 25.27 -11.75 -22.75
C GLU A 419 26.31 -12.64 -23.42
N TYR A 420 26.38 -12.58 -24.75
CA TYR A 420 27.34 -13.36 -25.52
C TYR A 420 28.77 -12.96 -25.18
N PHE A 421 29.00 -11.67 -24.97
CA PHE A 421 30.30 -11.18 -24.53
C PHE A 421 30.71 -11.79 -23.18
N LEU A 422 29.76 -11.97 -22.27
CA LEU A 422 30.09 -12.43 -20.93
C LEU A 422 30.25 -13.94 -20.88
N LEU A 423 29.50 -14.66 -21.72
CA LEU A 423 29.69 -16.09 -21.86
C LEU A 423 31.00 -16.43 -22.57
N ASN A 424 31.74 -15.43 -23.06
CA ASN A 424 33.05 -15.63 -23.66
C ASN A 424 34.05 -14.60 -23.17
N TYR A 425 33.88 -14.12 -21.93
CA TYR A 425 34.62 -12.94 -21.49
C TYR A 425 36.13 -13.11 -21.66
N GLY A 426 36.70 -14.15 -21.05
CA GLY A 426 38.14 -14.35 -21.15
C GLY A 426 38.62 -14.50 -22.58
N LYS A 427 37.94 -15.34 -23.37
CA LYS A 427 38.28 -15.51 -24.78
C LYS A 427 38.34 -14.16 -25.51
N PHE A 428 37.21 -13.44 -25.51
CA PHE A 428 37.07 -12.23 -26.33
C PHE A 428 37.94 -11.07 -25.84
N MET A 429 38.44 -11.15 -24.61
CA MET A 429 39.29 -10.11 -24.06
C MET A 429 40.77 -10.48 -24.10
N ASN A 430 41.12 -11.66 -24.66
CA ASN A 430 42.50 -12.14 -24.68
C ASN A 430 43.08 -12.17 -23.27
N TYR A 431 42.22 -12.51 -22.32
CA TYR A 431 42.63 -12.92 -21.01
C TYR A 431 42.63 -14.45 -20.98
N ASN A 432 42.51 -15.04 -19.81
CA ASN A 432 42.50 -16.49 -19.69
C ASN A 432 41.43 -17.07 -20.61
N PRO A 433 41.77 -18.02 -21.49
CA PRO A 433 40.78 -18.53 -22.45
C PRO A 433 39.75 -19.43 -21.81
N ASN A 434 39.98 -19.84 -20.57
CA ASN A 434 39.04 -20.59 -19.77
C ASN A 434 38.36 -19.69 -18.74
N GLY A 435 38.41 -18.37 -18.95
CA GLY A 435 37.82 -17.43 -18.01
C GLY A 435 36.50 -16.84 -18.52
N ASN A 436 35.52 -17.70 -18.77
CA ASN A 436 34.26 -17.29 -19.33
C ASN A 436 33.16 -17.71 -18.37
N PHE A 437 32.15 -16.85 -18.25
CA PHE A 437 30.98 -17.14 -17.45
C PHE A 437 30.15 -18.24 -18.11
N ASP A 438 29.45 -19.00 -17.27
CA ASP A 438 28.65 -20.14 -17.71
C ASP A 438 27.15 -19.83 -17.73
N GLY A 439 26.74 -18.76 -17.09
CA GLY A 439 25.32 -18.50 -16.89
C GLY A 439 25.17 -17.20 -16.14
N PHE A 440 23.96 -16.94 -15.65
CA PHE A 440 23.62 -15.64 -15.13
C PHE A 440 22.73 -15.72 -13.90
N ARG A 441 23.04 -14.86 -12.93
CA ARG A 441 22.09 -14.38 -11.93
C ARG A 441 21.44 -13.15 -12.52
N ILE A 442 20.13 -13.19 -12.72
CA ILE A 442 19.47 -12.11 -13.44
C ILE A 442 18.90 -11.15 -12.42
N ASP A 443 19.46 -9.95 -12.41
CA ASP A 443 19.11 -8.92 -11.45
C ASP A 443 17.82 -8.24 -11.85
N ALA A 444 16.94 -8.04 -10.88
CA ALA A 444 15.74 -7.23 -11.05
C ALA A 444 14.89 -7.75 -12.20
N ALA A 445 14.78 -9.07 -12.27
CA ALA A 445 13.95 -9.75 -13.26
C ALA A 445 12.47 -9.44 -13.08
N ASP A 446 12.09 -8.93 -11.90
CA ASP A 446 10.73 -8.46 -11.69
C ASP A 446 10.51 -7.05 -12.24
N ASN A 447 11.55 -6.43 -12.78
CA ASN A 447 11.49 -5.00 -13.08
C ASN A 447 11.89 -4.68 -14.51
N ILE A 448 12.13 -5.69 -15.33
CA ILE A 448 12.46 -5.46 -16.72
C ILE A 448 11.35 -6.08 -17.56
N ASP A 449 11.21 -5.59 -18.78
CA ASP A 449 10.32 -6.27 -19.71
C ASP A 449 10.68 -7.76 -19.74
N ALA A 450 9.69 -8.61 -19.51
CA ALA A 450 9.99 -10.04 -19.38
C ALA A 450 10.49 -10.68 -20.67
N ASP A 451 10.31 -10.05 -21.85
CA ASP A 451 10.93 -10.58 -23.07
C ASP A 451 12.42 -10.86 -22.87
N VAL A 452 13.12 -10.02 -22.11
CA VAL A 452 14.57 -10.20 -22.04
C VAL A 452 14.94 -11.43 -21.22
N LEU A 453 14.02 -11.97 -20.40
CA LEU A 453 14.27 -13.26 -19.76
C LEU A 453 14.16 -14.39 -20.79
N ASP A 454 13.11 -14.34 -21.60
CA ASP A 454 12.97 -15.30 -22.69
C ASP A 454 14.23 -15.31 -23.56
N GLN A 455 14.76 -14.13 -23.86
CA GLN A 455 15.84 -14.04 -24.82
C GLN A 455 17.17 -14.47 -24.22
N ALA A 456 17.41 -14.17 -22.95
CA ALA A 456 18.62 -14.68 -22.32
C ALA A 456 18.60 -16.20 -22.27
N ALA A 457 17.41 -16.77 -22.04
CA ALA A 457 17.28 -18.22 -21.99
C ALA A 457 17.27 -18.83 -23.38
N GLN A 458 16.94 -18.04 -24.39
CA GLN A 458 17.03 -18.50 -25.77
C GLN A 458 18.48 -18.53 -26.21
N LEU A 459 19.24 -17.48 -25.87
CA LEU A 459 20.65 -17.43 -26.29
C LEU A 459 21.40 -18.63 -25.74
N ILE A 460 21.26 -18.90 -24.44
CA ILE A 460 21.93 -20.04 -23.85
C ILE A 460 21.42 -21.34 -24.45
N ASN A 461 20.16 -21.39 -24.87
CA ASN A 461 19.69 -22.60 -25.55
C ASN A 461 20.30 -22.73 -26.94
N SER A 462 20.39 -21.61 -27.67
CA SER A 462 21.01 -21.63 -28.99
C SER A 462 22.47 -22.06 -28.90
N ILE A 463 23.21 -21.53 -27.92
CA ILE A 463 24.64 -21.83 -27.86
C ILE A 463 24.86 -23.23 -27.34
N TYR A 464 24.11 -23.63 -26.29
CA TYR A 464 24.48 -24.81 -25.52
C TYR A 464 23.45 -25.92 -25.53
N ASN A 465 22.30 -25.73 -26.18
CA ASN A 465 21.31 -26.81 -26.34
C ASN A 465 20.79 -27.26 -24.97
N THR A 466 19.97 -26.40 -24.37
CA THR A 466 19.49 -26.59 -23.01
C THR A 466 18.02 -26.95 -22.90
N LYS A 467 17.18 -26.44 -23.81
CA LYS A 467 15.75 -26.71 -23.74
C LYS A 467 15.51 -28.19 -23.98
N GLY A 468 14.93 -28.87 -23.00
CA GLY A 468 14.76 -30.31 -23.11
C GLY A 468 16.02 -31.13 -22.87
N ASN A 469 17.00 -30.60 -22.12
CA ASN A 469 18.26 -31.30 -21.87
C ASN A 469 18.90 -30.86 -20.56
N GLN A 470 18.45 -31.44 -19.45
CA GLN A 470 18.88 -30.92 -18.15
C GLN A 470 20.37 -31.09 -17.92
N ALA A 471 20.99 -32.11 -18.53
CA ALA A 471 22.44 -32.23 -18.46
C ALA A 471 23.11 -30.94 -18.90
N ASN A 472 22.70 -30.38 -20.03
CA ASN A 472 23.28 -29.11 -20.48
C ASN A 472 22.72 -27.92 -19.72
N ALA A 473 21.41 -27.90 -19.44
CA ALA A 473 20.83 -26.77 -18.73
C ALA A 473 21.44 -26.63 -17.33
N ASN A 474 21.65 -27.75 -16.64
CA ASN A 474 22.22 -27.65 -15.30
C ASN A 474 23.64 -27.06 -15.33
N ASP A 475 24.30 -27.04 -16.50
CA ASP A 475 25.63 -26.46 -16.64
C ASP A 475 25.59 -24.99 -17.05
N HIS A 476 24.39 -24.41 -17.16
CA HIS A 476 24.22 -23.05 -17.59
C HIS A 476 23.03 -22.49 -16.85
N LEU A 477 23.12 -22.57 -15.53
CA LEU A 477 22.06 -22.04 -14.68
C LEU A 477 21.74 -20.59 -15.02
N ILE A 478 20.46 -20.28 -15.09
CA ILE A 478 19.97 -18.92 -15.03
C ILE A 478 19.02 -18.87 -13.85
N TYR A 479 19.33 -18.09 -12.82
CA TYR A 479 18.40 -17.91 -11.70
C TYR A 479 18.02 -16.45 -11.54
N ASN A 480 16.72 -16.19 -11.37
CA ASN A 480 16.18 -14.84 -11.37
C ASN A 480 15.98 -14.35 -9.95
N GLU A 481 16.39 -13.11 -9.72
CA GLU A 481 16.11 -12.45 -8.46
C GLU A 481 14.67 -12.01 -8.42
N GLY A 482 13.92 -12.48 -7.44
CA GLY A 482 12.57 -12.00 -7.36
C GLY A 482 12.00 -12.12 -5.98
N TYR A 483 11.11 -11.18 -5.66
CA TYR A 483 10.32 -11.24 -4.44
C TYR A 483 8.82 -11.32 -4.72
N HIS A 484 8.43 -11.64 -5.95
CA HIS A 484 7.03 -11.80 -6.31
C HIS A 484 6.75 -13.27 -6.55
N LEU A 485 5.80 -13.82 -5.79
CA LEU A 485 5.41 -15.21 -5.94
C LEU A 485 4.87 -15.51 -7.35
N GLY A 486 4.25 -14.53 -8.01
CA GLY A 486 3.73 -14.78 -9.34
C GLY A 486 4.76 -15.23 -10.35
N ALA A 487 6.05 -14.97 -10.08
CA ALA A 487 7.08 -15.37 -11.05
C ALA A 487 7.15 -16.88 -11.20
N ALA A 488 6.76 -17.60 -10.14
CA ALA A 488 6.78 -19.06 -10.20
C ALA A 488 5.70 -19.58 -11.15
N ASN A 489 4.53 -18.92 -11.17
CA ASN A 489 3.51 -19.19 -12.18
C ASN A 489 4.09 -19.05 -13.59
N MET A 490 4.64 -17.87 -13.87
CA MET A 490 5.21 -17.55 -15.16
C MET A 490 6.27 -18.57 -15.56
N LEU A 491 7.21 -18.87 -14.66
CA LEU A 491 8.27 -19.78 -15.05
C LEU A 491 7.72 -21.19 -15.34
N ASP A 492 6.78 -21.67 -14.51
CA ASP A 492 6.14 -22.95 -14.78
C ASP A 492 5.44 -22.92 -16.12
N ARG A 493 4.82 -21.77 -16.43
CA ARG A 493 4.08 -21.62 -17.68
C ARG A 493 5.01 -21.74 -18.88
N LYS A 494 6.21 -21.16 -18.78
CA LYS A 494 7.18 -21.19 -19.86
C LYS A 494 8.07 -22.42 -19.80
N SER A 495 7.64 -23.48 -19.09
CA SER A 495 8.41 -24.71 -18.92
C SER A 495 9.79 -24.44 -18.28
N ASN A 496 9.83 -23.47 -17.37
CA ASN A 496 10.96 -23.23 -16.48
C ASN A 496 12.25 -22.93 -17.22
N PRO A 497 12.31 -21.82 -17.96
CA PRO A 497 13.60 -21.35 -18.49
C PRO A 497 14.56 -20.78 -17.43
N GLU A 498 14.09 -20.48 -16.22
CA GLU A 498 14.96 -19.90 -15.20
C GLU A 498 14.54 -20.39 -13.82
N LEU A 499 15.52 -20.46 -12.92
CA LEU A 499 15.20 -20.80 -11.55
C LEU A 499 14.44 -19.66 -10.90
N TYR A 500 13.39 -20.02 -10.15
CA TYR A 500 12.56 -19.07 -9.42
C TYR A 500 13.10 -18.90 -8.01
N MET A 501 13.06 -17.67 -7.51
CA MET A 501 13.63 -17.37 -6.21
C MET A 501 12.57 -17.48 -5.12
N ASP A 502 12.78 -18.41 -4.19
CA ASP A 502 11.76 -18.81 -3.21
C ASP A 502 11.79 -17.87 -2.00
N SER A 503 11.38 -16.63 -2.25
CA SER A 503 11.46 -15.61 -1.21
C SER A 503 10.44 -15.87 -0.09
N GLY A 504 9.31 -16.48 -0.40
CA GLY A 504 8.36 -16.84 0.63
C GLY A 504 8.98 -17.68 1.73
N TYR A 505 9.94 -18.55 1.38
CA TYR A 505 10.60 -19.37 2.40
C TYR A 505 11.56 -18.54 3.25
N PHE A 506 12.25 -17.58 2.64
CA PHE A 506 13.09 -16.65 3.41
C PHE A 506 12.27 -15.98 4.52
N TYR A 507 11.15 -15.35 4.15
CA TYR A 507 10.29 -14.75 5.17
C TYR A 507 9.88 -15.78 6.21
N THR A 508 9.42 -16.96 5.77
CA THR A 508 9.13 -18.06 6.69
C THR A 508 10.29 -18.28 7.69
N LEU A 509 11.50 -18.50 7.16
CA LEU A 509 12.66 -18.76 8.00
C LEU A 509 12.83 -17.67 9.06
N GLU A 510 12.76 -16.40 8.64
CA GLU A 510 12.98 -15.30 9.59
C GLU A 510 11.81 -15.14 10.57
N ASN A 511 10.59 -15.45 10.14
CA ASN A 511 9.45 -15.24 11.03
C ASN A 511 9.31 -16.39 12.02
N VAL A 512 9.75 -17.58 11.68
CA VAL A 512 9.58 -18.74 12.53
C VAL A 512 10.78 -18.93 13.45
N LEU A 513 11.99 -18.75 12.91
CA LEU A 513 13.20 -19.00 13.69
C LEU A 513 13.99 -17.75 14.01
N GLY A 514 13.88 -16.72 13.17
CA GLY A 514 14.78 -15.58 13.30
C GLY A 514 14.37 -14.54 14.31
N ARG A 515 13.07 -14.42 14.62
CA ARG A 515 12.55 -13.38 15.50
C ARG A 515 12.99 -13.58 16.96
N ALA A 516 12.95 -12.48 17.72
CA ALA A 516 13.22 -12.59 19.15
C ALA A 516 12.03 -13.17 19.88
N SER A 517 10.82 -12.80 19.50
CA SER A 517 9.62 -13.24 20.19
C SER A 517 8.48 -13.24 19.18
N ASP A 518 7.34 -13.80 19.61
CA ASP A 518 6.16 -13.92 18.75
C ASP A 518 6.52 -14.62 17.44
N ARG A 519 7.36 -15.65 17.55
CA ARG A 519 7.71 -16.46 16.38
C ARG A 519 6.46 -17.16 15.83
N ASP A 520 6.46 -17.37 14.53
CA ASP A 520 5.32 -17.95 13.86
C ASP A 520 5.30 -19.46 14.04
N ASP A 521 4.22 -20.09 13.57
CA ASP A 521 4.04 -21.51 13.75
C ASP A 521 5.18 -22.30 13.12
N ILE A 522 5.80 -23.17 13.91
CA ILE A 522 6.89 -24.02 13.42
C ILE A 522 6.44 -24.80 12.20
N ASN A 523 5.12 -25.02 12.06
CA ASN A 523 4.62 -25.79 10.94
C ASN A 523 4.82 -25.06 9.63
N ASN A 524 4.90 -23.73 9.67
CA ASN A 524 5.04 -22.96 8.45
C ASN A 524 6.32 -23.32 7.71
N LEU A 525 7.36 -23.76 8.45
CA LEU A 525 8.56 -24.26 7.79
C LEU A 525 8.25 -25.42 6.86
N ILE A 526 7.24 -26.23 7.22
CA ILE A 526 6.83 -27.32 6.36
C ILE A 526 6.06 -26.81 5.14
N THR A 527 5.22 -25.79 5.32
CA THR A 527 4.27 -25.44 4.25
C THR A 527 4.57 -24.15 3.52
N ASN A 528 5.21 -23.18 4.14
CA ASN A 528 5.30 -21.84 3.54
C ASN A 528 6.62 -21.72 2.79
N SER A 529 6.62 -22.32 1.60
CA SER A 529 7.68 -22.22 0.62
C SER A 529 7.02 -22.53 -0.70
N ILE A 530 7.75 -22.29 -1.79
CA ILE A 530 7.25 -22.75 -3.07
C ILE A 530 7.12 -24.27 -3.08
N VAL A 531 7.76 -24.97 -2.14
CA VAL A 531 7.70 -26.43 -2.05
C VAL A 531 7.18 -26.83 -0.66
N ASN A 532 5.97 -27.41 -0.62
CA ASN A 532 5.48 -28.09 0.57
C ASN A 532 6.27 -29.37 0.79
N ARG A 533 6.90 -29.48 1.97
CA ARG A 533 7.82 -30.58 2.16
C ARG A 533 7.36 -31.55 3.24
N GLN A 534 6.03 -31.70 3.38
CA GLN A 534 5.51 -32.65 4.37
C GLN A 534 5.94 -34.07 4.03
N ASN A 535 5.65 -34.50 2.80
CA ASN A 535 6.10 -35.78 2.27
C ASN A 535 6.48 -35.56 0.80
N ASP A 536 7.59 -34.87 0.59
CA ASP A 536 8.16 -34.65 -0.73
C ASP A 536 8.87 -35.93 -1.18
N VAL A 537 8.13 -36.81 -1.86
CA VAL A 537 8.65 -38.11 -2.30
C VAL A 537 8.47 -38.26 -3.81
N SER A 538 8.63 -37.17 -4.55
CA SER A 538 8.51 -37.22 -6.00
C SER A 538 9.59 -36.33 -6.61
N GLU A 539 9.70 -36.40 -7.93
CA GLU A 539 10.64 -35.58 -8.69
C GLU A 539 9.94 -35.04 -9.93
N ASN A 540 10.46 -33.93 -10.46
CA ASN A 540 9.97 -33.28 -11.68
C ASN A 540 8.60 -32.67 -11.51
N VAL A 541 8.22 -32.34 -10.27
CA VAL A 541 6.93 -31.77 -9.96
C VAL A 541 7.05 -30.37 -9.38
N ALA A 542 8.03 -30.13 -8.53
CA ALA A 542 8.20 -28.81 -7.93
C ALA A 542 8.66 -27.79 -8.96
N THR A 543 8.36 -26.53 -8.70
CA THR A 543 8.95 -25.46 -9.51
C THR A 543 10.47 -25.44 -9.29
N PRO A 544 11.28 -25.58 -10.33
CA PRO A 544 12.74 -25.41 -10.16
C PRO A 544 13.03 -24.04 -9.56
N ASN A 545 13.75 -24.03 -8.45
CA ASN A 545 13.82 -22.84 -7.64
C ASN A 545 15.13 -22.81 -6.87
N TRP A 546 15.55 -21.61 -6.52
CA TRP A 546 16.67 -21.41 -5.63
C TRP A 546 16.21 -20.64 -4.38
N SER A 547 16.72 -21.03 -3.21
CA SER A 547 16.24 -20.53 -1.92
C SER A 547 17.41 -20.04 -1.06
N PHE A 548 17.12 -19.21 -0.07
CA PHE A 548 18.20 -18.57 0.67
C PHE A 548 17.82 -18.26 2.12
N VAL A 549 18.85 -18.03 2.92
CA VAL A 549 18.70 -17.62 4.31
C VAL A 549 19.04 -16.13 4.37
N THR A 550 19.99 -15.72 3.53
CA THR A 550 20.40 -14.32 3.49
C THR A 550 20.87 -14.03 2.08
N ASN A 551 20.70 -12.79 1.63
CA ASN A 551 21.41 -12.29 0.47
C ASN A 551 21.88 -10.87 0.75
N HIS A 552 22.68 -10.32 -0.17
CA HIS A 552 23.28 -9.01 0.08
C HIS A 552 22.23 -7.94 0.29
N ASP A 553 21.06 -8.08 -0.33
CA ASP A 553 20.03 -7.07 -0.11
C ASP A 553 19.44 -7.14 1.29
N GLN A 554 19.32 -8.34 1.86
CA GLN A 554 18.73 -8.42 3.18
C GLN A 554 19.69 -7.93 4.24
N ARG A 555 21.00 -8.08 4.03
CA ARG A 555 21.93 -7.43 4.95
C ARG A 555 21.79 -5.92 4.86
N LYS A 556 21.71 -5.40 3.63
CA LYS A 556 21.51 -3.97 3.44
C LYS A 556 20.30 -3.44 4.22
N ASN A 557 19.16 -4.12 4.10
CA ASN A 557 17.95 -3.61 4.74
C ASN A 557 18.12 -3.53 6.24
N LEU A 558 18.80 -4.52 6.83
CA LEU A 558 18.92 -4.54 8.28
C LEU A 558 19.84 -3.44 8.78
N ILE A 559 20.98 -3.26 8.11
CA ILE A 559 21.93 -2.22 8.50
C ILE A 559 21.27 -0.85 8.37
N ASN A 560 20.64 -0.59 7.23
CA ASN A 560 19.90 0.65 7.04
C ASN A 560 18.87 0.84 8.15
N GLN A 561 18.23 -0.24 8.59
CA GLN A 561 17.25 -0.12 9.65
C GLN A 561 17.90 0.36 10.94
N ILE A 562 19.10 -0.17 11.23
CA ILE A 562 19.86 0.24 12.41
C ILE A 562 20.17 1.73 12.36
N VAL A 563 20.61 2.22 11.20
CA VAL A 563 20.82 3.66 11.02
C VAL A 563 19.52 4.42 11.26
N ILE A 564 18.43 3.99 10.59
CA ILE A 564 17.16 4.68 10.78
C ILE A 564 16.78 4.71 12.26
N ASP A 565 17.05 3.63 13.00
CA ASP A 565 16.67 3.62 14.40
C ASP A 565 17.52 4.58 15.22
N ASP A 566 18.74 4.89 14.79
CA ASP A 566 19.62 5.78 15.53
C ASP A 566 19.47 7.24 15.11
N HIS A 567 18.49 7.55 14.26
CA HIS A 567 18.27 8.91 13.79
C HIS A 567 16.78 9.14 13.58
N PRO A 568 15.96 8.97 14.63
CA PRO A 568 14.50 9.06 14.44
C PRO A 568 14.10 10.43 13.91
N GLY A 569 13.04 10.44 13.10
CA GLY A 569 12.53 11.69 12.58
C GLY A 569 13.40 12.39 11.57
N VAL A 570 14.49 11.79 11.14
CA VAL A 570 15.33 12.39 10.10
C VAL A 570 14.93 11.74 8.78
N ALA A 571 14.26 12.52 7.92
CA ALA A 571 13.65 11.97 6.72
C ALA A 571 14.65 11.69 5.62
N ASP A 572 15.75 12.45 5.53
CA ASP A 572 16.71 12.24 4.46
C ASP A 572 17.87 11.33 4.86
N ILE A 573 17.71 10.55 5.94
CA ILE A 573 18.81 9.73 6.44
C ILE A 573 19.28 8.71 5.40
N MET A 574 18.40 8.29 4.48
CA MET A 574 18.76 7.32 3.45
C MET A 574 19.00 7.98 2.10
N SER A 575 19.11 9.30 2.05
CA SER A 575 19.27 9.94 0.77
C SER A 575 20.27 11.08 0.89
N ASP A 576 19.80 12.32 0.79
CA ASP A 576 20.75 13.44 0.84
C ASP A 576 21.43 13.54 2.18
N GLY A 577 20.86 12.95 3.22
CA GLY A 577 21.44 13.03 4.54
C GLY A 577 22.01 11.69 4.95
N TYR A 578 22.28 10.87 3.95
CA TYR A 578 22.95 9.59 4.17
C TYR A 578 24.44 9.81 4.38
N LYS A 579 25.01 9.05 5.31
CA LYS A 579 26.42 9.20 5.63
C LYS A 579 27.02 7.84 5.90
N ALA A 580 28.23 7.64 5.36
CA ALA A 580 28.96 6.40 5.60
C ALA A 580 29.25 6.19 7.10
N GLU A 581 29.58 7.26 7.83
CA GLU A 581 29.95 7.06 9.22
C GLU A 581 28.79 6.48 10.03
N TYR A 582 27.55 6.72 9.58
CA TYR A 582 26.40 6.12 10.24
C TYR A 582 26.42 4.62 10.07
N VAL A 583 26.79 4.16 8.88
CA VAL A 583 26.87 2.74 8.59
C VAL A 583 27.98 2.08 9.39
N ASN A 584 29.17 2.71 9.43
CA ASN A 584 30.25 2.21 10.26
C ASN A 584 29.76 1.94 11.67
N GLN A 585 28.94 2.85 12.20
CA GLN A 585 28.42 2.68 13.56
C GLN A 585 27.40 1.56 13.62
N ALA A 586 26.55 1.43 12.60
CA ALA A 586 25.58 0.34 12.59
C ALA A 586 26.29 -1.01 12.56
N TRP A 587 27.44 -1.07 11.86
CA TRP A 587 28.20 -2.32 11.83
C TRP A 587 28.75 -2.70 13.20
N LYS A 588 29.32 -1.74 13.93
CA LYS A 588 29.76 -2.04 15.29
C LYS A 588 28.61 -2.53 16.14
N GLU A 589 27.42 -1.99 15.92
CA GLU A 589 26.23 -2.53 16.58
C GLU A 589 25.87 -3.93 16.06
N PHE A 590 26.06 -4.18 14.75
CA PHE A 590 25.65 -5.46 14.17
C PHE A 590 26.46 -6.62 14.73
N TYR A 591 27.79 -6.47 14.76
CA TYR A 591 28.63 -7.53 15.32
C TYR A 591 28.38 -7.72 16.81
N ALA A 592 28.27 -6.63 17.56
CA ALA A 592 28.02 -6.76 18.99
C ALA A 592 26.68 -7.47 19.23
N ASP A 593 25.63 -7.04 18.54
CA ASP A 593 24.35 -7.72 18.67
C ASP A 593 24.46 -9.20 18.28
N GLN A 594 25.33 -9.51 17.33
CA GLN A 594 25.44 -10.87 16.83
C GLN A 594 25.96 -11.85 17.88
N ALA A 595 26.82 -11.42 18.78
CA ALA A 595 27.35 -12.33 19.78
C ALA A 595 26.43 -12.50 21.00
N ARG A 596 25.37 -11.70 21.11
CA ARG A 596 24.44 -11.79 22.24
C ARG A 596 23.58 -13.04 22.15
N THR A 597 23.01 -13.42 23.30
CA THR A 597 21.95 -14.43 23.31
C THR A 597 20.61 -13.79 22.99
N ASP A 598 20.25 -12.72 23.68
CA ASP A 598 18.99 -12.03 23.40
C ASP A 598 19.32 -10.95 22.38
N LYS A 599 19.29 -11.34 21.11
CA LYS A 599 19.64 -10.43 20.04
C LYS A 599 18.56 -9.40 19.83
N LYS A 600 18.99 -8.19 19.45
CA LYS A 600 18.09 -7.09 19.12
C LYS A 600 17.82 -6.96 17.63
N TYR A 601 18.85 -7.10 16.79
CA TYR A 601 18.71 -6.91 15.35
C TYR A 601 19.04 -8.14 14.52
N THR A 602 19.95 -8.99 14.96
CA THR A 602 20.42 -10.08 14.14
C THR A 602 19.51 -11.31 14.31
N GLN A 603 19.66 -12.24 13.38
CA GLN A 603 18.77 -13.40 13.32
C GLN A 603 19.03 -14.37 14.47
N TYR A 604 17.96 -14.80 15.12
CA TYR A 604 18.03 -15.98 15.97
C TYR A 604 18.12 -17.23 15.10
N ASN A 605 18.74 -18.28 15.65
CA ASN A 605 18.64 -19.62 15.10
C ASN A 605 19.21 -19.69 13.69
N LEU A 606 20.28 -18.95 13.42
CA LEU A 606 20.82 -18.95 12.07
C LEU A 606 21.43 -20.30 11.67
N PRO A 607 22.03 -21.08 12.58
CA PRO A 607 22.43 -22.44 12.18
C PRO A 607 21.27 -23.36 11.85
N ALA A 608 20.19 -23.32 12.64
CA ALA A 608 19.02 -24.11 12.28
C ALA A 608 18.48 -23.68 10.92
N GLN A 609 18.42 -22.38 10.67
CA GLN A 609 17.95 -21.88 9.38
C GLN A 609 18.73 -22.51 8.24
N TYR A 610 20.07 -22.43 8.30
CA TYR A 610 20.92 -23.05 7.29
C TYR A 610 20.84 -24.58 7.30
N ALA A 611 20.66 -25.20 8.47
CA ALA A 611 20.46 -26.64 8.51
C ALA A 611 19.26 -27.05 7.65
N LEU A 612 18.18 -26.28 7.70
CA LEU A 612 16.98 -26.60 6.92
C LEU A 612 17.19 -26.29 5.45
N LEU A 613 17.77 -25.13 5.15
CA LEU A 613 18.06 -24.76 3.78
C LEU A 613 18.86 -25.84 3.07
N LEU A 614 19.96 -26.28 3.69
CA LEU A 614 20.90 -27.20 3.06
C LEU A 614 20.44 -28.64 3.11
N THR A 615 19.29 -28.93 3.72
CA THR A 615 18.74 -30.28 3.69
C THR A 615 17.39 -30.37 2.99
N ASN A 616 16.80 -29.26 2.55
CA ASN A 616 15.51 -29.33 1.86
C ASN A 616 15.68 -29.95 0.48
N LYS A 617 14.74 -30.83 0.11
CA LYS A 617 14.64 -31.34 -1.25
C LYS A 617 14.00 -30.30 -2.16
N ASP A 618 14.15 -30.51 -3.47
CA ASP A 618 13.49 -29.69 -4.50
C ASP A 618 13.83 -28.21 -4.40
N THR A 619 15.14 -27.92 -4.35
CA THR A 619 15.63 -26.56 -4.33
C THR A 619 17.13 -26.58 -4.61
N VAL A 620 17.62 -25.47 -5.14
CA VAL A 620 19.05 -25.18 -5.24
C VAL A 620 19.36 -24.16 -4.16
N PRO A 621 19.94 -24.55 -3.04
CA PRO A 621 20.15 -23.59 -1.95
C PRO A 621 21.30 -22.64 -2.25
N GLN A 622 21.22 -21.45 -1.63
CA GLN A 622 22.19 -20.38 -1.86
C GLN A 622 22.71 -19.87 -0.54
N VAL A 623 24.05 -19.96 -0.35
CA VAL A 623 24.76 -19.55 0.85
C VAL A 623 25.26 -18.12 0.64
N TYR A 624 25.25 -17.30 1.69
CA TYR A 624 25.63 -15.90 1.56
C TYR A 624 27.04 -15.70 2.10
N TYR A 625 27.89 -15.06 1.30
CA TYR A 625 29.25 -14.72 1.72
C TYR A 625 29.26 -14.15 3.13
N GLY A 626 28.35 -13.22 3.42
CA GLY A 626 28.39 -12.50 4.67
C GLY A 626 27.95 -13.28 5.89
N ASP A 627 27.38 -14.47 5.70
CA ASP A 627 27.18 -15.39 6.83
C ASP A 627 28.39 -16.28 7.07
N LEU A 628 29.30 -16.40 6.12
CA LEU A 628 30.52 -17.17 6.35
C LEU A 628 31.67 -16.30 6.86
N TYR A 629 31.74 -15.05 6.42
CA TYR A 629 32.80 -14.13 6.79
C TYR A 629 32.19 -12.85 7.29
N ASP A 630 32.87 -12.21 8.23
CA ASP A 630 32.50 -10.87 8.66
C ASP A 630 32.75 -9.90 7.52
N GLU A 631 31.67 -9.38 6.92
CA GLU A 631 31.74 -8.91 5.55
C GLU A 631 32.30 -7.51 5.41
N THR A 632 32.48 -6.77 6.49
CA THR A 632 33.12 -5.48 6.39
C THR A 632 34.65 -5.58 6.42
N ASP A 633 35.21 -6.67 6.91
CA ASP A 633 36.65 -6.84 6.84
C ASP A 633 37.09 -7.19 5.41
N GLN A 634 38.41 -7.23 5.20
CA GLN A 634 38.93 -7.60 3.89
C GLN A 634 38.42 -8.97 3.49
N TYR A 635 38.45 -9.24 2.18
CA TYR A 635 37.66 -10.32 1.61
C TYR A 635 38.15 -11.68 2.10
N MET A 636 37.26 -12.43 2.75
CA MET A 636 37.53 -13.75 3.30
C MET A 636 38.64 -13.73 4.35
N GLN A 637 38.82 -12.61 5.05
CA GLN A 637 39.89 -12.55 6.03
C GLN A 637 39.44 -12.86 7.46
N ASN A 638 38.15 -12.72 7.78
CA ASN A 638 37.64 -13.01 9.11
C ASN A 638 36.45 -13.96 8.99
N LYS A 639 36.64 -15.20 9.44
CA LYS A 639 35.52 -16.12 9.53
C LYS A 639 34.53 -15.68 10.60
N SER A 640 33.25 -15.65 10.24
CA SER A 640 32.24 -15.18 11.18
C SER A 640 32.04 -16.20 12.30
N VAL A 641 31.20 -15.84 13.27
CA VAL A 641 30.86 -16.77 14.33
C VAL A 641 30.14 -17.99 13.78
N TYR A 642 29.48 -17.85 12.64
CA TYR A 642 28.65 -18.94 12.10
C TYR A 642 29.38 -19.80 11.08
N TYR A 643 30.64 -19.49 10.76
CA TYR A 643 31.40 -20.23 9.76
C TYR A 643 31.41 -21.73 10.06
N ASP A 644 31.81 -22.10 11.26
CA ASP A 644 32.00 -23.52 11.55
C ASP A 644 30.70 -24.28 11.37
N ALA A 645 29.58 -23.71 11.81
CA ALA A 645 28.34 -24.47 11.77
C ALA A 645 27.84 -24.63 10.34
N ILE A 646 27.99 -23.59 9.51
CA ILE A 646 27.44 -23.66 8.16
C ILE A 646 28.29 -24.57 7.29
N THR A 647 29.60 -24.38 7.31
CA THR A 647 30.48 -25.24 6.54
C THR A 647 30.34 -26.70 6.96
N THR A 648 30.18 -26.96 8.26
CA THR A 648 29.84 -28.32 8.70
C THR A 648 28.60 -28.84 7.99
N LEU A 649 27.55 -28.03 7.89
CA LEU A 649 26.35 -28.45 7.18
C LEU A 649 26.59 -28.52 5.68
N MET A 650 27.27 -27.52 5.12
CA MET A 650 27.55 -27.57 3.69
C MET A 650 28.31 -28.85 3.34
N LYS A 651 29.33 -29.19 4.13
CA LYS A 651 30.13 -30.37 3.81
C LYS A 651 29.29 -31.63 3.97
N ALA A 652 28.42 -31.66 4.99
CA ALA A 652 27.58 -32.84 5.22
C ALA A 652 26.61 -33.06 4.07
N ARG A 653 26.13 -31.97 3.46
CA ARG A 653 25.18 -32.09 2.36
C ARG A 653 25.73 -32.96 1.23
N LYS A 654 27.04 -32.89 0.99
CA LYS A 654 27.68 -33.71 -0.03
C LYS A 654 27.57 -35.20 0.28
N SER A 655 27.48 -35.55 1.55
CA SER A 655 27.53 -36.95 1.93
C SER A 655 26.18 -37.53 2.37
N TYR A 656 25.20 -36.69 2.71
CA TYR A 656 24.01 -37.19 3.40
C TYR A 656 22.67 -36.73 2.80
N VAL A 657 22.62 -35.67 2.01
CA VAL A 657 21.37 -35.06 1.62
C VAL A 657 21.00 -35.54 0.22
N SER A 658 20.09 -36.50 0.17
CA SER A 658 19.50 -37.04 -1.05
C SER A 658 18.33 -37.91 -0.60
N GLY A 659 17.52 -38.34 -1.58
CA GLY A 659 16.36 -39.15 -1.30
C GLY A 659 15.14 -38.32 -0.96
N GLY A 660 14.05 -39.02 -0.68
CA GLY A 660 12.80 -38.36 -0.34
C GLY A 660 12.96 -37.52 0.91
N GLN A 661 11.95 -36.68 1.16
CA GLN A 661 11.94 -35.83 2.33
C GLN A 661 10.61 -36.00 3.06
N SER A 662 10.69 -36.00 4.40
CA SER A 662 9.52 -35.94 5.28
C SER A 662 9.78 -34.99 6.43
N MET A 663 8.80 -34.11 6.70
CA MET A 663 8.87 -33.17 7.80
C MET A 663 7.66 -33.35 8.71
N ILE A 664 7.88 -33.47 10.02
CA ILE A 664 6.80 -33.76 10.97
C ILE A 664 6.84 -32.73 12.09
N LYS A 665 5.68 -32.12 12.37
CA LYS A 665 5.54 -31.29 13.55
C LYS A 665 5.41 -32.18 14.78
N ILE A 666 6.34 -32.05 15.72
CA ILE A 666 6.38 -32.95 16.88
C ILE A 666 5.56 -32.39 18.04
N ASN A 667 5.73 -31.10 18.33
CA ASN A 667 4.81 -30.37 19.20
C ASN A 667 4.73 -28.95 18.67
N ASP A 668 4.23 -28.04 19.51
CA ASP A 668 3.94 -26.70 19.01
C ASP A 668 5.20 -25.94 18.61
N HIS A 669 6.37 -26.46 18.93
CA HIS A 669 7.57 -25.67 18.74
C HIS A 669 8.75 -26.52 18.30
N LEU A 670 8.48 -27.63 17.60
CA LEU A 670 9.52 -28.63 17.35
C LEU A 670 9.12 -29.46 16.15
N LEU A 671 10.00 -29.52 15.15
CA LEU A 671 9.77 -30.41 14.02
C LEU A 671 11.02 -31.22 13.73
N THR A 672 10.81 -32.31 12.99
CA THR A 672 11.88 -33.04 12.34
C THR A 672 11.68 -32.98 10.84
N SER A 673 12.81 -32.96 10.13
CA SER A 673 12.89 -33.01 8.68
C SER A 673 13.89 -34.11 8.35
N VAL A 674 13.49 -35.08 7.54
CA VAL A 674 14.30 -36.26 7.27
C VAL A 674 14.46 -36.41 5.77
N ARG A 675 15.70 -36.62 5.33
CA ARG A 675 16.00 -37.11 4.00
C ARG A 675 16.35 -38.59 4.08
N TYR A 676 15.98 -39.33 3.04
CA TYR A 676 16.03 -40.78 3.18
C TYR A 676 17.32 -41.42 2.68
N GLY A 677 18.17 -40.67 1.98
CA GLY A 677 19.38 -41.22 1.41
C GLY A 677 19.27 -41.45 -0.09
N LYS A 678 20.42 -41.50 -0.76
CA LYS A 678 20.49 -41.46 -2.21
C LYS A 678 19.68 -42.57 -2.85
N GLY A 679 18.81 -42.19 -3.80
CA GLY A 679 17.98 -43.12 -4.53
C GLY A 679 16.80 -43.67 -3.75
N ILE A 680 16.68 -43.37 -2.46
CA ILE A 680 15.59 -43.88 -1.64
C ILE A 680 14.40 -42.92 -1.76
N ILE A 681 13.27 -43.43 -2.23
CA ILE A 681 12.16 -42.54 -2.59
C ILE A 681 11.37 -42.11 -1.35
N ASP A 682 11.15 -43.02 -0.39
CA ASP A 682 10.34 -42.70 0.77
C ASP A 682 10.72 -43.59 1.92
N GLY A 683 10.13 -43.31 3.09
CA GLY A 683 10.42 -43.99 4.33
C GLY A 683 9.92 -45.41 4.43
N ASN A 684 9.16 -45.87 3.44
CA ASN A 684 8.71 -47.25 3.41
C ASN A 684 9.56 -48.11 2.48
N VAL A 685 10.55 -47.52 1.80
CA VAL A 685 11.45 -48.30 0.98
C VAL A 685 12.42 -49.05 1.87
N SER A 686 12.50 -50.37 1.66
CA SER A 686 13.29 -51.28 2.46
C SER A 686 14.60 -51.68 1.80
N MET A 687 14.60 -51.96 0.50
CA MET A 687 15.81 -52.36 -0.22
C MET A 687 16.54 -51.13 -0.76
N THR A 688 17.87 -51.13 -0.61
CA THR A 688 18.69 -50.06 -1.20
C THR A 688 20.09 -50.58 -1.47
N ASP A 689 20.89 -49.73 -2.11
CA ASP A 689 22.29 -50.01 -2.38
C ASP A 689 23.15 -49.44 -1.25
N ILE A 690 24.46 -49.54 -1.39
CA ILE A 690 25.31 -49.12 -0.28
C ILE A 690 25.26 -47.61 -0.11
N LEU A 691 25.17 -46.86 -1.22
CA LEU A 691 25.19 -45.42 -1.12
C LEU A 691 23.98 -44.87 -0.35
N GLY A 692 22.78 -45.37 -0.69
CA GLY A 692 21.59 -44.96 0.03
C GLY A 692 21.65 -45.34 1.49
N ARG A 693 22.03 -46.60 1.77
CA ARG A 693 22.09 -47.09 3.14
C ARG A 693 22.83 -46.17 4.09
N ASN A 694 23.95 -45.57 3.62
CA ASN A 694 24.85 -44.80 4.47
C ASN A 694 24.66 -43.31 4.34
N SER A 695 23.55 -42.88 3.75
CA SER A 695 23.24 -41.46 3.62
C SER A 695 21.84 -41.20 4.13
N GLY A 696 21.28 -40.04 3.86
CA GLY A 696 20.12 -39.59 4.59
C GLY A 696 20.52 -38.81 5.82
N ILE A 697 19.54 -38.13 6.41
CA ILE A 697 19.84 -37.20 7.49
C ILE A 697 18.56 -36.80 8.25
N ALA A 698 18.70 -36.57 9.54
CA ALA A 698 17.62 -36.04 10.36
C ALA A 698 18.04 -34.69 10.91
N VAL A 699 17.20 -33.68 10.71
CA VAL A 699 17.37 -32.34 11.26
C VAL A 699 16.24 -32.08 12.25
N VAL A 700 16.59 -31.68 13.46
CA VAL A 700 15.61 -31.45 14.50
C VAL A 700 15.74 -30.00 14.90
N VAL A 701 14.62 -29.26 14.82
CA VAL A 701 14.61 -27.82 15.00
C VAL A 701 13.51 -27.45 15.98
N GLY A 702 13.87 -26.66 16.99
CA GLY A 702 12.88 -26.08 17.90
C GLY A 702 13.07 -24.59 18.01
N ASN A 703 11.96 -23.86 18.21
CA ASN A 703 11.99 -22.41 18.33
C ASN A 703 11.44 -21.91 19.66
N ASP A 704 11.44 -22.76 20.67
CA ASP A 704 11.07 -22.41 22.04
C ASP A 704 12.28 -22.70 22.92
N ALA A 705 12.94 -21.64 23.38
CA ALA A 705 14.10 -21.82 24.24
C ALA A 705 13.76 -22.48 25.57
N GLN A 706 12.49 -22.41 25.99
CA GLN A 706 12.03 -23.02 27.23
C GLN A 706 11.41 -24.40 27.03
N MET A 707 11.53 -24.96 25.84
CA MET A 707 10.89 -26.24 25.59
C MET A 707 11.37 -27.30 26.57
N ALA A 708 10.41 -28.06 27.12
CA ALA A 708 10.71 -29.08 28.10
C ALA A 708 11.55 -30.20 27.52
N ASN A 709 12.40 -30.77 28.37
CA ASN A 709 13.14 -31.96 27.98
C ASN A 709 12.16 -33.10 27.66
N GLN A 710 12.46 -33.84 26.60
CA GLN A 710 11.53 -34.87 26.13
C GLN A 710 12.22 -35.76 25.13
N THR A 711 11.69 -36.97 24.97
CA THR A 711 12.26 -37.97 24.09
C THR A 711 11.37 -38.13 22.87
N ILE A 712 11.97 -38.03 21.68
CA ILE A 712 11.21 -38.05 20.44
C ILE A 712 11.65 -39.26 19.62
N SER A 713 10.82 -39.62 18.65
CA SER A 713 11.09 -40.73 17.76
C SER A 713 11.11 -40.22 16.32
N ILE A 714 12.21 -40.45 15.62
CA ILE A 714 12.40 -39.98 14.26
C ILE A 714 12.40 -41.20 13.35
N ASN A 715 11.44 -41.28 12.45
N ASN A 715 11.44 -41.28 12.44
CA ASN A 715 11.43 -42.33 11.45
CA ASN A 715 11.43 -42.34 11.44
C ASN A 715 12.46 -41.99 10.38
C ASN A 715 12.47 -41.99 10.38
N MET A 716 13.54 -42.78 10.32
CA MET A 716 14.57 -42.56 9.33
C MET A 716 14.32 -43.31 8.03
N GLY A 717 13.36 -44.23 8.00
CA GLY A 717 12.99 -45.03 6.85
C GLY A 717 13.35 -46.49 7.06
N LYS A 718 12.53 -47.39 6.50
CA LYS A 718 12.81 -48.82 6.62
C LYS A 718 14.22 -49.15 6.16
N ALA A 719 14.73 -48.40 5.19
CA ALA A 719 16.07 -48.64 4.69
C ALA A 719 17.14 -48.45 5.74
N HIS A 720 16.80 -47.88 6.89
CA HIS A 720 17.79 -47.53 7.90
C HIS A 720 17.53 -48.27 9.21
N ALA A 721 16.92 -49.45 9.14
CA ALA A 721 16.72 -50.28 10.32
C ALA A 721 18.05 -50.84 10.84
N ASN A 722 18.20 -50.84 12.16
CA ASN A 722 19.40 -51.37 12.83
C ASN A 722 20.67 -50.78 12.23
N GLN A 723 20.74 -49.45 12.26
CA GLN A 723 21.89 -48.74 11.73
C GLN A 723 22.43 -47.77 12.77
N ALA A 724 23.73 -47.55 12.71
CA ALA A 724 24.43 -46.66 13.62
C ALA A 724 24.40 -45.24 13.07
N TYR A 725 24.08 -44.28 13.94
CA TYR A 725 24.06 -42.88 13.60
C TYR A 725 24.94 -42.12 14.57
N LYS A 726 25.57 -41.05 14.09
CA LYS A 726 26.28 -40.14 14.97
C LYS A 726 25.63 -38.77 14.84
N GLN A 727 25.90 -37.92 15.81
CA GLN A 727 25.37 -36.57 15.79
C GLN A 727 26.39 -35.65 15.12
N LEU A 728 26.07 -35.19 13.91
CA LEU A 728 26.90 -34.27 13.17
C LEU A 728 27.05 -32.95 13.88
N LEU A 729 25.97 -32.45 14.49
CA LEU A 729 25.92 -31.12 15.08
C LEU A 729 24.81 -31.08 16.13
N GLY A 730 25.17 -30.64 17.35
CA GLY A 730 24.23 -30.66 18.45
C GLY A 730 24.27 -29.35 19.22
N THR A 731 23.32 -29.22 20.14
CA THR A 731 23.21 -28.02 20.96
C THR A 731 23.73 -28.31 22.36
N ILE A 732 24.56 -27.40 22.86
CA ILE A 732 25.05 -27.42 24.24
C ILE A 732 24.80 -26.04 24.83
N ASP A 733 24.83 -25.97 26.18
CA ASP A 733 24.45 -24.77 26.90
C ASP A 733 25.10 -23.51 26.32
N SER A 734 26.38 -23.59 25.97
CA SER A 734 27.10 -22.44 25.43
C SER A 734 26.92 -22.28 23.92
N GLY A 735 26.30 -23.23 23.24
CA GLY A 735 26.17 -23.10 21.82
C GLY A 735 26.05 -24.43 21.11
N LEU A 736 27.00 -24.71 20.22
CA LEU A 736 26.92 -25.88 19.35
C LEU A 736 28.15 -26.76 19.50
N THR A 737 27.94 -28.06 19.30
CA THR A 737 29.01 -29.02 19.25
C THR A 737 28.85 -29.92 18.03
N SER A 738 29.98 -30.31 17.45
CA SER A 738 30.03 -31.30 16.38
C SER A 738 30.84 -32.52 16.82
N SER A 739 30.99 -32.70 18.13
CA SER A 739 31.95 -33.64 18.67
C SER A 739 31.34 -34.60 19.69
N ASP A 740 30.01 -34.68 19.78
CA ASP A 740 29.38 -35.76 20.51
C ASP A 740 29.87 -37.11 19.99
N THR A 741 30.40 -37.94 20.89
CA THR A 741 30.96 -39.23 20.52
C THR A 741 29.97 -40.38 20.69
N THR A 742 28.75 -40.09 21.18
CA THR A 742 27.71 -41.11 21.32
C THR A 742 27.43 -41.78 19.98
N ILE A 743 27.07 -43.06 20.04
CA ILE A 743 26.68 -43.82 18.86
C ILE A 743 25.21 -44.20 19.02
N TYR A 744 24.36 -43.60 18.20
CA TYR A 744 22.93 -43.82 18.29
C TYR A 744 22.52 -44.94 17.35
N HIS A 745 21.48 -45.68 17.73
CA HIS A 745 21.05 -46.84 16.97
C HIS A 745 19.56 -46.76 16.67
N THR A 746 19.19 -47.14 15.46
CA THR A 746 17.80 -47.25 15.07
C THR A 746 17.28 -48.65 15.40
N ASP A 747 15.98 -48.74 15.68
CA ASP A 747 15.36 -50.03 15.97
C ASP A 747 15.13 -50.74 14.65
N SER A 748 14.39 -51.84 14.68
CA SER A 748 14.16 -52.58 13.44
C SER A 748 13.18 -51.89 12.49
N ASN A 749 12.67 -50.70 12.83
CA ASN A 749 11.80 -49.93 11.94
C ASN A 749 12.48 -48.69 11.36
N GLY A 750 13.78 -48.53 11.55
CA GLY A 750 14.43 -47.31 11.13
C GLY A 750 14.14 -46.14 12.03
N VAL A 751 13.59 -46.38 13.21
CA VAL A 751 13.21 -45.31 14.11
C VAL A 751 14.37 -45.01 15.04
N LEU A 752 14.69 -43.73 15.18
CA LEU A 752 15.78 -43.26 16.01
C LEU A 752 15.18 -42.42 17.14
N ASN A 753 15.45 -42.82 18.39
CA ASN A 753 14.97 -42.07 19.55
C ASN A 753 16.10 -41.18 20.05
N VAL A 754 15.83 -39.88 20.15
CA VAL A 754 16.72 -38.92 20.79
C VAL A 754 15.93 -38.12 21.80
N THR A 755 16.66 -37.40 22.65
CA THR A 755 16.09 -36.61 23.72
C THR A 755 16.60 -35.20 23.62
N VAL A 756 15.69 -34.23 23.58
CA VAL A 756 15.98 -32.85 23.21
C VAL A 756 15.25 -31.90 24.15
N LYS A 757 15.86 -30.74 24.37
CA LYS A 757 15.30 -29.74 25.27
C LYS A 757 15.59 -28.37 24.69
N GLY A 758 15.08 -27.34 25.37
CA GLY A 758 15.28 -25.99 24.92
C GLY A 758 16.56 -25.41 25.49
N TYR A 759 17.23 -24.62 24.66
CA TYR A 759 18.42 -23.90 25.06
C TYR A 759 18.26 -22.46 24.62
N SER A 760 19.08 -21.60 25.22
CA SER A 760 19.13 -20.21 24.86
C SER A 760 20.58 -19.77 24.95
N ASN A 761 21.17 -19.45 23.81
CA ASN A 761 22.56 -19.04 23.70
C ASN A 761 22.72 -18.32 22.38
N PRO A 762 23.87 -17.69 22.10
CA PRO A 762 24.01 -16.91 20.86
C PRO A 762 23.69 -17.69 19.58
N TYR A 763 23.69 -19.01 19.63
CA TYR A 763 23.60 -19.84 18.44
C TYR A 763 22.26 -20.52 18.25
N VAL A 764 21.53 -20.76 19.34
CA VAL A 764 20.28 -21.50 19.31
C VAL A 764 19.33 -20.84 20.28
N SER A 765 18.12 -20.55 19.82
CA SER A 765 17.01 -20.10 20.67
C SER A 765 15.88 -21.11 20.45
N GLY A 766 15.90 -22.19 21.21
CA GLY A 766 15.12 -23.35 20.88
C GLY A 766 16.03 -24.56 20.88
N TYR A 767 16.07 -25.32 19.80
CA TYR A 767 16.90 -26.52 19.73
C TYR A 767 17.38 -26.74 18.30
N LEU A 768 18.56 -27.37 18.18
CA LEU A 768 19.12 -27.78 16.91
C LEU A 768 19.88 -29.09 17.07
N GLY A 769 19.54 -30.09 16.25
CA GLY A 769 20.24 -31.37 16.30
C GLY A 769 20.20 -32.10 14.98
N VAL A 770 21.33 -32.68 14.57
CA VAL A 770 21.48 -33.28 13.24
C VAL A 770 22.16 -34.63 13.37
N TRP A 771 21.54 -35.68 12.84
CA TRP A 771 22.07 -37.04 12.90
C TRP A 771 22.22 -37.60 11.49
N VAL A 772 23.34 -38.30 11.27
CA VAL A 772 23.65 -38.92 9.99
C VAL A 772 24.17 -40.33 10.24
N PRO A 773 24.08 -41.21 9.22
CA PRO A 773 24.60 -42.57 9.36
C PRO A 773 26.09 -42.59 9.70
N LEU A 774 26.47 -43.49 10.61
CA LEU A 774 27.86 -43.54 11.05
C LEU A 774 28.78 -43.99 9.92
N ASN A 775 28.36 -44.99 9.14
CA ASN A 775 29.15 -45.44 7.99
C ASN A 775 29.15 -44.45 6.84
N GLY A 776 28.66 -43.21 6.96
CA GLY A 776 28.54 -42.34 5.80
C GLY A 776 29.78 -41.49 5.56
N GLY A 777 29.74 -40.76 4.45
CA GLY A 777 30.82 -39.87 4.08
C GLY A 777 31.06 -39.86 2.59
N ALA A 778 30.72 -40.96 1.93
CA ALA A 778 30.92 -41.00 0.49
C ALA A 778 30.00 -39.96 -0.16
N ASN A 779 30.45 -39.44 -1.30
CA ASN A 779 29.71 -38.41 -2.01
C ASN A 779 28.43 -38.99 -2.62
N ILE A 780 27.33 -38.25 -2.50
CA ILE A 780 26.06 -38.81 -2.99
C ILE A 780 25.38 -37.88 -3.97
N THR A 781 26.08 -36.87 -4.47
CA THR A 781 25.46 -35.99 -5.44
C THR A 781 25.03 -36.82 -6.63
N THR A 782 24.00 -36.35 -7.33
CA THR A 782 23.44 -37.05 -8.48
C THR A 782 23.78 -36.31 -9.76
N LYS A 783 24.27 -37.03 -10.75
CA LYS A 783 24.52 -36.39 -12.03
C LYS A 783 23.25 -36.42 -12.87
N ALA A 784 23.19 -35.52 -13.85
CA ALA A 784 22.03 -35.48 -14.73
C ALA A 784 21.85 -36.80 -15.48
N SER A 785 22.93 -37.52 -15.74
CA SER A 785 22.79 -38.81 -16.42
C SER A 785 22.29 -39.93 -15.51
N GLU A 786 22.03 -39.68 -14.23
CA GLU A 786 21.43 -40.70 -13.35
C GLU A 786 19.94 -40.49 -13.12
N VAL A 787 19.37 -39.46 -13.72
CA VAL A 787 17.96 -39.16 -13.59
C VAL A 787 17.41 -39.04 -15.00
N THR A 788 16.10 -39.21 -15.14
CA THR A 788 15.49 -39.22 -16.46
C THR A 788 15.33 -37.80 -16.99
N ASN A 789 15.95 -37.54 -18.14
CA ASN A 789 15.83 -36.23 -18.75
C ASN A 789 14.37 -35.93 -19.10
N GLN A 790 13.97 -34.69 -18.88
CA GLN A 790 12.62 -34.21 -19.20
C GLN A 790 12.68 -33.48 -20.55
N SER A 791 12.06 -34.06 -21.57
CA SER A 791 12.20 -33.52 -22.93
C SER A 791 11.49 -32.19 -23.13
N ASP A 792 10.55 -31.83 -22.26
CA ASP A 792 9.73 -30.64 -22.45
C ASP A 792 10.03 -29.52 -21.43
N LYS A 793 11.11 -29.65 -20.66
CA LYS A 793 11.51 -28.64 -19.68
C LYS A 793 12.91 -28.16 -19.99
N THR A 794 13.18 -26.90 -19.64
CA THR A 794 14.58 -26.53 -19.51
C THR A 794 15.07 -27.07 -18.16
N TYR A 795 14.67 -26.44 -17.06
CA TYR A 795 15.03 -26.95 -15.74
C TYR A 795 13.91 -27.82 -15.18
N SER A 796 14.30 -28.85 -14.43
CA SER A 796 13.35 -29.76 -13.83
C SER A 796 13.86 -30.11 -12.43
N SER A 797 12.97 -30.07 -11.44
CA SER A 797 13.39 -30.14 -10.05
C SER A 797 13.53 -31.60 -9.63
N ASN A 798 14.77 -32.05 -9.42
CA ASN A 798 15.06 -33.43 -9.09
C ASN A 798 16.47 -33.54 -8.49
N ALA A 799 16.89 -34.78 -8.26
CA ALA A 799 18.13 -35.05 -7.53
C ALA A 799 19.34 -34.41 -8.18
N ALA A 800 19.40 -34.42 -9.53
CA ALA A 800 20.50 -33.73 -10.22
C ALA A 800 20.49 -32.25 -9.89
N LEU A 801 19.38 -31.57 -10.20
CA LEU A 801 19.32 -30.14 -9.91
C LEU A 801 19.53 -29.90 -8.42
N ASP A 802 18.98 -30.77 -7.56
CA ASP A 802 19.14 -30.61 -6.13
C ASP A 802 20.58 -30.69 -5.70
N SER A 803 21.42 -31.39 -6.47
CA SER A 803 22.80 -31.55 -6.11
C SER A 803 23.57 -30.23 -6.17
N HIS A 804 23.02 -29.19 -6.81
CA HIS A 804 23.70 -27.92 -6.99
C HIS A 804 23.62 -27.05 -5.73
N VAL A 805 24.65 -26.21 -5.56
CA VAL A 805 24.68 -25.23 -4.48
C VAL A 805 25.18 -23.90 -5.03
N ILE A 806 24.40 -22.85 -4.85
CA ILE A 806 24.77 -21.52 -5.32
C ILE A 806 25.46 -20.79 -4.18
N TYR A 807 26.51 -20.03 -4.49
CA TYR A 807 27.22 -19.22 -3.51
C TYR A 807 27.22 -17.76 -3.96
N GLU A 808 26.60 -16.90 -3.16
CA GLU A 808 26.63 -15.46 -3.35
C GLU A 808 27.95 -14.95 -2.81
N ASP A 809 28.78 -14.38 -3.68
CA ASP A 809 30.19 -14.25 -3.42
C ASP A 809 30.58 -12.91 -2.83
N PHE A 810 29.64 -12.01 -2.59
CA PHE A 810 30.00 -10.63 -2.26
C PHE A 810 29.02 -10.06 -1.25
N SER A 811 29.40 -8.93 -0.66
CA SER A 811 28.52 -8.13 0.17
C SER A 811 28.64 -6.69 -0.31
N LEU A 812 27.56 -5.93 -0.16
CA LEU A 812 27.62 -4.52 -0.54
C LEU A 812 28.59 -3.74 0.36
N PHE A 813 28.78 -4.18 1.60
CA PHE A 813 29.63 -3.50 2.58
C PHE A 813 31.08 -3.99 2.56
N GLN A 814 31.41 -4.88 1.63
CA GLN A 814 32.78 -5.32 1.40
C GLN A 814 33.69 -4.11 1.19
N PRO A 815 34.83 -4.03 1.88
CA PRO A 815 35.67 -2.82 1.78
C PRO A 815 36.43 -2.74 0.45
N GLU A 816 37.02 -1.59 0.24
CA GLU A 816 37.98 -1.45 -0.84
C GLU A 816 39.29 -2.15 -0.44
N PRO A 817 39.93 -2.87 -1.35
CA PRO A 817 41.20 -3.50 -1.02
C PRO A 817 42.32 -2.48 -0.94
N THR A 818 43.35 -2.81 -0.17
CA THR A 818 44.51 -1.91 -0.05
C THR A 818 45.76 -2.44 -0.77
N SER A 819 45.72 -3.64 -1.33
CA SER A 819 46.83 -4.17 -2.11
C SER A 819 46.28 -5.05 -3.23
N LYS A 820 47.20 -5.49 -4.12
CA LYS A 820 46.83 -6.47 -5.14
C LYS A 820 46.35 -7.77 -4.52
N ALA A 821 46.90 -8.13 -3.37
CA ALA A 821 46.59 -9.42 -2.76
C ALA A 821 45.23 -9.45 -2.11
N GLU A 822 44.65 -8.29 -1.83
CA GLU A 822 43.34 -8.20 -1.22
C GLU A 822 42.21 -8.11 -2.25
N HIS A 823 42.52 -8.05 -3.54
CA HIS A 823 41.47 -8.09 -4.55
C HIS A 823 40.65 -9.36 -4.40
N ALA A 824 39.33 -9.21 -4.37
CA ALA A 824 38.46 -10.37 -4.28
C ALA A 824 38.79 -11.39 -5.36
N TYR A 825 38.97 -10.95 -6.61
CA TYR A 825 39.27 -11.89 -7.68
C TYR A 825 40.48 -12.75 -7.38
N ASN A 826 41.55 -12.14 -6.84
CA ASN A 826 42.77 -12.88 -6.56
C ASN A 826 42.57 -13.87 -5.42
N ILE A 827 41.88 -13.44 -4.37
CA ILE A 827 41.62 -14.34 -3.26
C ILE A 827 40.72 -15.48 -3.71
N ILE A 828 39.76 -15.17 -4.58
CA ILE A 828 38.85 -16.21 -5.09
C ILE A 828 39.63 -17.26 -5.89
N ALA A 829 40.51 -16.81 -6.78
CA ALA A 829 41.40 -17.73 -7.49
C ALA A 829 42.14 -18.66 -6.53
N ASP A 830 42.80 -18.09 -5.53
CA ASP A 830 43.55 -18.90 -4.57
C ASP A 830 42.67 -19.81 -3.72
N ASN A 831 41.35 -19.64 -3.68
CA ASN A 831 40.50 -20.44 -2.80
C ASN A 831 39.53 -21.34 -3.55
N ALA A 832 39.75 -21.59 -4.84
CA ALA A 832 38.81 -22.40 -5.61
C ALA A 832 38.56 -23.75 -4.97
N SER A 833 39.59 -24.37 -4.41
CA SER A 833 39.43 -25.70 -3.84
C SER A 833 38.58 -25.67 -2.58
N LEU A 834 38.66 -24.59 -1.78
CA LEU A 834 37.81 -24.48 -0.60
C LEU A 834 36.34 -24.47 -0.98
N PHE A 835 35.99 -23.73 -2.03
CA PHE A 835 34.59 -23.67 -2.43
C PHE A 835 34.08 -25.04 -2.87
N ASN A 836 34.92 -25.81 -3.56
CA ASN A 836 34.53 -27.15 -3.97
C ASN A 836 34.46 -28.10 -2.78
N GLU A 837 35.33 -27.91 -1.80
CA GLU A 837 35.22 -28.69 -0.56
C GLU A 837 33.86 -28.48 0.10
N LEU A 838 33.34 -27.26 0.03
CA LEU A 838 32.05 -26.95 0.61
C LEU A 838 30.87 -27.40 -0.26
N GLY A 839 31.13 -27.99 -1.42
CA GLY A 839 30.04 -28.46 -2.26
C GLY A 839 29.34 -27.38 -3.04
N ILE A 840 29.89 -26.16 -3.05
CA ILE A 840 29.42 -25.16 -3.99
C ILE A 840 29.67 -25.65 -5.41
N THR A 841 28.65 -25.56 -6.25
CA THR A 841 28.78 -25.84 -7.67
C THR A 841 28.54 -24.63 -8.56
N ASP A 842 27.92 -23.58 -8.05
CA ASP A 842 27.49 -22.45 -8.86
C ASP A 842 27.86 -21.17 -8.16
N PHE A 843 28.88 -20.50 -8.70
CA PHE A 843 29.50 -19.35 -8.06
C PHE A 843 28.85 -18.09 -8.61
N TRP A 844 27.97 -17.48 -7.82
CA TRP A 844 27.32 -16.24 -8.20
C TRP A 844 28.30 -15.11 -7.94
N MET A 845 28.82 -14.53 -9.01
CA MET A 845 29.86 -13.53 -8.92
C MET A 845 29.22 -12.15 -8.98
N ALA A 846 29.85 -11.20 -8.27
CA ALA A 846 29.27 -9.87 -8.12
C ALA A 846 29.14 -9.19 -9.49
N PRO A 847 28.25 -8.21 -9.62
CA PRO A 847 28.23 -7.42 -10.86
C PRO A 847 29.58 -6.76 -11.06
N ALA A 848 30.29 -7.20 -12.10
CA ALA A 848 31.69 -6.89 -12.32
C ALA A 848 31.91 -5.53 -12.96
N TYR A 849 30.84 -4.85 -13.32
CA TYR A 849 30.92 -3.69 -14.20
C TYR A 849 31.61 -2.51 -13.50
N THR A 850 32.09 -1.58 -14.31
CA THR A 850 32.79 -0.40 -13.82
C THR A 850 31.82 0.46 -13.03
N PRO A 851 32.03 0.63 -11.71
CA PRO A 851 31.07 1.39 -10.91
C PRO A 851 31.20 2.89 -11.11
N PHE A 852 30.05 3.55 -11.13
CA PHE A 852 30.00 4.99 -10.94
C PHE A 852 30.77 5.33 -9.68
N ASN A 853 31.72 6.26 -9.77
CA ASN A 853 32.68 6.32 -8.68
C ASN A 853 32.14 7.00 -7.42
N THR A 854 30.94 7.59 -7.47
CA THR A 854 30.31 8.17 -6.30
C THR A 854 29.14 7.34 -5.79
N SER A 855 28.90 6.16 -6.35
CA SER A 855 27.83 5.29 -5.86
C SER A 855 28.10 4.86 -4.43
N ARG A 856 27.03 4.45 -3.76
CA ARG A 856 27.09 4.26 -2.33
C ARG A 856 28.02 3.11 -1.94
N TYR A 857 27.90 1.97 -2.60
CA TYR A 857 28.69 0.80 -2.21
C TYR A 857 29.85 0.48 -3.15
N ASN A 858 29.93 1.13 -4.32
CA ASN A 858 30.93 0.80 -5.32
C ASN A 858 30.82 -0.68 -5.73
N GLU A 859 29.61 -1.25 -5.59
CA GLU A 859 29.45 -2.69 -5.72
C GLU A 859 29.33 -3.17 -7.16
N GLY A 860 28.90 -2.32 -8.09
CA GLY A 860 28.84 -2.65 -9.50
C GLY A 860 27.48 -2.54 -10.15
N TYR A 861 26.39 -2.53 -9.37
CA TYR A 861 25.05 -2.35 -9.94
C TYR A 861 24.84 -0.94 -10.48
N SER A 862 25.35 0.07 -9.78
CA SER A 862 25.43 1.45 -10.27
C SER A 862 26.64 1.57 -11.17
N MET A 863 26.48 1.29 -12.46
CA MET A 863 27.63 1.15 -13.34
C MET A 863 27.57 2.11 -14.51
N THR A 864 28.75 2.52 -14.96
CA THR A 864 28.94 3.41 -16.11
C THR A 864 29.29 2.67 -17.39
N ASP A 865 29.66 1.39 -17.32
CA ASP A 865 30.19 0.71 -18.49
C ASP A 865 29.95 -0.80 -18.34
N ARG A 866 29.03 -1.34 -19.13
CA ARG A 866 28.66 -2.75 -19.01
C ARG A 866 29.72 -3.72 -19.51
N TYR A 867 30.74 -3.24 -20.25
CA TYR A 867 31.76 -4.11 -20.83
C TYR A 867 33.14 -3.95 -20.20
N ASN A 868 33.34 -2.93 -19.40
CA ASN A 868 34.64 -2.73 -18.75
C ASN A 868 34.56 -3.31 -17.35
N LEU A 869 35.16 -4.49 -17.16
CA LEU A 869 35.13 -5.16 -15.87
C LEU A 869 36.40 -4.92 -15.06
N GLY A 870 37.11 -3.85 -15.36
CA GLY A 870 38.30 -3.48 -14.62
C GLY A 870 39.56 -3.54 -15.49
N THR A 871 40.46 -2.60 -15.25
CA THR A 871 41.80 -2.59 -15.81
C THR A 871 42.78 -2.39 -14.67
N GLU A 872 44.06 -2.55 -14.98
CA GLU A 872 45.08 -2.20 -13.99
C GLU A 872 44.98 -0.74 -13.61
N ALA A 873 44.73 0.14 -14.59
CA ALA A 873 44.67 1.57 -14.33
C ALA A 873 43.38 1.97 -13.64
N ASN A 874 42.28 1.27 -13.91
CA ASN A 874 40.98 1.61 -13.31
C ASN A 874 40.33 0.34 -12.77
N LEU A 875 40.70 -0.03 -11.55
CA LEU A 875 40.17 -1.23 -10.92
C LEU A 875 38.70 -1.03 -10.57
N THR A 876 38.01 -2.14 -10.38
CA THR A 876 36.75 -2.14 -9.65
C THR A 876 37.05 -2.56 -8.23
N LYS A 877 36.04 -2.61 -7.37
CA LYS A 877 36.31 -3.03 -6.01
C LYS A 877 36.92 -4.44 -5.98
N TYR A 878 36.61 -5.26 -6.98
CA TYR A 878 36.99 -6.66 -6.96
C TYR A 878 38.33 -6.91 -7.65
N GLY A 879 38.77 -5.97 -8.49
CA GLY A 879 40.00 -6.14 -9.20
C GLY A 879 39.89 -5.76 -10.67
N SER A 880 40.73 -6.40 -11.50
CA SER A 880 40.79 -6.15 -12.93
C SER A 880 40.11 -7.28 -13.68
N GLY A 881 39.71 -6.99 -14.93
CA GLY A 881 39.08 -8.01 -15.74
C GLY A 881 39.97 -9.22 -15.94
N GLU A 882 41.28 -8.99 -16.13
CA GLU A 882 42.21 -10.10 -16.25
C GLU A 882 42.17 -10.97 -15.01
N GLU A 883 42.17 -10.34 -13.83
CA GLU A 883 42.07 -11.11 -12.59
C GLU A 883 40.72 -11.82 -12.50
N LEU A 884 39.66 -11.17 -12.95
CA LEU A 884 38.40 -11.90 -13.01
C LEU A 884 38.52 -13.15 -13.86
N SER A 885 39.17 -13.03 -15.03
CA SER A 885 39.27 -14.18 -15.92
C SER A 885 40.12 -15.29 -15.30
N ASN A 886 41.04 -14.92 -14.41
CA ASN A 886 41.79 -15.96 -13.70
C ASN A 886 40.98 -16.56 -12.56
N ALA A 887 40.20 -15.74 -11.85
CA ALA A 887 39.30 -16.30 -10.86
C ALA A 887 38.37 -17.32 -11.49
N ILE A 888 37.67 -16.92 -12.56
CA ILE A 888 36.76 -17.84 -13.23
C ILE A 888 37.49 -19.11 -13.65
N ALA A 889 38.74 -18.96 -14.12
CA ALA A 889 39.47 -20.13 -14.59
C ALA A 889 39.81 -21.07 -13.44
N ALA A 890 40.29 -20.51 -12.33
CA ALA A 890 40.55 -21.30 -11.13
C ALA A 890 39.30 -22.04 -10.67
N LEU A 891 38.16 -21.36 -10.66
CA LEU A 891 36.91 -21.98 -10.23
C LEU A 891 36.52 -23.13 -11.16
N HIS A 892 36.61 -22.91 -12.48
CA HIS A 892 36.36 -24.00 -13.40
C HIS A 892 37.28 -25.17 -13.10
N ASP A 893 38.56 -24.90 -12.81
CA ASP A 893 39.53 -25.97 -12.54
C ASP A 893 39.13 -26.79 -11.32
N ALA A 894 38.51 -26.17 -10.33
CA ALA A 894 38.01 -26.92 -9.19
C ALA A 894 36.68 -27.59 -9.48
N GLY A 895 36.21 -27.51 -10.72
CA GLY A 895 35.00 -28.18 -11.12
C GLY A 895 33.72 -27.38 -10.94
N LEU A 896 33.81 -26.08 -10.67
CA LEU A 896 32.62 -25.28 -10.44
C LEU A 896 32.17 -24.55 -11.71
N LYS A 897 30.91 -24.15 -11.73
CA LYS A 897 30.42 -23.26 -12.76
C LYS A 897 30.25 -21.88 -12.16
N VAL A 898 30.39 -20.87 -13.00
CA VAL A 898 30.37 -19.48 -12.55
C VAL A 898 29.24 -18.75 -13.27
N GLN A 899 28.52 -17.91 -12.53
CA GLN A 899 27.50 -17.05 -13.11
C GLN A 899 27.84 -15.59 -12.84
N GLU A 900 27.47 -14.73 -13.78
CA GLU A 900 27.59 -13.30 -13.56
C GLU A 900 26.23 -12.68 -13.23
N ASP A 901 26.22 -11.75 -12.27
CA ASP A 901 25.08 -10.89 -12.05
C ASP A 901 24.82 -10.06 -13.29
N LEU A 902 23.86 -10.48 -14.10
CA LEU A 902 23.49 -9.78 -15.32
C LEU A 902 22.49 -8.69 -14.95
N VAL A 903 22.81 -7.43 -15.25
CA VAL A 903 22.07 -6.28 -14.73
C VAL A 903 21.48 -5.52 -15.92
N MET A 904 20.28 -5.90 -16.34
CA MET A 904 19.65 -5.21 -17.46
C MET A 904 18.75 -4.05 -17.06
N ASN A 905 18.57 -3.81 -15.76
CA ASN A 905 17.56 -2.84 -15.39
C ASN A 905 18.00 -1.41 -15.60
N GLN A 906 19.23 -1.06 -15.23
CA GLN A 906 19.58 0.36 -15.21
C GLN A 906 21.09 0.56 -15.28
N MET A 907 21.48 1.74 -15.74
CA MET A 907 22.85 2.21 -15.61
C MET A 907 22.82 3.53 -14.87
N ILE A 908 23.93 3.87 -14.21
CA ILE A 908 24.07 5.12 -13.45
C ILE A 908 25.42 5.72 -13.78
N GLY A 909 25.47 7.05 -13.86
CA GLY A 909 26.73 7.75 -13.99
C GLY A 909 27.03 8.28 -15.37
N PHE A 910 26.05 8.32 -16.26
CA PHE A 910 26.24 8.93 -17.56
C PHE A 910 26.72 10.37 -17.39
N SER A 911 27.56 10.80 -18.32
CA SER A 911 28.21 12.10 -18.25
C SER A 911 27.65 13.11 -19.24
N GLY A 912 26.85 12.67 -20.22
CA GLY A 912 26.32 13.55 -21.23
C GLY A 912 24.85 13.84 -20.99
N GLN A 913 24.48 15.10 -21.17
CA GLN A 913 23.11 15.53 -20.94
C GLN A 913 22.33 15.59 -22.24
N GLU A 914 21.07 15.22 -22.17
CA GLU A 914 20.14 15.42 -23.28
C GLU A 914 18.93 16.17 -22.78
N ALA A 915 18.34 16.98 -23.66
CA ALA A 915 17.09 17.64 -23.32
C ALA A 915 15.97 16.64 -23.57
N VAL A 916 15.33 16.17 -22.50
CA VAL A 916 14.27 15.18 -22.62
C VAL A 916 12.98 15.72 -22.01
N THR A 917 11.86 15.30 -22.59
CA THR A 917 10.55 15.67 -22.08
C THR A 917 10.10 14.59 -21.10
N VAL A 918 9.88 14.98 -19.85
CA VAL A 918 9.67 14.02 -18.79
C VAL A 918 8.42 14.36 -18.00
N THR A 919 7.99 13.40 -17.20
CA THR A 919 6.85 13.58 -16.33
C THR A 919 7.16 12.92 -14.99
N ARG A 920 6.82 13.61 -13.91
CA ARG A 920 7.00 13.10 -12.56
C ARG A 920 6.08 11.89 -12.31
N THR A 921 6.67 10.73 -12.02
CA THR A 921 5.88 9.52 -11.79
C THR A 921 6.36 8.76 -10.57
N ASP A 922 5.61 7.71 -10.21
CA ASP A 922 5.99 6.80 -9.14
C ASP A 922 6.83 5.66 -9.71
N GLY A 923 7.16 4.67 -8.89
CA GLY A 923 7.91 3.52 -9.40
C GLY A 923 7.21 2.77 -10.53
N HIS A 924 5.89 2.89 -10.63
CA HIS A 924 5.09 2.22 -11.65
C HIS A 924 4.84 3.10 -12.86
N ALA A 925 5.51 4.26 -12.93
CA ALA A 925 5.43 5.16 -14.07
C ALA A 925 4.05 5.83 -14.19
N LYS A 926 3.30 5.88 -13.10
CA LYS A 926 2.06 6.63 -13.06
C LYS A 926 2.34 8.00 -12.49
N GLN A 927 1.70 9.03 -13.06
CA GLN A 927 2.00 10.40 -12.65
C GLN A 927 1.78 10.58 -11.16
N LEU A 928 2.71 11.28 -10.52
CA LEU A 928 2.74 11.41 -9.07
C LEU A 928 2.54 12.86 -8.66
N THR A 929 1.62 13.09 -7.73
CA THR A 929 1.46 14.37 -7.08
C THR A 929 2.17 14.29 -5.74
N VAL A 930 2.98 15.30 -5.41
CA VAL A 930 3.76 15.37 -4.18
C VAL A 930 3.44 16.70 -3.51
N ASP A 931 2.98 16.64 -2.26
CA ASP A 931 2.55 17.83 -1.52
C ASP A 931 1.72 18.75 -2.42
N GLY A 932 0.78 18.14 -3.14
CA GLY A 932 -0.12 18.88 -4.01
C GLY A 932 0.49 19.38 -5.30
N LYS A 933 1.72 19.01 -5.60
CA LYS A 933 2.38 19.51 -6.79
C LYS A 933 2.77 18.35 -7.69
N THR A 934 2.92 18.64 -8.98
CA THR A 934 3.34 17.66 -9.97
C THR A 934 3.83 18.42 -11.20
N PHE A 935 4.41 17.68 -12.16
CA PHE A 935 4.70 18.27 -13.46
C PHE A 935 4.60 17.21 -14.55
N ALA A 936 4.37 17.68 -15.77
CA ALA A 936 4.11 16.79 -16.90
C ALA A 936 4.59 17.44 -18.19
N ASN A 937 5.26 16.66 -19.03
CA ASN A 937 5.70 17.10 -20.35
C ASN A 937 6.60 18.33 -20.25
N GLN A 938 7.60 18.23 -19.38
CA GLN A 938 8.54 19.32 -19.16
C GLN A 938 9.92 18.93 -19.66
N ILE A 939 10.66 19.91 -20.20
CA ILE A 939 11.99 19.64 -20.72
C ILE A 939 13.00 19.65 -19.58
N TYR A 940 13.79 18.58 -19.49
CA TYR A 940 14.65 18.28 -18.36
C TYR A 940 16.03 17.94 -18.89
N PHE A 941 17.06 18.54 -18.31
CA PHE A 941 18.44 18.36 -18.78
C PHE A 941 19.08 17.17 -18.06
N ALA A 942 18.53 16.00 -18.36
CA ALA A 942 18.96 14.77 -17.70
C ALA A 942 20.29 14.29 -18.26
N TYR A 943 21.08 13.66 -17.37
CA TYR A 943 22.28 12.91 -17.76
C TYR A 943 21.85 11.58 -18.32
N THR A 944 21.94 11.42 -19.65
CA THR A 944 21.44 10.22 -20.30
C THR A 944 22.36 9.61 -21.34
N ARG A 945 23.44 10.26 -21.72
CA ARG A 945 24.28 9.78 -22.82
C ARG A 945 25.62 9.32 -22.27
N GLY A 946 26.02 8.11 -22.63
CA GLY A 946 27.31 7.59 -22.21
C GLY A 946 27.44 6.10 -22.48
N GLY A 947 28.24 5.44 -21.65
CA GLY A 947 28.49 4.01 -21.85
C GLY A 947 29.95 3.60 -21.74
N GLY A 948 30.87 4.55 -21.88
CA GLY A 948 32.28 4.27 -21.73
C GLY A 948 32.89 3.68 -23.00
N GLU A 949 34.22 3.51 -22.95
CA GLU A 949 34.89 2.83 -24.06
C GLU A 949 34.38 1.41 -24.24
N GLY A 950 33.98 0.76 -23.16
CA GLY A 950 33.44 -0.59 -23.26
C GLY A 950 32.31 -0.67 -24.27
N GLN A 951 31.37 0.27 -24.20
CA GLN A 951 30.24 0.24 -25.12
C GLN A 951 30.67 0.66 -26.52
N LYS A 952 31.60 1.62 -26.62
CA LYS A 952 32.10 2.07 -27.92
C LYS A 952 32.76 0.93 -28.69
N ASN A 953 33.50 0.07 -27.99
CA ASN A 953 34.30 -0.95 -28.66
C ASN A 953 33.64 -2.32 -28.71
N TYR A 954 32.67 -2.60 -27.86
CA TYR A 954 32.07 -3.92 -27.85
C TYR A 954 30.57 -3.91 -28.10
N GLY A 955 29.93 -2.73 -28.06
CA GLY A 955 28.53 -2.66 -28.39
C GLY A 955 28.22 -3.15 -29.78
N GLY A 956 27.34 -4.14 -29.90
CA GLY A 956 26.94 -4.67 -31.19
C GLY A 956 27.99 -5.48 -31.92
N LYS A 957 29.16 -5.69 -31.31
CA LYS A 957 30.30 -6.22 -32.05
C LYS A 957 30.09 -7.66 -32.50
N TYR A 958 29.26 -8.42 -31.81
CA TYR A 958 29.08 -9.83 -32.12
C TYR A 958 27.75 -10.11 -32.79
N LEU A 959 26.95 -9.08 -33.09
CA LEU A 959 25.61 -9.32 -33.62
C LEU A 959 25.67 -10.01 -34.97
N ASP A 960 26.57 -9.57 -35.85
CA ASP A 960 26.73 -10.26 -37.13
C ASP A 960 27.07 -11.74 -36.92
N GLU A 961 28.00 -12.02 -36.01
CA GLU A 961 28.33 -13.41 -35.68
C GLU A 961 27.11 -14.15 -35.10
N LEU A 962 26.36 -13.52 -34.20
CA LEU A 962 25.17 -14.15 -33.64
C LEU A 962 24.12 -14.42 -34.72
N GLN A 963 23.92 -13.47 -35.63
CA GLN A 963 22.94 -13.70 -36.69
C GLN A 963 23.38 -14.81 -37.61
N LYS A 964 24.69 -14.92 -37.88
CA LYS A 964 25.21 -16.05 -38.65
C LYS A 964 24.94 -17.37 -37.94
N LYS A 965 25.38 -17.48 -36.68
CA LYS A 965 25.24 -18.72 -35.95
C LYS A 965 23.80 -19.01 -35.51
N TYR A 966 23.04 -17.98 -35.09
CA TYR A 966 21.77 -18.19 -34.40
C TYR A 966 20.69 -17.27 -34.96
N PRO A 967 20.28 -17.50 -36.21
CA PRO A 967 19.25 -16.64 -36.81
C PRO A 967 17.98 -16.59 -35.98
N GLU A 968 17.71 -17.65 -35.22
CA GLU A 968 16.46 -17.69 -34.47
C GLU A 968 16.35 -16.52 -33.49
N LEU A 969 17.48 -16.03 -32.96
CA LEU A 969 17.40 -14.92 -32.00
C LEU A 969 16.78 -13.68 -32.64
N PHE A 970 16.92 -13.53 -33.95
CA PHE A 970 16.44 -12.33 -34.62
C PHE A 970 15.26 -12.61 -35.56
N THR A 971 14.65 -13.78 -35.49
CA THR A 971 13.37 -14.03 -36.10
C THR A 971 12.28 -14.39 -35.10
N THR A 972 12.63 -14.65 -33.83
CA THR A 972 11.63 -14.92 -32.82
C THR A 972 11.02 -13.61 -32.34
N LYS A 973 9.71 -13.50 -32.45
CA LYS A 973 8.99 -12.29 -32.04
C LYS A 973 8.84 -12.25 -30.53
N ALA A 974 9.16 -11.11 -29.93
CA ALA A 974 9.04 -11.00 -28.49
C ALA A 974 7.59 -10.85 -28.08
N VAL A 975 7.29 -11.29 -26.86
CA VAL A 975 5.90 -11.32 -26.39
C VAL A 975 5.34 -9.90 -26.28
N SER A 976 6.05 -9.02 -25.56
CA SER A 976 5.50 -7.70 -25.30
C SER A 976 5.41 -6.84 -26.57
N THR A 977 6.36 -7.00 -27.51
CA THR A 977 6.41 -6.13 -28.68
C THR A 977 5.81 -6.73 -29.95
N GLY A 978 5.68 -8.05 -30.03
CA GLY A 978 5.32 -8.68 -31.28
C GLY A 978 6.37 -8.64 -32.37
N VAL A 979 7.60 -8.21 -32.09
CA VAL A 979 8.65 -8.17 -33.10
C VAL A 979 9.93 -8.79 -32.53
N ALA A 980 10.85 -9.14 -33.44
CA ALA A 980 12.09 -9.76 -33.05
C ALA A 980 13.12 -8.72 -32.63
N PRO A 981 14.09 -9.10 -31.80
CA PRO A 981 15.24 -8.21 -31.55
C PRO A 981 15.84 -7.73 -32.88
N ASP A 982 16.23 -6.47 -32.91
CA ASP A 982 16.61 -5.79 -34.14
C ASP A 982 18.10 -5.52 -34.16
N PRO A 983 18.91 -6.36 -34.81
CA PRO A 983 20.37 -6.16 -34.82
C PRO A 983 20.89 -5.22 -35.89
N SER A 984 20.01 -4.56 -36.65
CA SER A 984 20.45 -3.64 -37.70
C SER A 984 20.95 -2.31 -37.15
N VAL A 985 20.75 -2.03 -35.87
CA VAL A 985 21.34 -0.88 -35.19
C VAL A 985 22.23 -1.40 -34.08
N HIS A 986 23.44 -0.88 -34.01
CA HIS A 986 24.35 -1.16 -32.91
C HIS A 986 24.25 -0.04 -31.91
N ILE A 987 24.31 -0.38 -30.63
CA ILE A 987 24.35 0.61 -29.57
C ILE A 987 25.80 0.72 -29.14
N THR A 988 26.45 1.77 -29.59
CA THR A 988 27.81 2.08 -29.18
C THR A 988 27.82 3.18 -28.14
N GLU A 989 26.70 3.86 -27.96
CA GLU A 989 26.57 4.89 -26.94
C GLU A 989 25.11 4.93 -26.53
N TRP A 990 24.86 4.85 -25.23
CA TRP A 990 23.49 4.96 -24.72
C TRP A 990 23.02 6.40 -24.82
N SER A 991 21.69 6.56 -24.78
CA SER A 991 21.04 7.86 -24.93
C SER A 991 19.56 7.68 -24.66
N ALA A 992 18.89 8.81 -24.39
CA ALA A 992 17.53 8.77 -23.84
C ALA A 992 16.55 8.00 -24.71
N LYS A 993 16.76 7.97 -26.03
CA LYS A 993 15.84 7.19 -26.85
C LYS A 993 15.81 5.72 -26.42
N TYR A 994 16.87 5.22 -25.77
CA TYR A 994 16.92 3.84 -25.32
C TYR A 994 16.57 3.67 -23.83
N GLN A 995 15.93 4.67 -23.21
CA GLN A 995 15.68 4.62 -21.77
C GLN A 995 14.23 4.99 -21.45
N ASN A 996 13.64 4.30 -20.46
CA ASN A 996 12.28 4.62 -20.04
C ASN A 996 12.20 5.91 -19.24
N GLY A 997 13.24 6.21 -18.48
CA GLY A 997 13.20 7.32 -17.55
C GLY A 997 14.38 7.25 -16.59
N THR A 998 14.35 8.13 -15.59
CA THR A 998 15.41 8.10 -14.60
C THR A 998 14.84 8.49 -13.24
N SER A 999 15.40 7.89 -12.20
CA SER A 999 15.15 8.41 -10.87
C SER A 999 15.67 9.85 -10.82
N LEU A 1000 15.08 10.65 -9.93
CA LEU A 1000 15.43 12.07 -9.85
C LEU A 1000 16.94 12.27 -9.70
N GLN A 1001 17.51 13.09 -10.58
CA GLN A 1001 18.95 13.33 -10.65
C GLN A 1001 19.40 14.56 -9.85
N ASN A 1002 18.47 15.25 -9.18
CA ASN A 1002 18.78 16.37 -8.28
C ASN A 1002 19.31 17.59 -9.04
N ILE A 1003 18.76 17.83 -10.23
CA ILE A 1003 19.18 18.95 -11.07
C ILE A 1003 18.16 20.07 -11.02
N GLY A 1004 16.90 19.73 -10.84
CA GLY A 1004 15.86 20.74 -10.95
C GLY A 1004 15.10 20.67 -12.27
N ILE A 1005 13.86 21.16 -12.24
CA ILE A 1005 12.95 21.03 -13.38
C ILE A 1005 12.73 22.34 -14.11
N GLY A 1006 13.13 23.47 -13.55
CA GLY A 1006 12.94 24.72 -14.26
C GLY A 1006 14.19 25.33 -14.86
N LEU A 1007 15.19 24.49 -15.17
CA LEU A 1007 16.47 24.98 -15.69
C LEU A 1007 16.36 25.45 -17.12
N ALA A 1008 15.48 24.85 -17.92
CA ALA A 1008 15.31 25.25 -19.32
C ALA A 1008 14.76 26.68 -19.44
N VAL A 1009 15.47 27.52 -20.20
CA VAL A 1009 15.14 28.93 -20.30
C VAL A 1009 13.87 29.11 -21.13
N LYS A 1010 12.93 29.89 -20.60
CA LYS A 1010 11.66 30.16 -21.26
C LYS A 1010 11.51 31.66 -21.46
N LEU A 1011 11.10 32.07 -22.65
CA LEU A 1011 10.85 33.49 -22.89
C LEU A 1011 9.59 33.92 -22.15
N ALA A 1012 9.40 35.25 -22.13
CA ALA A 1012 8.29 35.83 -21.37
C ALA A 1012 6.95 35.25 -21.78
N ASN A 1013 6.75 35.03 -23.08
CA ASN A 1013 5.50 34.44 -23.54
C ASN A 1013 5.44 32.93 -23.39
N GLY A 1014 6.46 32.31 -22.78
CA GLY A 1014 6.46 30.88 -22.57
C GLY A 1014 7.12 30.05 -23.64
N ASP A 1015 7.51 30.66 -24.76
CA ASP A 1015 8.34 29.97 -25.73
C ASP A 1015 9.64 29.51 -25.10
N TYR A 1016 10.04 28.29 -25.40
CA TYR A 1016 11.40 27.86 -25.06
C TYR A 1016 12.41 28.66 -25.86
N ALA A 1017 13.46 29.10 -25.20
CA ALA A 1017 14.63 29.59 -25.93
C ALA A 1017 15.26 28.45 -26.70
N TYR A 1018 15.88 28.77 -27.83
CA TYR A 1018 16.35 27.71 -28.73
C TYR A 1018 17.48 28.23 -29.61
N LEU A 1019 18.41 27.32 -29.95
CA LEU A 1019 19.57 27.61 -30.79
C LEU A 1019 19.49 26.76 -32.04
N ASN A 1020 18.98 27.34 -33.13
CA ASN A 1020 18.87 26.63 -34.40
C ASN A 1020 20.22 26.57 -35.10
N ASP A 1021 20.51 25.42 -35.70
CA ASP A 1021 21.71 25.26 -36.52
C ASP A 1021 21.48 24.08 -37.48
N SER A 1022 22.57 23.44 -37.92
CA SER A 1022 22.44 22.33 -38.85
C SER A 1022 21.86 21.10 -38.16
N ASN A 1023 22.24 20.86 -36.91
CA ASN A 1023 21.79 19.67 -36.19
C ASN A 1023 20.49 19.88 -35.43
N ASN A 1024 20.16 21.13 -35.09
CA ASN A 1024 19.02 21.43 -34.24
C ASN A 1024 18.08 22.33 -35.03
N LYS A 1025 17.02 21.75 -35.57
CA LYS A 1025 16.10 22.47 -36.43
C LYS A 1025 14.67 22.46 -35.93
N ALA A 1026 14.47 22.34 -34.61
CA ALA A 1026 13.10 22.27 -34.09
C ALA A 1026 12.38 23.60 -34.22
N PHE A 1027 13.10 24.70 -34.01
CA PHE A 1027 12.49 26.02 -34.06
C PHE A 1027 13.52 26.99 -34.62
N ASN A 1028 13.05 28.21 -34.90
CA ASN A 1028 13.97 29.29 -35.19
C ASN A 1028 14.81 29.59 -33.94
N THR A 1029 15.94 30.24 -34.15
CA THR A 1029 16.69 30.74 -33.02
C THR A 1029 15.82 31.73 -32.24
N THR A 1030 15.77 31.54 -30.92
CA THR A 1030 14.88 32.29 -30.05
C THR A 1030 15.63 32.51 -28.75
N LEU A 1031 16.06 33.72 -28.48
CA LEU A 1031 16.88 34.00 -27.32
C LEU A 1031 16.30 35.16 -26.51
N PRO A 1032 16.60 35.21 -25.22
CA PRO A 1032 16.25 36.39 -24.43
C PRO A 1032 16.75 37.68 -25.10
N GLU A 1033 16.07 38.79 -24.83
CA GLU A 1033 16.46 40.06 -25.44
C GLU A 1033 17.91 40.42 -25.12
N THR A 1034 18.32 40.24 -23.88
CA THR A 1034 19.65 40.68 -23.47
C THR A 1034 20.76 39.99 -24.26
N MET A 1035 20.48 38.79 -24.78
CA MET A 1035 21.47 38.08 -25.58
C MET A 1035 21.21 38.18 -27.08
N SER A 1036 20.00 38.57 -27.48
CA SER A 1036 19.57 38.48 -28.87
C SER A 1036 19.73 39.80 -29.61
N ALA B 191 -28.49 -50.64 31.46
CA ALA B 191 -28.15 -49.52 32.33
C ALA B 191 -26.63 -49.36 32.50
N GLY B 192 -26.08 -48.29 31.91
CA GLY B 192 -24.66 -48.03 31.92
C GLY B 192 -24.26 -46.90 31.00
N PRO B 193 -22.95 -46.77 30.72
CA PRO B 193 -22.47 -45.59 29.98
C PRO B 193 -23.09 -45.36 28.60
N TRP B 194 -23.79 -46.35 28.03
CA TRP B 194 -24.49 -46.12 26.77
C TRP B 194 -25.52 -45.00 26.86
N GLU B 195 -25.94 -44.64 28.07
CA GLU B 195 -26.87 -43.52 28.24
C GLU B 195 -26.25 -42.17 27.91
N ASN B 196 -24.93 -42.13 27.70
CA ASN B 196 -24.31 -40.91 27.20
C ASN B 196 -24.82 -40.55 25.81
N MET B 197 -25.34 -41.52 25.06
CA MET B 197 -25.87 -41.22 23.73
C MET B 197 -27.04 -40.27 23.84
N ALA B 198 -27.27 -39.50 22.77
CA ALA B 198 -28.31 -38.49 22.79
C ALA B 198 -29.68 -39.12 22.95
N TYR B 199 -30.54 -38.44 23.70
CA TYR B 199 -31.91 -38.93 23.89
C TYR B 199 -32.62 -39.18 22.55
N SER B 200 -32.33 -38.36 21.55
CA SER B 200 -32.76 -38.59 20.18
C SER B 200 -31.69 -38.06 19.24
N MET B 201 -31.60 -38.65 18.05
CA MET B 201 -30.64 -38.19 17.04
C MET B 201 -31.28 -37.14 16.14
N ASP B 202 -31.76 -36.05 16.74
CA ASP B 202 -32.40 -35.00 15.97
C ASP B 202 -32.28 -33.67 16.71
N SER B 203 -32.82 -32.61 16.10
CA SER B 203 -32.73 -31.29 16.67
C SER B 203 -33.41 -31.18 18.03
N ASN B 204 -34.30 -32.12 18.36
CA ASN B 204 -34.99 -32.06 19.63
C ASN B 204 -34.04 -32.29 20.80
N SER B 205 -32.99 -33.09 20.59
CA SER B 205 -32.05 -33.41 21.65
C SER B 205 -30.63 -32.91 21.38
N ILE B 206 -30.34 -32.34 20.20
CA ILE B 206 -28.98 -31.94 19.84
C ILE B 206 -29.00 -30.56 19.19
N ASN B 207 -28.37 -29.58 19.84
CA ASN B 207 -28.13 -28.27 19.23
C ASN B 207 -27.43 -28.42 17.89
N ASN B 208 -27.86 -27.65 16.90
CA ASN B 208 -27.24 -27.74 15.58
C ASN B 208 -27.63 -26.51 14.78
N ILE B 209 -26.86 -26.25 13.72
CA ILE B 209 -27.10 -25.14 12.82
C ILE B 209 -27.12 -25.70 11.41
N ASP B 210 -28.31 -25.76 10.81
CA ASP B 210 -28.51 -26.34 9.48
C ASP B 210 -27.98 -27.77 9.40
N GLY B 211 -28.08 -28.52 10.49
CA GLY B 211 -27.64 -29.89 10.54
C GLY B 211 -26.23 -30.10 11.04
N TYR B 212 -25.43 -29.05 11.15
CA TYR B 212 -24.05 -29.17 11.62
C TYR B 212 -23.97 -28.93 13.12
N ILE B 213 -23.03 -29.62 13.76
CA ILE B 213 -22.89 -29.61 15.21
C ILE B 213 -21.70 -28.73 15.57
N SER B 214 -21.77 -28.11 16.73
CA SER B 214 -20.69 -27.24 17.19
C SER B 214 -20.14 -27.77 18.50
N TYR B 215 -18.82 -27.68 18.67
CA TYR B 215 -18.26 -28.05 19.95
C TYR B 215 -18.78 -27.15 21.07
N THR B 216 -19.25 -25.95 20.74
CA THR B 216 -19.87 -25.09 21.75
C THR B 216 -21.33 -25.42 21.99
N GLY B 217 -21.87 -26.41 21.30
CA GLY B 217 -23.26 -26.75 21.47
C GLY B 217 -23.50 -27.60 22.70
N TRP B 218 -24.78 -27.84 22.95
CA TRP B 218 -25.24 -28.69 24.03
C TRP B 218 -26.17 -29.75 23.47
N TYR B 219 -26.32 -30.85 24.21
CA TYR B 219 -27.30 -31.86 23.83
C TYR B 219 -27.86 -32.52 25.08
N ARG B 220 -29.00 -33.20 24.89
CA ARG B 220 -29.65 -33.97 25.94
C ARG B 220 -29.25 -35.43 25.83
N PRO B 221 -28.33 -35.93 26.65
CA PRO B 221 -28.08 -37.37 26.69
C PRO B 221 -29.28 -38.09 27.29
N TYR B 222 -29.29 -39.42 27.14
CA TYR B 222 -30.38 -40.18 27.73
C TYR B 222 -30.29 -40.20 29.25
N GLY B 223 -29.08 -40.38 29.80
CA GLY B 223 -28.90 -40.38 31.23
C GLY B 223 -27.58 -39.75 31.63
N THR B 224 -27.50 -39.41 32.92
CA THR B 224 -26.29 -38.90 33.55
C THR B 224 -26.03 -39.70 34.82
N SER B 225 -24.79 -39.66 35.29
CA SER B 225 -24.41 -40.45 36.45
C SER B 225 -23.36 -39.71 37.26
N GLN B 226 -23.42 -39.86 38.58
CA GLN B 226 -22.44 -39.26 39.46
C GLN B 226 -21.28 -40.18 39.81
N ASP B 227 -21.48 -41.49 39.73
CA ASP B 227 -20.49 -42.45 40.23
C ASP B 227 -20.23 -43.63 39.31
N GLY B 228 -20.85 -43.69 38.14
CA GLY B 228 -20.66 -44.80 37.22
C GLY B 228 -21.53 -46.00 37.48
N LYS B 229 -22.21 -46.05 38.64
CA LYS B 229 -23.04 -47.19 39.05
C LYS B 229 -24.51 -46.93 38.81
N THR B 230 -25.01 -45.79 39.26
CA THR B 230 -26.40 -45.41 39.09
C THR B 230 -26.51 -44.34 38.02
N TRP B 231 -27.52 -44.47 37.16
CA TRP B 231 -27.76 -43.49 36.12
C TRP B 231 -29.20 -43.02 36.20
N TYR B 232 -29.40 -41.70 36.16
CA TYR B 232 -30.74 -41.13 36.16
C TYR B 232 -31.10 -40.63 34.77
N PRO B 233 -32.24 -41.04 34.21
CA PRO B 233 -32.61 -40.55 32.88
C PRO B 233 -32.85 -39.04 32.90
N THR B 234 -32.60 -38.40 31.76
CA THR B 234 -32.73 -36.94 31.67
C THR B 234 -34.18 -36.54 31.43
N THR B 235 -34.51 -35.34 31.90
CA THR B 235 -35.75 -34.71 31.50
C THR B 235 -35.52 -33.84 30.27
N VAL B 236 -36.59 -33.22 29.78
CA VAL B 236 -36.48 -32.29 28.66
C VAL B 236 -35.58 -31.11 29.00
N ALA B 237 -35.34 -30.83 30.28
CA ALA B 237 -34.57 -29.68 30.71
C ALA B 237 -33.13 -30.02 31.07
N ASP B 238 -32.71 -31.27 30.93
CA ASP B 238 -31.38 -31.69 31.35
C ASP B 238 -30.49 -31.77 30.11
N TRP B 239 -29.75 -30.70 29.86
CA TRP B 239 -28.83 -30.62 28.74
C TRP B 239 -27.40 -30.50 29.25
N ARG B 240 -26.46 -31.01 28.45
CA ARG B 240 -25.05 -31.00 28.82
C ARG B 240 -24.21 -30.48 27.66
N PRO B 241 -23.10 -29.79 27.95
CA PRO B 241 -22.23 -29.31 26.88
C PRO B 241 -21.59 -30.45 26.12
N ILE B 242 -21.54 -30.31 24.80
CA ILE B 242 -20.95 -31.34 23.95
C ILE B 242 -19.48 -31.55 24.27
N LEU B 243 -18.81 -30.49 24.73
CA LEU B 243 -17.40 -30.54 25.07
C LEU B 243 -17.07 -31.43 26.26
N MET B 244 -18.07 -31.92 26.99
CA MET B 244 -17.84 -32.96 27.99
C MET B 244 -17.65 -34.34 27.38
N TYR B 245 -17.97 -34.50 26.10
CA TYR B 245 -18.04 -35.82 25.50
C TYR B 245 -17.18 -35.91 24.25
N VAL B 246 -17.05 -34.79 23.55
CA VAL B 246 -16.41 -34.78 22.24
C VAL B 246 -15.41 -33.63 22.22
N TRP B 247 -14.32 -33.82 21.49
CA TRP B 247 -13.26 -32.83 21.40
C TRP B 247 -12.69 -32.89 19.99
N PRO B 248 -12.11 -31.79 19.49
CA PRO B 248 -11.56 -31.81 18.12
C PRO B 248 -10.25 -32.59 17.99
N SER B 249 -9.60 -32.90 19.11
CA SER B 249 -8.35 -33.66 19.10
C SER B 249 -8.15 -34.27 20.48
N LYS B 250 -7.20 -35.22 20.56
CA LYS B 250 -6.80 -35.72 21.87
C LYS B 250 -6.17 -34.62 22.71
N ASP B 251 -5.46 -33.70 22.07
CA ASP B 251 -4.79 -32.63 22.80
C ASP B 251 -5.80 -31.71 23.49
N VAL B 252 -6.91 -31.37 22.83
CA VAL B 252 -7.92 -30.54 23.47
C VAL B 252 -8.68 -31.32 24.53
N GLN B 253 -8.90 -32.62 24.29
CA GLN B 253 -9.42 -33.50 25.34
C GLN B 253 -8.50 -33.48 26.56
N VAL B 254 -7.18 -33.52 26.35
CA VAL B 254 -6.25 -33.42 27.46
C VAL B 254 -6.43 -32.10 28.19
N LYS B 255 -6.44 -30.99 27.43
CA LYS B 255 -6.57 -29.67 28.04
C LYS B 255 -7.92 -29.47 28.72
N PHE B 256 -8.97 -30.13 28.20
CA PHE B 256 -10.27 -30.07 28.86
C PHE B 256 -10.20 -30.73 30.22
N ILE B 257 -9.67 -31.95 30.28
CA ILE B 257 -9.46 -32.63 31.55
C ILE B 257 -8.64 -31.76 32.49
N GLN B 258 -7.46 -31.31 32.02
CA GLN B 258 -6.59 -30.52 32.87
C GLN B 258 -7.23 -29.23 33.34
N TYR B 259 -8.05 -28.58 32.50
CA TYR B 259 -8.63 -27.31 32.90
C TYR B 259 -9.67 -27.52 34.00
N PHE B 260 -10.53 -28.53 33.85
CA PHE B 260 -11.62 -28.69 34.82
C PHE B 260 -11.11 -29.22 36.15
N VAL B 261 -10.14 -30.14 36.11
CA VAL B 261 -9.54 -30.62 37.36
C VAL B 261 -8.93 -29.45 38.14
N ASN B 262 -8.29 -28.52 37.44
CA ASN B 262 -7.65 -27.40 38.11
C ASN B 262 -8.61 -26.26 38.40
N HIS B 263 -9.89 -26.39 38.05
CA HIS B 263 -10.87 -25.38 38.42
C HIS B 263 -11.93 -25.91 39.38
N GLY B 264 -11.64 -26.99 40.09
CA GLY B 264 -12.51 -27.46 41.15
C GLY B 264 -13.23 -28.77 40.90
N TYR B 265 -12.92 -29.47 39.81
CA TYR B 265 -13.56 -30.74 39.49
C TYR B 265 -12.52 -31.85 39.70
N GLU B 266 -12.14 -32.03 40.96
CA GLU B 266 -11.17 -33.05 41.33
C GLU B 266 -11.76 -33.98 42.38
N ASN B 267 -11.40 -35.26 42.28
CA ASN B 267 -11.86 -36.28 43.21
C ASN B 267 -10.85 -37.41 43.16
N SER B 268 -10.06 -37.55 44.24
CA SER B 268 -9.00 -38.54 44.24
C SER B 268 -9.56 -39.96 44.16
N ASN B 269 -10.72 -40.19 44.79
CA ASN B 269 -11.40 -41.47 44.65
C ASN B 269 -11.57 -41.84 43.19
N TYR B 270 -11.74 -40.84 42.32
CA TYR B 270 -11.92 -41.05 40.89
C TYR B 270 -10.63 -40.84 40.10
N GLY B 271 -9.48 -40.88 40.78
CA GLY B 271 -8.20 -40.70 40.11
C GLY B 271 -7.99 -39.33 39.50
N LEU B 272 -8.85 -38.36 39.82
CA LEU B 272 -8.75 -37.03 39.25
C LEU B 272 -8.17 -36.09 40.29
N THR B 273 -6.89 -35.75 40.12
CA THR B 273 -6.32 -34.67 40.90
C THR B 273 -5.27 -33.97 40.07
N ALA B 274 -4.91 -32.76 40.49
CA ALA B 274 -3.99 -31.92 39.72
C ALA B 274 -2.73 -32.68 39.34
N GLY B 275 -2.18 -33.45 40.30
CA GLY B 275 -1.03 -34.28 39.99
C GLY B 275 -1.38 -35.48 39.14
N SER B 276 -2.62 -35.97 39.26
CA SER B 276 -3.03 -37.14 38.50
C SER B 276 -3.21 -36.85 37.01
N VAL B 277 -3.26 -35.59 36.60
CA VAL B 277 -3.55 -35.25 35.21
C VAL B 277 -2.42 -34.48 34.53
N LYS B 278 -1.44 -33.95 35.27
CA LYS B 278 -0.47 -33.06 34.66
C LYS B 278 0.37 -33.77 33.60
N ASP B 279 0.52 -35.10 33.68
CA ASP B 279 1.36 -35.84 32.76
C ASP B 279 0.61 -36.38 31.56
N LEU B 280 -0.69 -36.12 31.46
CA LEU B 280 -1.45 -36.54 30.29
C LEU B 280 -1.07 -35.69 29.08
N SER B 281 -1.23 -36.28 27.90
CA SER B 281 -0.93 -35.57 26.66
C SER B 281 -1.55 -36.36 25.52
N GLU B 282 -1.56 -35.73 24.34
CA GLU B 282 -2.11 -36.39 23.16
C GLU B 282 -1.49 -37.76 22.90
N ASN B 283 -0.38 -38.06 23.55
CA ASN B 283 0.30 -39.33 23.34
C ASN B 283 -0.14 -40.41 24.31
N THR B 284 -0.81 -40.04 25.41
CA THR B 284 -1.52 -41.02 26.23
C THR B 284 -2.42 -41.87 25.34
N ALA B 285 -2.53 -43.15 25.66
CA ALA B 285 -3.39 -44.03 24.88
C ALA B 285 -4.83 -43.50 24.91
N SER B 286 -5.46 -43.48 23.73
CA SER B 286 -6.84 -42.99 23.63
C SER B 286 -7.76 -43.65 24.65
N ILE B 287 -7.63 -44.97 24.82
CA ILE B 287 -8.49 -45.71 25.74
C ILE B 287 -8.37 -45.15 27.15
N LYS B 288 -7.15 -44.78 27.57
CA LYS B 288 -6.96 -44.23 28.91
C LYS B 288 -7.58 -42.85 29.04
N LEU B 289 -7.33 -41.97 28.06
CA LEU B 289 -7.91 -40.62 28.13
C LEU B 289 -9.41 -40.68 28.21
N ASN B 290 -10.03 -41.58 27.42
CA ASN B 290 -11.48 -41.71 27.47
C ASN B 290 -11.93 -42.25 28.83
N GLU B 291 -11.17 -43.19 29.39
CA GLU B 291 -11.43 -43.62 30.76
C GLU B 291 -11.37 -42.42 31.70
N VAL B 292 -10.33 -41.60 31.57
CA VAL B 292 -10.18 -40.44 32.46
C VAL B 292 -11.30 -39.44 32.23
N ALA B 293 -11.69 -39.25 30.96
CA ALA B 293 -12.75 -38.29 30.66
C ALA B 293 -14.10 -38.76 31.19
N GLN B 294 -14.36 -40.07 31.12
CA GLN B 294 -15.62 -40.59 31.67
C GLN B 294 -15.70 -40.38 33.18
N ASN B 295 -14.58 -40.58 33.87
CA ASN B 295 -14.57 -40.31 35.31
C ASN B 295 -14.77 -38.82 35.61
N LEU B 296 -14.32 -37.94 34.70
CA LEU B 296 -14.49 -36.51 34.91
C LEU B 296 -15.96 -36.11 34.86
N ARG B 297 -16.72 -36.69 33.93
CA ARG B 297 -18.15 -36.40 33.86
C ARG B 297 -18.85 -36.75 35.18
N TYR B 298 -18.60 -37.95 35.69
CA TYR B 298 -19.08 -38.31 37.02
C TYR B 298 -18.80 -37.20 38.01
N VAL B 299 -17.57 -36.67 38.00
CA VAL B 299 -17.23 -35.60 38.93
C VAL B 299 -17.96 -34.31 38.56
N ILE B 300 -18.12 -34.05 37.26
CA ILE B 300 -18.93 -32.90 36.84
C ILE B 300 -20.35 -33.07 37.34
N GLU B 301 -20.94 -34.24 37.11
CA GLU B 301 -22.30 -34.51 37.56
C GLU B 301 -22.44 -34.38 39.07
N GLN B 302 -21.39 -34.75 39.82
CA GLN B 302 -21.40 -34.50 41.26
C GLN B 302 -21.58 -33.01 41.55
N HIS B 303 -20.81 -32.16 40.88
CA HIS B 303 -20.98 -30.71 41.02
C HIS B 303 -22.37 -30.29 40.58
N VAL B 304 -22.84 -30.80 39.44
CA VAL B 304 -24.15 -30.40 38.93
C VAL B 304 -25.26 -30.77 39.89
N VAL B 305 -25.06 -31.78 40.74
CA VAL B 305 -26.10 -32.18 41.68
C VAL B 305 -25.99 -31.40 42.99
N ALA B 306 -24.77 -31.09 43.44
CA ALA B 306 -24.59 -30.35 44.69
C ALA B 306 -25.26 -28.98 44.62
N ALA B 307 -24.77 -28.12 43.73
CA ALA B 307 -25.63 -27.04 43.28
C ALA B 307 -26.75 -27.66 42.46
N LYS B 308 -27.83 -26.94 42.28
CA LYS B 308 -28.87 -27.56 41.48
C LYS B 308 -28.91 -26.93 40.09
N SER B 309 -27.76 -26.86 39.43
CA SER B 309 -27.65 -25.98 38.28
C SER B 309 -26.48 -26.41 37.41
N THR B 310 -26.67 -26.20 36.10
CA THR B 310 -25.58 -26.25 35.13
C THR B 310 -25.01 -24.86 34.87
N SER B 311 -25.41 -23.86 35.65
CA SER B 311 -24.98 -22.49 35.40
C SER B 311 -23.48 -22.32 35.63
N GLN B 312 -22.97 -22.88 36.73
CA GLN B 312 -21.53 -22.80 36.97
C GLN B 312 -20.76 -23.63 35.95
N LEU B 313 -21.31 -24.78 35.55
CA LEU B 313 -20.67 -25.56 34.49
C LEU B 313 -20.64 -24.79 33.17
N ALA B 314 -21.70 -24.02 32.89
CA ALA B 314 -21.73 -23.23 31.65
C ALA B 314 -20.57 -22.23 31.62
N ASN B 315 -20.34 -21.52 32.72
CA ASN B 315 -19.25 -20.55 32.75
C ASN B 315 -17.90 -21.23 32.60
N ASP B 316 -17.71 -22.37 33.26
CA ASP B 316 -16.44 -23.08 33.15
C ASP B 316 -16.19 -23.52 31.71
N ILE B 317 -17.22 -24.04 31.04
CA ILE B 317 -17.11 -24.37 29.62
C ILE B 317 -16.73 -23.13 28.83
N ASN B 318 -17.53 -22.06 28.98
CA ASN B 318 -17.30 -20.84 28.21
C ASN B 318 -15.87 -20.35 28.38
N ASN B 319 -15.41 -20.22 29.64
CA ASN B 319 -14.04 -19.79 29.90
C ASN B 319 -13.04 -20.73 29.25
N PHE B 320 -13.23 -22.04 29.42
CA PHE B 320 -12.29 -23.00 28.87
C PHE B 320 -12.08 -22.79 27.37
N ILE B 321 -13.18 -22.60 26.64
CA ILE B 321 -13.13 -22.38 25.19
C ILE B 321 -12.22 -21.21 24.84
N THR B 322 -12.24 -20.16 25.67
CA THR B 322 -11.35 -19.02 25.50
C THR B 322 -9.89 -19.42 25.45
N THR B 323 -9.53 -20.58 26.01
CA THR B 323 -8.14 -21.03 26.03
C THR B 323 -7.75 -21.88 24.83
N ILE B 324 -8.71 -22.38 24.05
CA ILE B 324 -8.41 -23.24 22.90
C ILE B 324 -8.52 -22.38 21.64
N PRO B 325 -7.41 -22.07 20.98
CA PRO B 325 -7.50 -21.20 19.79
C PRO B 325 -8.49 -21.67 18.74
N GLU B 326 -8.50 -22.97 18.40
CA GLU B 326 -9.37 -23.43 17.32
C GLU B 326 -10.85 -23.43 17.70
N LEU B 327 -11.20 -23.32 18.98
CA LEU B 327 -12.61 -23.20 19.36
C LEU B 327 -13.03 -21.78 19.64
N SER B 328 -12.11 -20.82 19.61
CA SER B 328 -12.44 -19.43 19.92
C SER B 328 -11.97 -18.48 18.83
N LYS B 329 -12.08 -17.17 19.10
CA LYS B 329 -11.96 -16.16 18.04
C LYS B 329 -10.58 -16.09 17.43
N ALA B 330 -9.54 -16.52 18.15
CA ALA B 330 -8.18 -16.40 17.61
C ALA B 330 -8.01 -17.19 16.32
N SER B 331 -8.66 -18.35 16.22
CA SER B 331 -8.61 -19.15 15.01
C SER B 331 -9.10 -18.40 13.78
N GLU B 332 -9.76 -17.25 13.96
CA GLU B 332 -10.22 -16.43 12.84
C GLU B 332 -9.10 -15.66 12.16
N LEU B 333 -7.89 -15.63 12.75
CA LEU B 333 -6.73 -14.96 12.15
C LEU B 333 -6.98 -13.47 11.94
N SER B 334 -7.48 -12.80 12.97
CA SER B 334 -7.58 -11.35 12.94
C SER B 334 -6.20 -10.73 12.76
N VAL B 335 -6.10 -9.77 11.84
CA VAL B 335 -4.79 -9.17 11.60
C VAL B 335 -4.36 -8.27 12.75
N VAL B 336 -5.28 -7.93 13.66
CA VAL B 336 -4.89 -7.18 14.85
C VAL B 336 -3.80 -7.95 15.62
N ASN B 337 -3.89 -9.27 15.62
CA ASN B 337 -2.93 -10.09 16.35
C ASN B 337 -1.70 -10.45 15.53
N SER B 338 -1.56 -9.96 14.30
CA SER B 338 -0.44 -10.34 13.46
C SER B 338 0.82 -9.63 13.92
N TYR B 339 1.98 -10.12 13.45
CA TYR B 339 3.25 -9.59 13.89
C TYR B 339 3.46 -8.19 13.31
N GLY B 340 3.67 -7.21 14.19
CA GLY B 340 3.87 -5.84 13.74
C GLY B 340 2.62 -5.04 13.43
N TYR B 341 1.44 -5.53 13.79
CA TYR B 341 0.21 -4.80 13.49
C TYR B 341 0.19 -3.42 14.16
N LYS B 342 -0.17 -2.40 13.40
CA LYS B 342 -0.45 -1.06 13.88
C LYS B 342 -1.94 -0.74 13.74
N PRO B 343 -2.55 -0.12 14.76
CA PRO B 343 -4.00 0.18 14.67
C PRO B 343 -4.27 1.29 13.67
N ASP B 344 -5.51 1.28 13.16
CA ASP B 344 -5.97 2.25 12.16
C ASP B 344 -6.97 3.19 12.82
N ASN B 345 -6.77 4.51 12.65
CA ASN B 345 -7.64 5.48 13.32
C ASN B 345 -9.02 5.56 12.68
N SER B 346 -9.24 4.90 11.54
CA SER B 346 -10.61 4.74 11.05
C SER B 346 -11.46 4.04 12.07
N GLY B 347 -10.84 3.19 12.91
CA GLY B 347 -11.54 2.48 13.94
C GLY B 347 -11.99 1.09 13.57
N SER B 348 -11.93 0.73 12.30
CA SER B 348 -12.24 -0.63 11.89
C SER B 348 -11.00 -1.32 11.33
N VAL B 349 -11.16 -2.60 10.98
CA VAL B 349 -10.08 -3.43 10.48
C VAL B 349 -10.44 -3.90 9.07
N ASP B 350 -9.82 -3.25 8.07
CA ASP B 350 -10.14 -3.52 6.68
C ASP B 350 -9.89 -4.97 6.31
N ASP B 351 -8.88 -5.61 6.88
CA ASP B 351 -8.43 -6.91 6.41
C ASP B 351 -9.00 -8.09 7.21
N ASP B 352 -9.94 -7.84 8.13
CA ASP B 352 -10.57 -8.89 8.91
C ASP B 352 -11.91 -9.24 8.25
N GLN B 353 -11.88 -10.14 7.27
CA GLN B 353 -13.08 -10.49 6.51
C GLN B 353 -13.10 -11.99 6.24
N VAL B 354 -14.30 -12.53 6.02
CA VAL B 354 -14.46 -13.79 5.30
C VAL B 354 -15.51 -13.57 4.24
N ILE B 355 -15.40 -14.30 3.14
CA ILE B 355 -16.41 -14.20 2.10
C ILE B 355 -17.22 -15.49 2.13
N PHE B 356 -18.50 -15.36 1.78
CA PHE B 356 -19.36 -16.53 1.67
C PHE B 356 -19.20 -17.12 0.27
N VAL B 357 -18.86 -18.41 0.20
CA VAL B 357 -18.68 -19.09 -1.07
C VAL B 357 -19.67 -20.26 -1.21
N ASN B 358 -19.89 -20.68 -2.46
CA ASN B 358 -20.79 -21.79 -2.74
C ASN B 358 -20.18 -23.12 -2.31
N ASN B 359 -21.01 -23.98 -1.74
CA ASN B 359 -20.55 -25.29 -1.29
C ASN B 359 -21.73 -26.25 -1.38
N ASP B 360 -21.82 -26.94 -2.51
CA ASP B 360 -22.85 -27.95 -2.76
C ASP B 360 -22.28 -29.35 -2.78
N SER B 361 -21.15 -29.56 -2.10
CA SER B 361 -20.41 -30.80 -2.29
C SER B 361 -21.14 -32.00 -1.69
N LYS B 362 -20.92 -33.15 -2.31
CA LYS B 362 -21.33 -34.44 -1.77
C LYS B 362 -20.21 -35.11 -0.99
N ASN B 363 -19.05 -34.47 -0.93
CA ASN B 363 -17.92 -34.93 -0.13
C ASN B 363 -18.14 -34.46 1.31
N GLN B 364 -18.49 -35.39 2.20
CA GLN B 364 -18.77 -35.02 3.58
C GLN B 364 -17.56 -34.46 4.32
N LYS B 365 -16.36 -34.54 3.72
CA LYS B 365 -15.22 -33.85 4.29
C LYS B 365 -15.19 -32.38 3.88
N ILE B 366 -15.82 -32.05 2.77
CA ILE B 366 -16.01 -30.67 2.36
C ILE B 366 -17.31 -30.08 2.92
N GLY B 367 -18.32 -30.91 3.11
CA GLY B 367 -19.58 -30.42 3.60
C GLY B 367 -20.41 -29.82 2.49
N ASN B 368 -21.49 -29.16 2.90
CA ASN B 368 -22.51 -28.71 1.95
C ASN B 368 -23.34 -27.64 2.64
N THR B 369 -23.34 -26.42 2.09
CA THR B 369 -24.18 -25.33 2.61
C THR B 369 -24.98 -24.70 1.49
N SER B 370 -25.58 -25.53 0.63
CA SER B 370 -26.09 -25.05 -0.65
C SER B 370 -27.23 -24.04 -0.48
N TYR B 371 -27.97 -24.11 0.61
CA TYR B 371 -28.97 -23.07 0.90
C TYR B 371 -28.35 -21.67 0.90
N ALA B 372 -27.04 -21.57 1.12
CA ALA B 372 -26.35 -20.29 1.11
C ALA B 372 -25.67 -20.00 -0.23
N ASP B 373 -25.90 -20.84 -1.24
CA ASP B 373 -25.29 -20.63 -2.54
C ASP B 373 -25.91 -19.45 -3.27
N SER B 374 -25.11 -18.84 -4.15
CA SER B 374 -25.63 -17.79 -5.00
C SER B 374 -24.92 -17.83 -6.35
N ASN B 375 -25.63 -17.41 -7.39
CA ASN B 375 -25.04 -17.23 -8.71
C ASN B 375 -24.55 -15.81 -8.94
N TYR B 376 -24.60 -14.97 -7.92
CA TYR B 376 -24.18 -13.58 -8.06
C TYR B 376 -22.93 -13.36 -7.24
N ARG B 377 -22.99 -12.56 -6.18
CA ARG B 377 -21.81 -12.22 -5.39
C ARG B 377 -20.68 -11.68 -6.28
N LEU B 378 -21.04 -10.82 -7.23
CA LEU B 378 -20.03 -10.16 -8.06
C LEU B 378 -19.44 -9.03 -7.23
N MET B 379 -18.29 -9.27 -6.64
CA MET B 379 -17.71 -8.33 -5.69
C MET B 379 -16.77 -7.38 -6.43
N ASN B 380 -16.58 -6.20 -5.85
CA ASN B 380 -15.70 -5.18 -6.37
C ASN B 380 -16.18 -4.62 -7.71
N ARG B 381 -17.47 -4.79 -8.06
CA ARG B 381 -18.01 -4.08 -9.21
C ARG B 381 -18.25 -2.62 -8.85
N THR B 382 -17.20 -1.98 -8.35
CA THR B 382 -17.27 -0.72 -7.63
C THR B 382 -16.77 0.41 -8.53
N ILE B 383 -17.50 1.52 -8.55
CA ILE B 383 -17.10 2.67 -9.36
C ILE B 383 -16.93 2.25 -10.83
N ASN B 384 -15.75 2.51 -11.39
CA ASN B 384 -15.49 2.25 -12.80
C ASN B 384 -15.36 0.76 -13.12
N ASN B 385 -15.29 -0.10 -12.11
CA ASN B 385 -15.31 -1.55 -12.29
C ASN B 385 -16.72 -2.11 -12.22
N GLN B 386 -17.74 -1.30 -12.52
CA GLN B 386 -19.10 -1.82 -12.59
C GLN B 386 -19.22 -2.94 -13.62
N ASN B 387 -18.56 -2.78 -14.75
CA ASN B 387 -18.61 -3.77 -15.82
C ASN B 387 -17.51 -4.81 -15.70
N GLY B 388 -16.66 -4.73 -14.68
CA GLY B 388 -15.63 -5.74 -14.48
C GLY B 388 -14.43 -5.63 -15.38
N ASP B 389 -14.22 -4.48 -16.03
CA ASP B 389 -13.17 -4.33 -17.04
C ASP B 389 -12.30 -3.12 -16.77
N ASN B 390 -12.30 -2.60 -15.55
CA ASN B 390 -11.49 -1.42 -15.23
C ASN B 390 -11.40 -1.34 -13.69
N ASN B 391 -10.38 -1.97 -13.13
CA ASN B 391 -10.17 -1.94 -11.70
C ASN B 391 -9.22 -0.82 -11.27
N SER B 392 -9.19 0.29 -12.02
CA SER B 392 -8.21 1.35 -11.76
C SER B 392 -8.48 2.12 -10.46
N ASP B 393 -9.71 2.11 -9.95
CA ASP B 393 -9.95 2.75 -8.67
C ASP B 393 -9.58 1.84 -7.52
N ASP B 394 -9.51 0.53 -7.75
CA ASP B 394 -9.12 -0.47 -6.75
C ASP B 394 -9.88 -0.28 -5.44
N SER B 395 -11.21 -0.27 -5.54
CA SER B 395 -12.07 0.13 -4.42
C SER B 395 -12.75 -1.09 -3.82
N PRO B 396 -12.49 -1.41 -2.55
CA PRO B 396 -12.84 -2.73 -2.02
C PRO B 396 -14.33 -2.92 -1.75
N GLU B 397 -14.75 -4.20 -1.79
CA GLU B 397 -16.15 -4.54 -1.50
C GLU B 397 -16.46 -4.62 0.00
N LEU B 398 -15.50 -5.01 0.84
CA LEU B 398 -15.78 -5.34 2.23
C LEU B 398 -15.26 -4.23 3.15
N LEU B 399 -16.14 -3.74 4.03
CA LEU B 399 -15.76 -2.76 5.05
C LEU B 399 -15.88 -3.39 6.42
N VAL B 400 -17.10 -3.51 6.93
CA VAL B 400 -17.33 -4.04 8.28
C VAL B 400 -18.75 -4.61 8.30
N GLY B 401 -18.98 -5.56 9.19
CA GLY B 401 -20.29 -6.16 9.28
C GLY B 401 -20.57 -7.18 8.18
N ASN B 402 -21.85 -7.49 8.03
CA ASN B 402 -22.36 -8.41 7.02
C ASN B 402 -22.53 -7.65 5.70
N ASP B 403 -21.60 -7.84 4.78
CA ASP B 403 -21.68 -7.12 3.51
C ASP B 403 -22.86 -7.62 2.69
N ILE B 404 -23.69 -6.69 2.19
CA ILE B 404 -24.84 -7.06 1.39
C ILE B 404 -24.42 -7.25 -0.07
N ASP B 405 -24.86 -8.35 -0.68
CA ASP B 405 -24.53 -8.62 -2.08
C ASP B 405 -25.41 -7.75 -2.97
N ASN B 406 -24.96 -6.51 -3.19
CA ASN B 406 -25.74 -5.62 -4.03
C ASN B 406 -25.66 -6.01 -5.54
N SER B 407 -25.07 -7.13 -5.90
CA SER B 407 -25.12 -7.63 -7.28
C SER B 407 -26.29 -8.55 -7.51
N ASN B 408 -26.97 -8.97 -6.45
CA ASN B 408 -28.07 -9.90 -6.56
C ASN B 408 -29.33 -9.17 -7.00
N PRO B 409 -30.02 -9.66 -8.04
CA PRO B 409 -31.16 -8.90 -8.58
C PRO B 409 -32.32 -8.79 -7.61
N VAL B 410 -32.52 -9.79 -6.75
CA VAL B 410 -33.54 -9.70 -5.73
C VAL B 410 -33.18 -8.63 -4.70
N VAL B 411 -31.90 -8.49 -4.37
CA VAL B 411 -31.50 -7.42 -3.44
C VAL B 411 -31.67 -6.07 -4.10
N GLN B 412 -31.33 -5.97 -5.38
CA GLN B 412 -31.44 -4.69 -6.08
C GLN B 412 -32.89 -4.23 -6.10
N ALA B 413 -33.80 -5.16 -6.39
CA ALA B 413 -35.23 -4.86 -6.33
C ALA B 413 -35.64 -4.46 -4.92
N GLU B 414 -35.13 -5.14 -3.90
CA GLU B 414 -35.45 -4.77 -2.53
C GLU B 414 -34.92 -3.38 -2.17
N ASN B 415 -33.71 -3.03 -2.63
CA ASN B 415 -33.23 -1.67 -2.43
C ASN B 415 -34.22 -0.63 -2.98
N LEU B 416 -34.78 -0.90 -4.16
CA LEU B 416 -35.81 -0.01 -4.71
C LEU B 416 -37.01 0.08 -3.80
N ASN B 417 -37.51 -1.07 -3.32
CA ASN B 417 -38.59 -1.08 -2.35
C ASN B 417 -38.29 -0.20 -1.15
N TRP B 418 -37.09 -0.38 -0.59
CA TRP B 418 -36.63 0.40 0.56
C TRP B 418 -36.62 1.87 0.23
N GLU B 419 -36.05 2.23 -0.92
CA GLU B 419 -35.90 3.65 -1.27
C GLU B 419 -37.27 4.30 -1.40
N TYR B 420 -38.21 3.57 -1.99
CA TYR B 420 -39.58 4.05 -2.18
C TYR B 420 -40.29 4.22 -0.84
N PHE B 421 -40.06 3.31 0.10
CA PHE B 421 -40.56 3.46 1.45
C PHE B 421 -40.03 4.75 2.09
N LEU B 422 -38.71 4.97 2.00
CA LEU B 422 -38.12 6.16 2.62
C LEU B 422 -38.62 7.43 1.95
N LEU B 423 -38.78 7.41 0.63
CA LEU B 423 -39.34 8.53 -0.10
C LEU B 423 -40.79 8.82 0.30
N ASN B 424 -41.45 7.89 0.99
CA ASN B 424 -42.82 8.05 1.43
C ASN B 424 -42.96 7.73 2.91
N TYR B 425 -41.89 7.93 3.69
CA TYR B 425 -41.85 7.37 5.04
C TYR B 425 -43.08 7.75 5.85
N GLY B 426 -43.33 9.05 5.99
CA GLY B 426 -44.42 9.50 6.84
C GLY B 426 -45.79 9.06 6.35
N LYS B 427 -46.00 9.08 5.04
CA LYS B 427 -47.28 8.61 4.51
C LYS B 427 -47.48 7.13 4.83
N PHE B 428 -46.49 6.29 4.48
CA PHE B 428 -46.67 4.85 4.61
C PHE B 428 -46.69 4.39 6.07
N MET B 429 -46.21 5.20 7.00
CA MET B 429 -46.25 4.83 8.40
C MET B 429 -47.43 5.46 9.14
N ASN B 430 -48.32 6.14 8.43
CA ASN B 430 -49.42 6.90 9.05
C ASN B 430 -48.90 7.80 10.15
N TYR B 431 -47.72 8.36 9.89
CA TYR B 431 -47.23 9.45 10.71
C TYR B 431 -47.54 10.75 9.98
N ASN B 432 -46.72 11.77 10.15
CA ASN B 432 -46.98 13.04 9.52
C ASN B 432 -46.98 12.88 8.02
N PRO B 433 -48.05 13.25 7.32
CA PRO B 433 -48.12 12.95 5.86
C PRO B 433 -47.13 13.75 5.06
N ASN B 434 -46.53 14.78 5.66
CA ASN B 434 -45.46 15.53 5.03
C ASN B 434 -44.09 15.17 5.59
N GLY B 435 -43.97 14.00 6.22
CA GLY B 435 -42.71 13.52 6.77
C GLY B 435 -42.04 12.48 5.89
N ASN B 436 -41.63 12.87 4.68
CA ASN B 436 -41.06 11.98 3.69
C ASN B 436 -39.74 12.57 3.23
N PHE B 437 -38.74 11.69 3.06
CA PHE B 437 -37.44 12.13 2.55
C PHE B 437 -37.58 12.51 1.07
N ASP B 438 -36.68 13.37 0.61
CA ASP B 438 -36.71 13.88 -0.75
C ASP B 438 -35.64 13.31 -1.67
N GLY B 439 -34.54 12.84 -1.09
CA GLY B 439 -33.46 12.22 -1.84
C GLY B 439 -32.53 11.57 -0.84
N PHE B 440 -31.32 11.26 -1.28
CA PHE B 440 -30.44 10.46 -0.42
C PHE B 440 -29.01 10.95 -0.49
N ARG B 441 -28.37 10.95 0.68
CA ARG B 441 -26.94 10.78 0.79
C ARG B 441 -26.64 9.28 0.78
N ILE B 442 -25.77 8.84 -0.10
CA ILE B 442 -25.60 7.41 -0.33
C ILE B 442 -24.31 6.95 0.34
N ASP B 443 -24.44 6.10 1.35
CA ASP B 443 -23.30 5.70 2.14
C ASP B 443 -22.52 4.60 1.46
N ALA B 444 -21.19 4.69 1.54
CA ALA B 444 -20.30 3.66 1.00
C ALA B 444 -20.55 3.43 -0.48
N ALA B 445 -20.76 4.52 -1.22
CA ALA B 445 -21.01 4.43 -2.65
C ALA B 445 -19.82 3.82 -3.42
N ASP B 446 -18.62 3.87 -2.85
CA ASP B 446 -17.40 3.27 -3.41
C ASP B 446 -17.27 1.78 -3.10
N ASN B 447 -18.23 1.15 -2.43
CA ASN B 447 -18.02 -0.17 -1.86
C ASN B 447 -19.19 -1.11 -2.14
N ILE B 448 -20.14 -0.67 -2.92
CA ILE B 448 -21.27 -1.46 -3.33
C ILE B 448 -21.20 -1.58 -4.85
N ASP B 449 -21.78 -2.66 -5.37
CA ASP B 449 -21.95 -2.76 -6.82
C ASP B 449 -22.61 -1.49 -7.34
N ALA B 450 -22.02 -0.90 -8.38
CA ALA B 450 -22.49 0.42 -8.82
C ALA B 450 -23.85 0.37 -9.56
N ASP B 451 -24.32 -0.82 -9.97
CA ASP B 451 -25.69 -0.95 -10.47
C ASP B 451 -26.65 -0.23 -9.54
N VAL B 452 -26.32 -0.26 -8.26
CA VAL B 452 -27.26 0.16 -7.23
C VAL B 452 -27.31 1.68 -7.16
N LEU B 453 -26.25 2.37 -7.57
CA LEU B 453 -26.31 3.83 -7.75
C LEU B 453 -27.20 4.21 -8.92
N ASP B 454 -27.03 3.51 -10.05
CA ASP B 454 -27.90 3.71 -11.19
C ASP B 454 -29.37 3.56 -10.80
N GLN B 455 -29.68 2.50 -10.06
CA GLN B 455 -31.09 2.19 -9.84
C GLN B 455 -31.74 3.14 -8.85
N ALA B 456 -30.98 3.71 -7.90
CA ALA B 456 -31.55 4.75 -7.05
C ALA B 456 -31.79 6.03 -7.85
N ALA B 457 -30.89 6.36 -8.79
CA ALA B 457 -31.14 7.50 -9.66
C ALA B 457 -32.27 7.19 -10.65
N GLN B 458 -32.39 5.94 -11.10
CA GLN B 458 -33.50 5.59 -11.97
C GLN B 458 -34.82 5.75 -11.26
N LEU B 459 -34.90 5.29 -10.01
CA LEU B 459 -36.14 5.41 -9.24
C LEU B 459 -36.54 6.88 -9.11
N ILE B 460 -35.62 7.73 -8.65
CA ILE B 460 -35.92 9.15 -8.53
C ILE B 460 -36.40 9.69 -9.89
N ASN B 461 -35.76 9.27 -10.97
CA ASN B 461 -36.18 9.79 -12.26
C ASN B 461 -37.58 9.30 -12.64
N SER B 462 -37.91 8.05 -12.31
CA SER B 462 -39.21 7.50 -12.67
C SER B 462 -40.34 8.16 -11.89
N ILE B 463 -40.11 8.48 -10.62
CA ILE B 463 -41.18 9.11 -9.84
C ILE B 463 -41.29 10.58 -10.19
N TYR B 464 -40.15 11.26 -10.32
CA TYR B 464 -40.10 12.71 -10.21
C TYR B 464 -39.65 13.41 -11.48
N ASN B 465 -39.21 12.66 -12.50
CA ASN B 465 -38.80 13.21 -13.78
C ASN B 465 -37.65 14.20 -13.60
N THR B 466 -36.49 13.63 -13.26
CA THR B 466 -35.29 14.39 -12.90
C THR B 466 -34.24 14.43 -13.99
N LYS B 467 -34.14 13.37 -14.80
CA LYS B 467 -33.17 13.35 -15.90
C LYS B 467 -33.58 14.36 -16.96
N GLY B 468 -32.66 15.24 -17.33
CA GLY B 468 -33.01 16.30 -18.26
C GLY B 468 -33.85 17.42 -17.70
N ASN B 469 -34.05 17.48 -16.37
CA ASN B 469 -34.90 18.50 -15.75
C ASN B 469 -34.30 18.89 -14.40
N GLN B 470 -33.39 19.87 -14.42
CA GLN B 470 -32.67 20.28 -13.22
C GLN B 470 -33.59 20.90 -12.16
N ALA B 471 -34.72 21.49 -12.58
CA ALA B 471 -35.69 21.99 -11.60
C ALA B 471 -36.20 20.87 -10.70
N ASN B 472 -36.58 19.74 -11.30
CA ASN B 472 -36.97 18.59 -10.51
C ASN B 472 -35.77 17.93 -9.81
N ALA B 473 -34.65 17.83 -10.52
CA ALA B 473 -33.51 17.09 -9.98
C ALA B 473 -32.97 17.77 -8.72
N ASN B 474 -32.87 19.09 -8.75
CA ASN B 474 -32.33 19.79 -7.61
C ASN B 474 -33.23 19.63 -6.39
N ASP B 475 -34.49 19.26 -6.59
CA ASP B 475 -35.39 18.99 -5.47
C ASP B 475 -35.27 17.56 -4.96
N HIS B 476 -34.48 16.74 -5.61
CA HIS B 476 -34.30 15.37 -5.20
C HIS B 476 -32.81 15.02 -5.29
N LEU B 477 -32.00 15.64 -4.43
CA LEU B 477 -30.56 15.46 -4.52
C LEU B 477 -30.18 14.04 -4.15
N ILE B 478 -29.23 13.49 -4.88
CA ILE B 478 -28.53 12.28 -4.50
C ILE B 478 -27.06 12.63 -4.53
N TYR B 479 -26.42 12.70 -3.36
CA TYR B 479 -24.98 12.94 -3.32
C TYR B 479 -24.25 11.73 -2.78
N ASN B 480 -23.12 11.39 -3.41
CA ASN B 480 -22.42 10.13 -3.14
C ASN B 480 -21.22 10.36 -2.23
N GLU B 481 -21.15 9.56 -1.16
CA GLU B 481 -19.99 9.52 -0.29
C GLU B 481 -18.85 8.87 -1.03
N GLY B 482 -17.76 9.58 -1.17
CA GLY B 482 -16.70 8.97 -1.91
C GLY B 482 -15.40 9.64 -1.57
N TYR B 483 -14.35 8.81 -1.46
CA TYR B 483 -12.98 9.27 -1.28
C TYR B 483 -12.10 8.83 -2.45
N HIS B 484 -12.70 8.52 -3.60
CA HIS B 484 -11.97 8.08 -4.79
C HIS B 484 -12.22 9.07 -5.92
N LEU B 485 -11.13 9.62 -6.48
CA LEU B 485 -11.26 10.58 -7.57
C LEU B 485 -11.92 9.96 -8.79
N GLY B 486 -11.72 8.66 -9.04
CA GLY B 486 -12.32 8.02 -10.19
C GLY B 486 -13.83 8.10 -10.26
N ALA B 487 -14.52 8.39 -9.14
CA ALA B 487 -15.97 8.50 -9.22
C ALA B 487 -16.39 9.72 -10.03
N ALA B 488 -15.55 10.75 -10.11
CA ALA B 488 -15.93 11.91 -10.90
C ALA B 488 -16.06 11.54 -12.37
N ASN B 489 -15.16 10.70 -12.87
CA ASN B 489 -15.25 10.29 -14.27
C ASN B 489 -16.49 9.45 -14.51
N MET B 490 -16.70 8.41 -13.69
CA MET B 490 -17.90 7.60 -13.77
C MET B 490 -19.14 8.48 -13.91
N LEU B 491 -19.31 9.45 -12.99
CA LEU B 491 -20.53 10.25 -12.97
C LEU B 491 -20.62 11.19 -14.17
N ASP B 492 -19.50 11.79 -14.58
CA ASP B 492 -19.48 12.49 -15.85
C ASP B 492 -19.86 11.55 -17.00
N ARG B 493 -19.34 10.33 -16.99
CA ARG B 493 -19.69 9.40 -18.05
C ARG B 493 -21.18 9.13 -18.07
N LYS B 494 -21.80 9.07 -16.89
CA LYS B 494 -23.21 8.78 -16.77
C LYS B 494 -24.08 10.01 -16.79
N SER B 495 -23.58 11.14 -17.27
CA SER B 495 -24.34 12.40 -17.30
C SER B 495 -24.81 12.82 -15.91
N ASN B 496 -23.98 12.52 -14.89
CA ASN B 496 -24.11 13.01 -13.52
C ASN B 496 -25.45 12.70 -12.88
N PRO B 497 -25.73 11.43 -12.59
CA PRO B 497 -26.93 11.10 -11.81
C PRO B 497 -26.81 11.34 -10.32
N GLU B 498 -25.61 11.54 -9.77
CA GLU B 498 -25.43 11.80 -8.35
C GLU B 498 -24.34 12.84 -8.18
N LEU B 499 -24.32 13.52 -7.04
CA LEU B 499 -23.24 14.48 -6.83
C LEU B 499 -21.99 13.75 -6.37
N TYR B 500 -20.85 14.15 -6.93
CA TYR B 500 -19.55 13.62 -6.58
C TYR B 500 -18.98 14.37 -5.37
N MET B 501 -18.28 13.64 -4.53
CA MET B 501 -17.80 14.17 -3.27
C MET B 501 -16.36 14.58 -3.44
N ASP B 502 -16.11 15.89 -3.36
CA ASP B 502 -14.81 16.46 -3.71
C ASP B 502 -13.80 16.25 -2.57
N SER B 503 -13.55 14.98 -2.23
CA SER B 503 -12.64 14.67 -1.14
C SER B 503 -11.26 15.25 -1.39
N GLY B 504 -10.84 15.32 -2.65
CA GLY B 504 -9.57 15.95 -2.98
C GLY B 504 -9.45 17.34 -2.37
N TYR B 505 -10.53 18.12 -2.41
CA TYR B 505 -10.45 19.49 -1.93
C TYR B 505 -10.36 19.54 -0.41
N PHE B 506 -10.95 18.56 0.27
CA PHE B 506 -10.85 18.52 1.73
C PHE B 506 -9.41 18.30 2.16
N TYR B 507 -8.72 17.36 1.51
CA TYR B 507 -7.30 17.18 1.79
C TYR B 507 -6.53 18.48 1.56
N THR B 508 -6.78 19.14 0.43
CA THR B 508 -6.16 20.44 0.16
C THR B 508 -6.38 21.43 1.32
N LEU B 509 -7.61 21.50 1.84
CA LEU B 509 -7.90 22.45 2.91
C LEU B 509 -7.08 22.15 4.16
N GLU B 510 -7.03 20.89 4.58
CA GLU B 510 -6.25 20.52 5.75
C GLU B 510 -4.74 20.67 5.50
N ASN B 511 -4.28 20.39 4.28
CA ASN B 511 -2.86 20.45 3.98
C ASN B 511 -2.34 21.88 3.85
N VAL B 512 -3.16 22.82 3.39
CA VAL B 512 -2.71 24.17 3.13
C VAL B 512 -2.96 25.08 4.31
N LEU B 513 -4.08 24.90 5.02
CA LEU B 513 -4.49 25.80 6.10
C LEU B 513 -4.49 25.17 7.49
N GLY B 514 -4.80 23.88 7.62
CA GLY B 514 -5.05 23.33 8.95
C GLY B 514 -3.90 22.71 9.70
N ARG B 515 -2.79 22.40 8.99
CA ARG B 515 -1.60 21.84 9.61
C ARG B 515 -0.92 22.85 10.54
N ALA B 516 -0.28 22.34 11.59
CA ALA B 516 0.49 23.21 12.47
C ALA B 516 1.66 23.85 11.71
N SER B 517 2.34 23.09 10.86
CA SER B 517 3.52 23.59 10.16
C SER B 517 3.69 22.83 8.87
N ASP B 518 4.65 23.27 8.07
CA ASP B 518 4.91 22.66 6.77
C ASP B 518 3.63 22.59 5.95
N ARG B 519 2.84 23.67 6.02
CA ARG B 519 1.66 23.80 5.18
C ARG B 519 2.04 23.75 3.71
N ASP B 520 1.16 23.17 2.90
CA ASP B 520 1.38 23.11 1.47
C ASP B 520 1.13 24.48 0.84
N ASP B 521 1.47 24.58 -0.44
CA ASP B 521 1.41 25.84 -1.15
C ASP B 521 -0.01 26.40 -1.18
N ILE B 522 -0.15 27.67 -0.73
CA ILE B 522 -1.45 28.34 -0.76
C ILE B 522 -2.11 28.18 -2.13
N ASN B 523 -1.29 28.15 -3.18
CA ASN B 523 -1.84 28.07 -4.52
C ASN B 523 -2.70 26.83 -4.70
N ASN B 524 -2.44 25.78 -3.92
CA ASN B 524 -3.16 24.54 -4.10
C ASN B 524 -4.67 24.70 -3.90
N LEU B 525 -5.09 25.68 -3.09
CA LEU B 525 -6.52 25.96 -2.93
C LEU B 525 -7.18 26.35 -4.24
N ILE B 526 -6.39 26.90 -5.18
CA ILE B 526 -6.94 27.26 -6.48
C ILE B 526 -7.08 26.03 -7.37
N THR B 527 -6.07 25.14 -7.36
CA THR B 527 -5.93 24.08 -8.35
C THR B 527 -6.36 22.71 -7.86
N ASN B 528 -6.29 22.46 -6.55
CA ASN B 528 -6.39 21.10 -6.02
C ASN B 528 -7.80 20.84 -5.46
N SER B 529 -8.72 20.68 -6.39
CA SER B 529 -10.09 20.31 -6.12
C SER B 529 -10.61 19.77 -7.42
N ILE B 530 -11.78 19.11 -7.38
CA ILE B 530 -12.37 18.69 -8.64
C ILE B 530 -12.64 19.90 -9.56
N VAL B 531 -12.68 21.13 -9.04
CA VAL B 531 -12.92 22.32 -9.84
C VAL B 531 -11.73 23.27 -9.72
N ASN B 532 -11.10 23.59 -10.86
CA ASN B 532 -10.06 24.61 -10.94
C ASN B 532 -10.69 26.00 -10.90
N ARG B 533 -10.31 26.80 -9.91
CA ARG B 533 -11.05 28.03 -9.65
C ARG B 533 -10.21 29.27 -9.92
N GLN B 534 -9.20 29.15 -10.79
CA GLN B 534 -8.42 30.33 -11.14
C GLN B 534 -9.30 31.39 -11.76
N ASN B 535 -10.01 31.04 -12.83
CA ASN B 535 -10.97 31.92 -13.45
C ASN B 535 -12.18 31.08 -13.86
N ASP B 536 -12.98 30.66 -12.86
CA ASP B 536 -14.18 29.86 -13.08
C ASP B 536 -15.33 30.79 -13.49
N VAL B 537 -15.50 30.94 -14.80
CA VAL B 537 -16.33 31.98 -15.38
C VAL B 537 -17.33 31.33 -16.35
N SER B 538 -17.59 30.04 -16.16
CA SER B 538 -18.46 29.31 -17.05
C SER B 538 -19.55 28.63 -16.23
N GLU B 539 -20.48 28.00 -16.94
CA GLU B 539 -21.53 27.18 -16.33
C GLU B 539 -21.71 25.90 -17.12
N ASN B 540 -22.19 24.85 -16.44
CA ASN B 540 -22.54 23.57 -17.05
C ASN B 540 -21.33 22.79 -17.53
N VAL B 541 -20.15 23.09 -17.02
CA VAL B 541 -18.94 22.42 -17.43
C VAL B 541 -18.38 21.54 -16.32
N ALA B 542 -18.38 22.03 -15.08
CA ALA B 542 -17.76 21.34 -13.96
C ALA B 542 -18.57 20.13 -13.55
N THR B 543 -17.89 19.18 -12.91
CA THR B 543 -18.56 18.00 -12.39
C THR B 543 -19.42 18.39 -11.20
N PRO B 544 -20.74 18.18 -11.26
CA PRO B 544 -21.61 18.47 -10.11
C PRO B 544 -21.11 17.74 -8.88
N ASN B 545 -20.85 18.49 -7.81
CA ASN B 545 -20.11 17.95 -6.70
C ASN B 545 -20.57 18.58 -5.39
N TRP B 546 -20.35 17.85 -4.31
CA TRP B 546 -20.48 18.41 -2.99
C TRP B 546 -19.12 18.36 -2.29
N SER B 547 -18.81 19.41 -1.53
CA SER B 547 -17.51 19.62 -0.90
C SER B 547 -17.70 19.97 0.58
N PHE B 548 -16.68 19.70 1.39
CA PHE B 548 -16.83 19.82 2.84
C PHE B 548 -15.50 20.25 3.48
N VAL B 549 -15.60 20.79 4.70
CA VAL B 549 -14.43 21.10 5.53
C VAL B 549 -14.26 19.98 6.56
N THR B 550 -15.37 19.43 7.03
CA THR B 550 -15.37 18.31 7.96
C THR B 550 -16.62 17.48 7.71
N ASN B 551 -16.52 16.16 7.93
CA ASN B 551 -17.68 15.31 8.13
C ASN B 551 -17.45 14.43 9.37
N HIS B 552 -18.48 13.65 9.75
CA HIS B 552 -18.43 12.86 10.98
C HIS B 552 -17.31 11.82 10.96
N ASP B 553 -16.89 11.38 9.77
CA ASP B 553 -15.82 10.41 9.65
C ASP B 553 -14.46 11.03 9.85
N GLN B 554 -14.29 12.30 9.49
CA GLN B 554 -12.99 12.94 9.73
C GLN B 554 -12.82 13.29 11.20
N ARG B 555 -13.90 13.69 11.87
CA ARG B 555 -13.85 13.90 13.32
C ARG B 555 -13.47 12.62 14.04
N LYS B 556 -14.05 11.49 13.60
CA LYS B 556 -13.79 10.19 14.23
C LYS B 556 -12.33 9.78 14.09
N ASN B 557 -11.79 9.86 12.87
CA ASN B 557 -10.40 9.49 12.65
C ASN B 557 -9.49 10.29 13.56
N LEU B 558 -9.81 11.56 13.77
CA LEU B 558 -8.96 12.37 14.64
C LEU B 558 -9.10 11.95 16.10
N ILE B 559 -10.32 11.75 16.58
CA ILE B 559 -10.52 11.30 17.97
C ILE B 559 -9.79 9.99 18.21
N ASN B 560 -10.01 9.00 17.34
CA ASN B 560 -9.31 7.73 17.46
C ASN B 560 -7.80 7.92 17.53
N GLN B 561 -7.28 8.82 16.70
CA GLN B 561 -5.84 9.02 16.65
C GLN B 561 -5.31 9.53 18.00
N ILE B 562 -6.07 10.41 18.65
CA ILE B 562 -5.78 10.82 20.02
C ILE B 562 -5.69 9.59 20.93
N VAL B 563 -6.72 8.74 20.86
CA VAL B 563 -6.72 7.50 21.65
C VAL B 563 -5.47 6.67 21.36
N ILE B 564 -5.14 6.51 20.07
CA ILE B 564 -3.96 5.71 19.72
C ILE B 564 -2.70 6.36 20.27
N ASP B 565 -2.57 7.68 20.15
CA ASP B 565 -1.39 8.35 20.74
C ASP B 565 -1.36 8.14 22.25
N ASP B 566 -2.52 8.09 22.89
CA ASP B 566 -2.62 7.96 24.32
C ASP B 566 -2.27 6.56 24.82
N HIS B 567 -2.16 5.59 23.91
CA HIS B 567 -1.91 4.19 24.26
C HIS B 567 -0.99 3.59 23.21
N PRO B 568 0.26 4.05 23.16
CA PRO B 568 1.17 3.60 22.09
C PRO B 568 1.49 2.13 22.22
N GLY B 569 1.62 1.46 21.08
CA GLY B 569 2.03 0.07 21.07
C GLY B 569 0.96 -0.92 21.44
N VAL B 570 -0.28 -0.49 21.66
CA VAL B 570 -1.36 -1.41 21.99
C VAL B 570 -2.12 -1.72 20.69
N ALA B 571 -2.03 -2.97 20.24
CA ALA B 571 -2.52 -3.31 18.91
C ALA B 571 -4.05 -3.33 18.86
N ASP B 572 -4.69 -3.82 19.92
CA ASP B 572 -6.14 -3.97 19.91
C ASP B 572 -6.88 -2.70 20.32
N ILE B 573 -6.19 -1.55 20.36
CA ILE B 573 -6.74 -0.36 20.99
C ILE B 573 -8.01 0.11 20.30
N MET B 574 -8.16 -0.19 19.01
CA MET B 574 -9.35 0.16 18.24
C MET B 574 -10.28 -1.02 18.04
N SER B 575 -9.94 -2.18 18.58
CA SER B 575 -10.80 -3.35 18.40
C SER B 575 -11.17 -3.96 19.76
N ASP B 576 -10.61 -5.12 20.09
CA ASP B 576 -10.98 -5.76 21.34
C ASP B 576 -10.57 -4.93 22.55
N GLY B 577 -9.54 -4.10 22.41
CA GLY B 577 -9.10 -3.22 23.46
C GLY B 577 -9.74 -1.85 23.48
N TYR B 578 -10.77 -1.62 22.66
CA TYR B 578 -11.44 -0.34 22.61
C TYR B 578 -12.22 -0.06 23.88
N LYS B 579 -12.20 1.18 24.34
CA LYS B 579 -12.92 1.56 25.54
C LYS B 579 -13.48 2.97 25.41
N ALA B 580 -14.76 3.13 25.75
CA ALA B 580 -15.37 4.45 25.66
C ALA B 580 -14.66 5.45 26.56
N GLU B 581 -14.18 5.00 27.73
CA GLU B 581 -13.49 5.94 28.60
C GLU B 581 -12.30 6.58 27.89
N TYR B 582 -11.61 5.84 27.01
CA TYR B 582 -10.51 6.45 26.29
C TYR B 582 -11.01 7.59 25.42
N VAL B 583 -12.12 7.34 24.71
CA VAL B 583 -12.74 8.35 23.88
C VAL B 583 -13.15 9.54 24.71
N ASN B 584 -13.75 9.31 25.88
CA ASN B 584 -14.03 10.41 26.80
C ASN B 584 -12.79 11.25 27.07
N GLN B 585 -11.66 10.58 27.32
CA GLN B 585 -10.41 11.32 27.56
C GLN B 585 -9.98 12.10 26.33
N ALA B 586 -10.06 11.46 25.15
CA ALA B 586 -9.68 12.14 23.92
C ALA B 586 -10.48 13.42 23.72
N TRP B 587 -11.75 13.43 24.15
CA TRP B 587 -12.58 14.61 23.96
C TRP B 587 -12.16 15.77 24.85
N LYS B 588 -11.84 15.51 26.12
CA LYS B 588 -11.25 16.53 26.96
C LYS B 588 -10.02 17.13 26.28
N GLU B 589 -9.23 16.29 25.63
CA GLU B 589 -8.08 16.79 24.88
C GLU B 589 -8.53 17.60 23.66
N PHE B 590 -9.52 17.10 22.90
CA PHE B 590 -9.95 17.79 21.69
C PHE B 590 -10.44 19.20 22.00
N TYR B 591 -11.25 19.34 23.05
CA TYR B 591 -11.79 20.65 23.40
C TYR B 591 -10.69 21.58 23.91
N ALA B 592 -9.77 21.06 24.71
CA ALA B 592 -8.70 21.90 25.24
C ALA B 592 -7.76 22.33 24.12
N ASP B 593 -7.32 21.37 23.29
CA ASP B 593 -6.44 21.68 22.18
C ASP B 593 -7.10 22.65 21.19
N GLN B 594 -8.41 22.50 20.99
CA GLN B 594 -9.15 23.40 20.11
C GLN B 594 -9.05 24.86 20.55
N ALA B 595 -9.03 25.11 21.86
CA ALA B 595 -8.96 26.49 22.31
C ALA B 595 -7.54 27.08 22.23
N ARG B 596 -6.53 26.25 21.99
CA ARG B 596 -5.15 26.73 21.97
C ARG B 596 -4.85 27.51 20.69
N THR B 597 -3.77 28.31 20.74
CA THR B 597 -3.21 28.85 19.51
C THR B 597 -2.33 27.82 18.83
N ASP B 598 -1.40 27.25 19.58
CA ASP B 598 -0.59 26.12 19.11
C ASP B 598 -1.41 24.86 19.29
N LYS B 599 -2.07 24.45 18.21
CA LYS B 599 -2.90 23.27 18.26
C LYS B 599 -2.06 22.04 17.95
N LYS B 600 -2.29 20.98 18.71
CA LYS B 600 -1.64 19.71 18.50
C LYS B 600 -2.50 18.73 17.69
N TYR B 601 -3.81 18.94 17.63
CA TYR B 601 -4.70 17.95 17.03
C TYR B 601 -5.77 18.58 16.16
N THR B 602 -6.35 19.68 16.63
CA THR B 602 -7.45 20.26 15.92
C THR B 602 -6.95 21.16 14.78
N GLN B 603 -7.85 21.44 13.86
CA GLN B 603 -7.51 22.16 12.65
C GLN B 603 -7.21 23.63 12.92
N TYR B 604 -6.10 24.11 12.37
CA TYR B 604 -5.85 25.54 12.25
C TYR B 604 -6.74 26.17 11.19
N ASN B 605 -7.00 27.46 11.35
CA ASN B 605 -7.66 28.25 10.31
C ASN B 605 -8.98 27.65 9.88
N LEU B 606 -9.71 27.04 10.81
CA LEU B 606 -11.05 26.53 10.46
C LEU B 606 -12.00 27.60 9.91
N PRO B 607 -12.06 28.82 10.45
CA PRO B 607 -12.88 29.85 9.79
C PRO B 607 -12.51 30.10 8.33
N ALA B 608 -11.22 30.19 8.03
CA ALA B 608 -10.81 30.45 6.64
C ALA B 608 -11.17 29.29 5.72
N GLN B 609 -11.02 28.06 6.22
CA GLN B 609 -11.49 26.89 5.48
C GLN B 609 -12.96 27.04 5.08
N TYR B 610 -13.83 27.33 6.06
CA TYR B 610 -15.25 27.54 5.76
C TYR B 610 -15.50 28.78 4.93
N ALA B 611 -14.73 29.85 5.16
CA ALA B 611 -14.81 31.01 4.27
C ALA B 611 -14.63 30.61 2.81
N LEU B 612 -13.64 29.74 2.53
CA LEU B 612 -13.37 29.33 1.15
C LEU B 612 -14.44 28.35 0.68
N LEU B 613 -14.72 27.34 1.48
CA LEU B 613 -15.78 26.40 1.15
C LEU B 613 -17.08 27.12 0.78
N LEU B 614 -17.51 28.07 1.61
CA LEU B 614 -18.81 28.69 1.41
C LEU B 614 -18.80 29.82 0.42
N THR B 615 -17.68 30.12 -0.21
CA THR B 615 -17.68 31.12 -1.27
C THR B 615 -17.32 30.56 -2.63
N ASN B 616 -16.85 29.30 -2.67
CA ASN B 616 -16.46 28.65 -3.92
C ASN B 616 -17.64 28.50 -4.88
N LYS B 617 -17.39 28.80 -6.16
CA LYS B 617 -18.35 28.54 -7.21
C LYS B 617 -18.31 27.06 -7.57
N ASP B 618 -19.37 26.59 -8.23
CA ASP B 618 -19.41 25.24 -8.84
C ASP B 618 -19.23 24.11 -7.85
N THR B 619 -20.07 24.12 -6.80
CA THR B 619 -20.09 23.10 -5.77
C THR B 619 -21.32 23.29 -4.90
N VAL B 620 -21.79 22.19 -4.32
CA VAL B 620 -22.80 22.27 -3.27
C VAL B 620 -22.06 22.09 -1.94
N PRO B 621 -21.78 23.13 -1.18
CA PRO B 621 -20.98 22.96 0.03
C PRO B 621 -21.76 22.30 1.16
N GLN B 622 -21.04 21.53 1.95
CA GLN B 622 -21.63 20.83 3.10
C GLN B 622 -20.97 21.30 4.39
N VAL B 623 -21.79 21.74 5.36
CA VAL B 623 -21.36 22.18 6.68
C VAL B 623 -21.52 21.01 7.67
N TYR B 624 -20.65 20.93 8.67
CA TYR B 624 -20.69 19.82 9.61
C TYR B 624 -21.29 20.26 10.95
N TYR B 625 -22.29 19.49 11.43
CA TYR B 625 -22.89 19.75 12.73
C TYR B 625 -21.85 19.96 13.81
N GLY B 626 -20.84 19.10 13.86
CA GLY B 626 -19.86 19.19 14.90
C GLY B 626 -18.93 20.36 14.81
N ASP B 627 -19.04 21.20 13.79
CA ASP B 627 -18.31 22.45 13.72
C ASP B 627 -19.12 23.64 14.18
N LEU B 628 -20.45 23.50 14.27
CA LEU B 628 -21.25 24.54 14.88
C LEU B 628 -21.54 24.27 16.35
N TYR B 629 -21.44 23.03 16.79
CA TYR B 629 -21.82 22.69 18.15
C TYR B 629 -20.80 21.74 18.77
N ASP B 630 -20.68 21.82 20.08
CA ASP B 630 -19.82 20.93 20.84
C ASP B 630 -20.49 19.58 20.90
N GLU B 631 -20.05 18.67 20.05
CA GLU B 631 -20.88 17.56 19.60
C GLU B 631 -21.02 16.45 20.61
N THR B 632 -20.26 16.46 21.70
CA THR B 632 -20.49 15.44 22.71
C THR B 632 -21.56 15.83 23.71
N ASP B 633 -21.94 17.11 23.76
CA ASP B 633 -23.04 17.56 24.60
C ASP B 633 -24.37 17.18 23.95
N GLN B 634 -25.46 17.32 24.71
CA GLN B 634 -26.79 17.07 24.17
C GLN B 634 -27.00 17.90 22.90
N TYR B 635 -27.85 17.40 22.01
CA TYR B 635 -27.91 17.92 20.65
C TYR B 635 -28.21 19.41 20.61
N MET B 636 -27.36 20.16 19.91
CA MET B 636 -27.46 21.62 19.76
C MET B 636 -27.50 22.38 21.07
N GLN B 637 -27.15 21.75 22.18
CA GLN B 637 -27.23 22.47 23.45
C GLN B 637 -26.07 23.44 23.64
N ASN B 638 -24.92 23.15 23.06
CA ASN B 638 -23.68 23.90 23.33
C ASN B 638 -23.09 24.39 22.02
N LYS B 639 -23.12 25.69 21.78
CA LYS B 639 -22.45 26.20 20.59
C LYS B 639 -20.95 26.07 20.74
N SER B 640 -20.26 25.92 19.61
CA SER B 640 -18.82 25.76 19.64
C SER B 640 -18.15 27.13 19.50
N VAL B 641 -16.83 27.16 19.56
CA VAL B 641 -16.11 28.41 19.36
C VAL B 641 -16.26 28.91 17.93
N TYR B 642 -16.62 28.05 16.98
CA TYR B 642 -16.66 28.40 15.56
C TYR B 642 -18.06 28.76 15.07
N TYR B 643 -19.06 28.72 15.95
CA TYR B 643 -20.44 28.96 15.53
C TYR B 643 -20.60 30.34 14.90
N ASP B 644 -20.24 31.39 15.65
CA ASP B 644 -20.42 32.76 15.18
C ASP B 644 -19.81 32.96 13.80
N ALA B 645 -18.60 32.43 13.60
CA ALA B 645 -17.90 32.67 12.35
C ALA B 645 -18.53 31.90 11.20
N ILE B 646 -18.78 30.60 11.39
CA ILE B 646 -19.33 29.81 10.29
C ILE B 646 -20.71 30.32 9.91
N THR B 647 -21.56 30.57 10.91
CA THR B 647 -22.91 31.05 10.59
C THR B 647 -22.86 32.44 9.95
N THR B 648 -21.91 33.29 10.37
CA THR B 648 -21.78 34.60 9.69
C THR B 648 -21.49 34.41 8.20
N LEU B 649 -20.52 33.55 7.88
CA LEU B 649 -20.27 33.23 6.48
C LEU B 649 -21.48 32.52 5.87
N MET B 650 -22.17 31.68 6.64
CA MET B 650 -23.31 30.96 6.07
C MET B 650 -24.37 31.94 5.61
N LYS B 651 -24.79 32.83 6.51
CA LYS B 651 -25.82 33.80 6.19
C LYS B 651 -25.37 34.72 5.07
N ALA B 652 -24.09 35.10 5.08
CA ALA B 652 -23.58 35.98 4.03
C ALA B 652 -23.71 35.35 2.66
N ARG B 653 -23.61 34.01 2.57
CA ARG B 653 -23.68 33.36 1.26
C ARG B 653 -25.01 33.65 0.58
N LYS B 654 -26.10 33.67 1.35
CA LYS B 654 -27.42 34.02 0.84
C LYS B 654 -27.42 35.38 0.14
N SER B 655 -26.61 36.30 0.63
CA SER B 655 -26.69 37.68 0.16
C SER B 655 -25.63 38.06 -0.85
N TYR B 656 -24.47 37.38 -0.87
CA TYR B 656 -23.33 37.88 -1.64
C TYR B 656 -22.71 36.91 -2.63
N VAL B 657 -22.96 35.61 -2.53
CA VAL B 657 -22.09 34.62 -3.18
C VAL B 657 -22.75 34.14 -4.47
N SER B 658 -22.31 34.70 -5.59
CA SER B 658 -22.86 34.35 -6.91
C SER B 658 -21.96 34.98 -7.97
N GLY B 659 -22.19 34.62 -9.22
CA GLY B 659 -21.36 35.14 -10.28
C GLY B 659 -20.07 34.36 -10.46
N GLY B 660 -19.25 34.84 -11.41
CA GLY B 660 -17.99 34.19 -11.70
C GLY B 660 -17.07 34.19 -10.49
N GLN B 661 -15.97 33.46 -10.61
CA GLN B 661 -14.98 33.36 -9.55
C GLN B 661 -13.59 33.59 -10.13
N SER B 662 -12.78 34.35 -9.41
CA SER B 662 -11.36 34.47 -9.70
C SER B 662 -10.57 34.30 -8.42
N MET B 663 -9.52 33.49 -8.48
CA MET B 663 -8.58 33.33 -7.39
C MET B 663 -7.21 33.72 -7.90
N ILE B 664 -6.42 34.37 -7.04
CA ILE B 664 -5.15 34.97 -7.42
C ILE B 664 -4.17 34.76 -6.28
N LYS B 665 -3.02 34.13 -6.57
CA LYS B 665 -1.96 34.01 -5.59
C LYS B 665 -1.24 35.34 -5.49
N ILE B 666 -1.29 35.97 -4.32
CA ILE B 666 -0.70 37.30 -4.15
C ILE B 666 0.77 37.20 -3.76
N ASN B 667 1.09 36.33 -2.80
CA ASN B 667 2.46 35.98 -2.48
C ASN B 667 2.47 34.50 -2.11
N ASP B 668 3.59 34.05 -1.57
CA ASP B 668 3.76 32.62 -1.31
C ASP B 668 2.75 32.10 -0.31
N HIS B 669 2.09 32.97 0.43
CA HIS B 669 1.27 32.53 1.54
C HIS B 669 -0.08 33.25 1.59
N LEU B 670 -0.56 33.75 0.46
CA LEU B 670 -1.67 34.69 0.51
C LEU B 670 -2.40 34.70 -0.84
N LEU B 671 -3.72 34.49 -0.79
CA LEU B 671 -4.51 34.59 -2.00
C LEU B 671 -5.79 35.37 -1.73
N THR B 672 -6.40 35.86 -2.81
CA THR B 672 -7.75 36.35 -2.80
C THR B 672 -8.61 35.47 -3.68
N SER B 673 -9.83 35.23 -3.24
CA SER B 673 -10.86 34.56 -4.00
C SER B 673 -12.04 35.51 -4.06
N VAL B 674 -12.57 35.73 -5.27
CA VAL B 674 -13.58 36.76 -5.50
C VAL B 674 -14.72 36.18 -6.31
N ARG B 675 -15.95 36.47 -5.88
CA ARG B 675 -17.13 36.22 -6.68
C ARG B 675 -17.68 37.56 -7.14
N TYR B 676 -18.16 37.62 -8.37
CA TYR B 676 -18.51 38.90 -8.99
C TYR B 676 -19.95 39.34 -8.71
N GLY B 677 -20.77 38.50 -8.11
CA GLY B 677 -22.14 38.86 -7.79
C GLY B 677 -23.14 38.29 -8.78
N LYS B 678 -24.41 38.36 -8.38
CA LYS B 678 -25.46 37.65 -9.11
C LYS B 678 -25.55 38.07 -10.58
N GLY B 679 -25.49 37.09 -11.47
CA GLY B 679 -25.64 37.34 -12.88
C GLY B 679 -24.42 37.92 -13.57
N ILE B 680 -23.34 38.21 -12.83
CA ILE B 680 -22.13 38.80 -13.41
C ILE B 680 -21.14 37.69 -13.76
N ILE B 681 -20.85 37.57 -15.04
CA ILE B 681 -20.07 36.43 -15.54
C ILE B 681 -18.62 36.50 -15.08
N ASP B 682 -17.99 37.67 -15.17
CA ASP B 682 -16.54 37.75 -14.94
C ASP B 682 -16.16 39.17 -14.53
N GLY B 683 -14.86 39.37 -14.34
CA GLY B 683 -14.34 40.64 -13.82
C GLY B 683 -14.39 41.79 -14.79
N ASN B 684 -14.66 41.53 -16.07
CA ASN B 684 -14.73 42.56 -17.11
C ASN B 684 -16.13 43.05 -17.36
N VAL B 685 -17.15 42.35 -16.85
CA VAL B 685 -18.53 42.81 -17.04
C VAL B 685 -18.71 44.15 -16.35
N SER B 686 -19.35 45.07 -17.06
CA SER B 686 -19.54 46.44 -16.59
C SER B 686 -20.99 46.74 -16.24
N MET B 687 -21.95 46.04 -16.83
CA MET B 687 -23.35 46.38 -16.70
C MET B 687 -24.10 45.25 -16.00
N THR B 688 -24.98 45.61 -15.09
CA THR B 688 -25.64 44.64 -14.23
C THR B 688 -26.85 45.32 -13.60
N ASP B 689 -27.75 44.48 -13.07
CA ASP B 689 -28.93 44.97 -12.38
C ASP B 689 -28.57 45.30 -10.93
N ILE B 690 -29.57 45.61 -10.11
CA ILE B 690 -29.26 46.04 -8.75
C ILE B 690 -28.82 44.84 -7.90
N LEU B 691 -29.37 43.65 -8.14
CA LEU B 691 -28.98 42.50 -7.34
C LEU B 691 -27.52 42.16 -7.57
N GLY B 692 -27.05 42.31 -8.81
CA GLY B 692 -25.65 42.05 -9.09
C GLY B 692 -24.75 43.11 -8.48
N ARG B 693 -25.09 44.38 -8.70
CA ARG B 693 -24.30 45.48 -8.18
C ARG B 693 -24.02 45.34 -6.68
N ASN B 694 -24.94 44.77 -5.91
CA ASN B 694 -24.82 44.77 -4.46
C ASN B 694 -24.41 43.43 -3.90
N SER B 695 -23.95 42.53 -4.74
CA SER B 695 -23.46 41.23 -4.27
C SER B 695 -22.04 40.98 -4.81
N GLY B 696 -21.57 39.76 -4.67
CA GLY B 696 -20.16 39.49 -4.79
C GLY B 696 -19.48 39.62 -3.45
N ILE B 697 -18.21 39.22 -3.42
CA ILE B 697 -17.53 39.03 -2.15
C ILE B 697 -16.05 38.80 -2.43
N ALA B 698 -15.19 39.29 -1.53
CA ALA B 698 -13.77 39.01 -1.58
C ALA B 698 -13.40 38.29 -0.29
N VAL B 699 -12.73 37.15 -0.43
CA VAL B 699 -12.14 36.43 0.70
C VAL B 699 -10.63 36.51 0.54
N VAL B 700 -9.95 36.90 1.60
CA VAL B 700 -8.51 36.99 1.61
C VAL B 700 -7.99 36.04 2.68
N VAL B 701 -7.09 35.15 2.28
CA VAL B 701 -6.68 34.02 3.09
C VAL B 701 -5.15 33.95 3.06
N GLY B 702 -4.54 34.09 4.23
CA GLY B 702 -3.12 33.84 4.39
C GLY B 702 -2.89 32.68 5.34
N ASN B 703 -1.82 31.91 5.08
CA ASN B 703 -1.44 30.79 5.95
C ASN B 703 -0.03 30.94 6.55
N ASP B 704 0.48 32.16 6.67
CA ASP B 704 1.77 32.43 7.30
C ASP B 704 1.51 33.37 8.47
N ALA B 705 1.62 32.85 9.69
CA ALA B 705 1.29 33.66 10.87
C ALA B 705 2.26 34.82 11.08
N GLN B 706 3.43 34.79 10.44
CA GLN B 706 4.40 35.87 10.52
C GLN B 706 4.46 36.69 9.24
N MET B 707 3.43 36.61 8.39
CA MET B 707 3.46 37.37 7.15
C MET B 707 3.54 38.87 7.46
N ALA B 708 4.33 39.57 6.66
CA ALA B 708 4.59 40.98 6.94
C ALA B 708 3.35 41.81 6.65
N ASN B 709 3.25 42.95 7.35
CA ASN B 709 2.21 43.91 7.03
C ASN B 709 2.41 44.39 5.60
N GLN B 710 1.34 44.39 4.82
CA GLN B 710 1.45 44.79 3.42
C GLN B 710 0.07 45.18 2.92
N THR B 711 0.07 45.99 1.88
CA THR B 711 -1.14 46.45 1.21
C THR B 711 -1.32 45.62 -0.05
N ILE B 712 -2.56 45.26 -0.36
CA ILE B 712 -2.84 44.46 -1.54
C ILE B 712 -3.98 45.09 -2.31
N SER B 713 -4.10 44.70 -3.58
CA SER B 713 -5.15 45.13 -4.47
C SER B 713 -6.05 43.95 -4.81
N ILE B 714 -7.36 44.15 -4.71
CA ILE B 714 -8.34 43.12 -5.00
C ILE B 714 -9.25 43.62 -6.10
N ASN B 715 -9.25 42.93 -7.23
CA ASN B 715 -10.14 43.28 -8.31
C ASN B 715 -11.53 42.73 -8.03
N MET B 716 -12.49 43.63 -7.78
CA MET B 716 -13.87 43.22 -7.53
C MET B 716 -14.70 43.16 -8.81
N GLY B 717 -14.21 43.75 -9.90
CA GLY B 717 -14.91 43.69 -11.17
C GLY B 717 -15.37 45.04 -11.64
N LYS B 718 -15.42 45.24 -12.98
CA LYS B 718 -15.89 46.51 -13.52
C LYS B 718 -17.31 46.84 -13.07
N ALA B 719 -18.11 45.83 -12.73
CA ALA B 719 -19.45 46.07 -12.21
C ALA B 719 -19.45 46.69 -10.81
N HIS B 720 -18.28 46.85 -10.18
CA HIS B 720 -18.18 47.29 -8.80
C HIS B 720 -17.25 48.49 -8.64
N ALA B 721 -17.17 49.34 -9.67
CA ALA B 721 -16.39 50.56 -9.56
C ALA B 721 -17.12 51.61 -8.74
N ASN B 722 -16.36 52.37 -7.97
CA ASN B 722 -16.91 53.43 -7.12
C ASN B 722 -18.05 52.88 -6.26
N GLN B 723 -17.70 51.92 -5.42
CA GLN B 723 -18.69 51.25 -4.57
C GLN B 723 -18.12 51.09 -3.17
N ALA B 724 -18.99 51.33 -2.18
CA ALA B 724 -18.64 51.18 -0.78
C ALA B 724 -18.68 49.72 -0.38
N TYR B 725 -17.67 49.30 0.39
CA TYR B 725 -17.57 47.94 0.88
C TYR B 725 -17.47 47.94 2.40
N LYS B 726 -17.95 46.87 3.01
CA LYS B 726 -17.84 46.65 4.43
C LYS B 726 -17.14 45.33 4.66
N GLN B 727 -16.41 45.24 5.77
CA GLN B 727 -15.69 44.02 6.11
C GLN B 727 -16.61 43.12 6.93
N LEU B 728 -17.10 42.06 6.31
CA LEU B 728 -17.99 41.10 6.98
C LEU B 728 -17.27 40.37 8.10
N LEU B 729 -15.99 40.06 7.93
CA LEU B 729 -15.28 39.25 8.90
C LEU B 729 -13.78 39.50 8.72
N GLY B 730 -13.09 39.75 9.82
CA GLY B 730 -11.67 40.07 9.79
C GLY B 730 -10.95 39.46 10.98
N THR B 731 -9.64 39.68 11.01
CA THR B 731 -8.77 39.16 12.05
C THR B 731 -8.36 40.28 12.98
N ILE B 732 -8.33 39.97 14.28
CA ILE B 732 -7.79 40.84 15.32
C ILE B 732 -6.77 40.03 16.12
N ASP B 733 -5.97 40.73 16.94
CA ASP B 733 -4.90 40.06 17.68
C ASP B 733 -5.41 38.81 18.39
N SER B 734 -6.58 38.89 19.02
CA SER B 734 -7.09 37.79 19.81
C SER B 734 -7.96 36.82 19.02
N GLY B 735 -8.47 37.21 17.85
CA GLY B 735 -9.31 36.29 17.13
C GLY B 735 -9.96 36.88 15.92
N LEU B 736 -11.29 36.86 15.91
CA LEU B 736 -12.02 37.36 14.75
C LEU B 736 -12.98 38.48 15.12
N THR B 737 -13.11 39.46 14.24
CA THR B 737 -14.13 40.48 14.36
C THR B 737 -15.07 40.31 13.19
N SER B 738 -16.31 40.63 13.45
CA SER B 738 -17.26 40.87 12.37
C SER B 738 -17.96 42.23 12.53
N SER B 739 -17.35 43.15 13.28
CA SER B 739 -18.00 44.42 13.61
C SER B 739 -17.09 45.61 13.31
N ASP B 740 -16.04 45.43 12.54
CA ASP B 740 -15.28 46.55 12.00
C ASP B 740 -16.22 47.52 11.28
N THR B 741 -16.28 48.75 11.79
CA THR B 741 -17.15 49.77 11.23
C THR B 741 -16.58 50.47 10.02
N THR B 742 -15.39 50.10 9.57
CA THR B 742 -14.74 50.84 8.49
C THR B 742 -15.48 50.66 7.16
N ILE B 743 -15.59 51.74 6.40
CA ILE B 743 -16.19 51.72 5.07
C ILE B 743 -15.05 51.83 4.06
N TYR B 744 -14.91 50.81 3.22
CA TYR B 744 -13.88 50.79 2.20
C TYR B 744 -14.51 51.13 0.87
N HIS B 745 -13.67 51.63 -0.06
CA HIS B 745 -14.18 52.08 -1.35
C HIS B 745 -13.33 51.52 -2.48
N THR B 746 -13.97 51.20 -3.58
CA THR B 746 -13.27 50.77 -4.78
C THR B 746 -12.97 51.97 -5.68
N ASP B 747 -11.86 51.91 -6.40
CA ASP B 747 -11.50 52.93 -7.37
C ASP B 747 -12.43 52.79 -8.57
N SER B 748 -12.12 53.52 -9.66
CA SER B 748 -12.96 53.50 -10.85
C SER B 748 -12.79 52.24 -11.69
N ASN B 749 -11.92 51.30 -11.28
CA ASN B 749 -11.81 50.03 -11.98
C ASN B 749 -12.38 48.86 -11.18
N GLY B 750 -12.92 49.10 -10.00
CA GLY B 750 -13.41 48.04 -9.14
C GLY B 750 -12.39 47.48 -8.20
N VAL B 751 -11.28 48.16 -8.00
CA VAL B 751 -10.19 47.65 -7.20
C VAL B 751 -10.37 48.10 -5.76
N LEU B 752 -10.21 47.15 -4.84
CA LEU B 752 -10.29 47.39 -3.41
C LEU B 752 -8.90 47.21 -2.81
N ASN B 753 -8.42 48.24 -2.14
CA ASN B 753 -7.11 48.21 -1.52
C ASN B 753 -7.28 48.03 -0.01
N VAL B 754 -6.79 46.90 0.50
CA VAL B 754 -6.80 46.63 1.93
C VAL B 754 -5.38 46.31 2.37
N THR B 755 -5.18 46.36 3.69
CA THR B 755 -3.88 46.15 4.32
C THR B 755 -4.01 44.98 5.29
N VAL B 756 -3.18 43.96 5.09
CA VAL B 756 -3.27 42.70 5.84
C VAL B 756 -1.89 42.29 6.33
N LYS B 757 -1.89 41.53 7.42
CA LYS B 757 -0.66 41.03 8.02
C LYS B 757 -0.98 39.68 8.65
N GLY B 758 0.08 38.98 9.04
CA GLY B 758 -0.08 37.69 9.68
C GLY B 758 -0.40 37.82 11.16
N TYR B 759 -1.17 36.85 11.66
CA TYR B 759 -1.60 36.82 13.04
C TYR B 759 -1.48 35.40 13.55
N SER B 760 -1.56 35.25 14.87
CA SER B 760 -1.49 33.92 15.47
C SER B 760 -2.37 33.92 16.71
N ASN B 761 -3.51 33.25 16.61
CA ASN B 761 -4.50 33.18 17.68
C ASN B 761 -5.32 31.93 17.44
N PRO B 762 -6.16 31.51 18.41
CA PRO B 762 -6.86 30.22 18.23
C PRO B 762 -7.62 30.11 16.92
N TYR B 763 -7.99 31.25 16.32
CA TYR B 763 -8.90 31.28 15.19
C TYR B 763 -8.21 31.47 13.86
N VAL B 764 -7.01 32.07 13.86
CA VAL B 764 -6.32 32.40 12.62
C VAL B 764 -4.84 32.17 12.82
N SER B 765 -4.24 31.39 11.91
CA SER B 765 -2.79 31.19 11.85
C SER B 765 -2.38 31.58 10.43
N GLY B 766 -2.06 32.85 10.25
CA GLY B 766 -2.02 33.46 8.92
C GLY B 766 -2.92 34.68 8.93
N TYR B 767 -3.86 34.77 7.98
CA TYR B 767 -4.80 35.90 7.91
C TYR B 767 -6.16 35.42 7.40
N LEU B 768 -7.21 36.13 7.79
CA LEU B 768 -8.53 35.98 7.18
C LEU B 768 -9.22 37.33 7.15
N GLY B 769 -9.79 37.68 6.00
CA GLY B 769 -10.53 38.92 5.82
C GLY B 769 -11.54 38.83 4.69
N VAL B 770 -12.76 39.35 4.89
CA VAL B 770 -13.86 39.17 3.94
C VAL B 770 -14.60 40.49 3.76
N TRP B 771 -14.68 40.95 2.52
CA TRP B 771 -15.38 42.20 2.20
C TRP B 771 -16.57 41.94 1.28
N VAL B 772 -17.66 42.67 1.51
CA VAL B 772 -18.86 42.60 0.68
C VAL B 772 -19.42 44.00 0.47
N PRO B 773 -20.24 44.19 -0.57
CA PRO B 773 -20.86 45.50 -0.80
C PRO B 773 -21.70 45.96 0.39
N LEU B 774 -21.59 47.26 0.69
CA LEU B 774 -22.28 47.86 1.82
C LEU B 774 -23.80 47.83 1.62
N ASN B 775 -24.28 48.19 0.44
CA ASN B 775 -25.72 48.18 0.17
C ASN B 775 -26.28 46.79 -0.09
N GLY B 776 -25.54 45.73 0.23
CA GLY B 776 -26.03 44.40 -0.02
C GLY B 776 -26.89 43.90 1.12
N GLY B 777 -27.54 42.76 0.88
CA GLY B 777 -28.23 42.03 1.92
C GLY B 777 -29.36 41.21 1.33
N ALA B 778 -29.85 41.67 0.19
CA ALA B 778 -30.95 41.00 -0.50
C ALA B 778 -30.51 39.60 -0.91
N ASN B 779 -31.45 38.66 -0.82
CA ASN B 779 -31.18 37.27 -1.22
C ASN B 779 -30.79 37.21 -2.70
N ILE B 780 -29.83 36.35 -3.03
CA ILE B 780 -29.39 36.26 -4.42
C ILE B 780 -29.27 34.82 -4.89
N THR B 781 -29.85 33.87 -4.14
CA THR B 781 -29.87 32.51 -4.65
C THR B 781 -30.58 32.48 -5.98
N THR B 782 -30.28 31.47 -6.78
CA THR B 782 -30.85 31.33 -8.11
C THR B 782 -31.74 30.11 -8.18
N LYS B 783 -32.94 30.28 -8.73
CA LYS B 783 -33.87 29.18 -8.93
C LYS B 783 -33.60 28.50 -10.27
N ALA B 784 -33.91 27.21 -10.33
CA ALA B 784 -33.61 26.45 -11.53
C ALA B 784 -34.18 27.11 -12.78
N SER B 785 -35.29 27.83 -12.63
CA SER B 785 -35.97 28.44 -13.76
C SER B 785 -35.27 29.66 -14.31
N GLU B 786 -34.23 30.17 -13.64
CA GLU B 786 -33.52 31.34 -14.15
C GLU B 786 -32.33 30.96 -15.01
N VAL B 787 -31.92 29.70 -14.99
CA VAL B 787 -30.78 29.24 -15.77
C VAL B 787 -31.28 28.21 -16.76
N THR B 788 -30.53 28.06 -17.85
CA THR B 788 -30.95 27.21 -18.95
C THR B 788 -30.84 25.74 -18.57
N ASN B 789 -31.97 25.03 -18.64
CA ASN B 789 -32.03 23.61 -18.33
C ASN B 789 -31.18 22.80 -19.31
N GLN B 790 -30.50 21.77 -18.78
CA GLN B 790 -29.61 20.92 -19.56
C GLN B 790 -30.32 19.60 -19.85
N SER B 791 -30.74 19.40 -21.10
CA SER B 791 -31.65 18.32 -21.43
C SER B 791 -31.00 16.96 -21.38
N ASP B 792 -29.67 16.88 -21.32
CA ASP B 792 -28.93 15.62 -21.35
C ASP B 792 -28.22 15.31 -20.04
N LYS B 793 -28.40 16.14 -19.01
CA LYS B 793 -27.82 15.92 -17.69
C LYS B 793 -28.92 15.66 -16.69
N THR B 794 -28.53 15.09 -15.56
CA THR B 794 -29.40 15.10 -14.39
C THR B 794 -29.01 16.32 -13.55
N TYR B 795 -27.82 16.28 -12.94
CA TYR B 795 -27.26 17.44 -12.28
C TYR B 795 -26.32 18.16 -13.24
N SER B 796 -26.40 19.47 -13.23
CA SER B 796 -25.47 20.31 -13.98
C SER B 796 -24.99 21.43 -13.07
N SER B 797 -23.73 21.79 -13.18
CA SER B 797 -23.12 22.70 -12.20
C SER B 797 -23.31 24.15 -12.67
N ASN B 798 -24.28 24.84 -12.07
CA ASN B 798 -24.55 26.23 -12.44
C ASN B 798 -25.10 26.96 -11.21
N ALA B 799 -25.57 28.21 -11.40
CA ALA B 799 -25.93 29.03 -10.25
C ALA B 799 -27.05 28.41 -9.42
N ALA B 800 -28.00 27.70 -10.05
CA ALA B 800 -29.07 27.12 -9.26
C ALA B 800 -28.55 25.97 -8.39
N LEU B 801 -27.80 25.04 -8.98
CA LEU B 801 -27.16 24.02 -8.16
C LEU B 801 -26.27 24.66 -7.11
N ASP B 802 -25.53 25.72 -7.47
CA ASP B 802 -24.65 26.39 -6.53
C ASP B 802 -25.42 27.05 -5.40
N SER B 803 -26.73 27.21 -5.56
CA SER B 803 -27.53 27.85 -4.54
C SER B 803 -27.82 26.93 -3.36
N HIS B 804 -27.62 25.62 -3.51
CA HIS B 804 -27.89 24.67 -2.45
C HIS B 804 -26.76 24.62 -1.42
N VAL B 805 -27.12 24.30 -0.17
CA VAL B 805 -26.18 24.05 0.91
C VAL B 805 -26.63 22.81 1.68
N ILE B 806 -25.73 21.80 1.80
CA ILE B 806 -26.02 20.55 2.50
C ILE B 806 -25.63 20.72 3.96
N TYR B 807 -26.41 20.13 4.87
CA TYR B 807 -26.05 20.17 6.28
C TYR B 807 -26.03 18.75 6.83
N GLU B 808 -24.87 18.33 7.29
CA GLU B 808 -24.71 17.04 7.98
C GLU B 808 -25.19 17.21 9.41
N ASP B 809 -26.28 16.53 9.76
CA ASP B 809 -27.02 16.83 10.96
C ASP B 809 -26.51 16.13 12.20
N PHE B 810 -25.45 15.32 12.12
CA PHE B 810 -25.13 14.45 13.25
C PHE B 810 -23.63 14.32 13.46
N SER B 811 -23.30 13.85 14.66
CA SER B 811 -21.96 13.40 14.99
C SER B 811 -22.07 12.00 15.57
N LEU B 812 -21.10 11.14 15.23
CA LEU B 812 -21.06 9.81 15.85
C LEU B 812 -20.99 9.88 17.37
N PHE B 813 -20.45 10.98 17.91
CA PHE B 813 -20.26 11.15 19.35
C PHE B 813 -21.40 11.91 20.00
N GLN B 814 -22.48 12.14 19.28
CA GLN B 814 -23.70 12.63 19.89
C GLN B 814 -24.05 11.72 21.06
N PRO B 815 -24.44 12.26 22.21
CA PRO B 815 -24.78 11.42 23.36
C PRO B 815 -26.18 10.85 23.21
N GLU B 816 -26.51 9.91 24.12
CA GLU B 816 -27.91 9.50 24.22
C GLU B 816 -28.70 10.59 24.95
N PRO B 817 -29.89 10.90 24.47
CA PRO B 817 -30.71 11.90 25.17
C PRO B 817 -31.18 11.35 26.50
N THR B 818 -31.40 12.25 27.46
CA THR B 818 -31.91 11.82 28.76
C THR B 818 -33.39 12.18 28.97
N SER B 819 -34.02 12.82 27.99
CA SER B 819 -35.42 13.18 28.06
C SER B 819 -35.98 13.20 26.65
N LYS B 820 -37.31 13.33 26.58
CA LYS B 820 -37.97 13.52 25.29
C LYS B 820 -37.53 14.83 24.64
N ALA B 821 -37.43 15.88 25.44
CA ALA B 821 -37.01 17.18 24.93
C ALA B 821 -35.62 17.15 24.33
N GLU B 822 -34.82 16.13 24.65
CA GLU B 822 -33.46 16.04 24.16
C GLU B 822 -33.31 15.23 22.87
N HIS B 823 -34.36 14.59 22.37
CA HIS B 823 -34.22 13.84 21.12
C HIS B 823 -33.83 14.77 19.97
N ALA B 824 -32.85 14.33 19.19
CA ALA B 824 -32.38 15.13 18.07
C ALA B 824 -33.52 15.46 17.11
N TYR B 825 -34.46 14.54 16.91
CA TYR B 825 -35.59 14.85 16.04
C TYR B 825 -36.43 15.99 16.61
N ASN B 826 -36.73 15.94 17.91
CA ASN B 826 -37.58 16.97 18.48
C ASN B 826 -36.91 18.33 18.38
N ILE B 827 -35.61 18.40 18.71
CA ILE B 827 -34.90 19.66 18.61
C ILE B 827 -34.85 20.13 17.16
N ILE B 828 -34.74 19.20 16.20
CA ILE B 828 -34.65 19.64 14.81
C ILE B 828 -35.95 20.30 14.38
N ALA B 829 -37.08 19.72 14.79
CA ALA B 829 -38.37 20.33 14.48
C ALA B 829 -38.46 21.74 15.06
N ASP B 830 -38.08 21.91 16.33
CA ASP B 830 -38.14 23.23 16.93
C ASP B 830 -37.19 24.24 16.28
N ASN B 831 -36.22 23.82 15.48
CA ASN B 831 -35.19 24.72 14.95
C ASN B 831 -35.18 24.87 13.43
N ALA B 832 -36.26 24.49 12.74
CA ALA B 832 -36.25 24.51 11.28
C ALA B 832 -35.95 25.92 10.73
N SER B 833 -36.47 26.97 11.38
CA SER B 833 -36.23 28.33 10.89
C SER B 833 -34.76 28.70 10.98
N LEU B 834 -34.08 28.26 12.04
CA LEU B 834 -32.64 28.50 12.13
C LEU B 834 -31.92 27.95 10.91
N PHE B 835 -32.22 26.70 10.55
CA PHE B 835 -31.52 26.08 9.43
C PHE B 835 -31.73 26.86 8.14
N ASN B 836 -32.95 27.34 7.91
CA ASN B 836 -33.22 28.10 6.71
C ASN B 836 -32.63 29.50 6.78
N GLU B 837 -32.54 30.08 7.97
CA GLU B 837 -31.85 31.36 8.11
C GLU B 837 -30.38 31.23 7.75
N LEU B 838 -29.80 30.06 8.01
CA LEU B 838 -28.44 29.76 7.61
C LEU B 838 -28.31 29.42 6.13
N GLY B 839 -29.39 29.46 5.37
CA GLY B 839 -29.29 29.14 3.96
C GLY B 839 -29.09 27.69 3.66
N ILE B 840 -29.20 26.80 4.66
CA ILE B 840 -29.23 25.37 4.35
C ILE B 840 -30.47 25.07 3.54
N THR B 841 -30.30 24.28 2.49
CA THR B 841 -31.40 23.85 1.66
C THR B 841 -31.57 22.34 1.62
N ASP B 842 -30.58 21.58 2.10
CA ASP B 842 -30.56 20.13 1.96
C ASP B 842 -30.08 19.51 3.26
N PHE B 843 -30.99 18.86 3.96
CA PHE B 843 -30.76 18.43 5.32
C PHE B 843 -30.36 16.97 5.26
N TRP B 844 -29.07 16.69 5.37
CA TRP B 844 -28.58 15.32 5.43
C TRP B 844 -28.91 14.75 6.81
N MET B 845 -29.87 13.86 6.86
CA MET B 845 -30.30 13.29 8.12
C MET B 845 -29.52 12.02 8.39
N ALA B 846 -29.16 11.83 9.67
CA ALA B 846 -28.36 10.70 10.09
C ALA B 846 -29.06 9.39 9.72
N PRO B 847 -28.31 8.31 9.57
CA PRO B 847 -28.93 7.00 9.33
C PRO B 847 -29.89 6.68 10.46
N ALA B 848 -31.17 6.56 10.11
CA ALA B 848 -32.24 6.53 11.10
C ALA B 848 -32.61 5.12 11.55
N TYR B 849 -31.88 4.10 11.10
CA TYR B 849 -32.25 2.71 11.33
C TYR B 849 -32.03 2.31 12.79
N THR B 850 -32.72 1.26 13.20
CA THR B 850 -32.57 0.74 14.55
C THR B 850 -31.12 0.28 14.75
N PRO B 851 -30.37 0.89 15.66
CA PRO B 851 -28.98 0.48 15.84
C PRO B 851 -28.90 -0.89 16.50
N PHE B 852 -27.89 -1.65 16.10
CA PHE B 852 -27.48 -2.81 16.88
C PHE B 852 -27.10 -2.36 18.28
N ASN B 853 -27.66 -3.00 19.31
CA ASN B 853 -27.63 -2.33 20.62
C ASN B 853 -26.26 -2.34 21.30
N THR B 854 -25.25 -2.98 20.70
CA THR B 854 -23.89 -2.91 21.22
C THR B 854 -22.91 -2.35 20.19
N SER B 855 -23.41 -1.66 19.17
CA SER B 855 -22.55 -0.96 18.24
C SER B 855 -21.81 0.17 18.97
N ARG B 856 -20.78 0.69 18.31
CA ARG B 856 -19.83 1.58 18.98
C ARG B 856 -20.44 2.95 19.25
N TYR B 857 -21.10 3.54 18.26
CA TYR B 857 -21.70 4.86 18.42
C TYR B 857 -23.21 4.85 18.45
N ASN B 858 -23.84 3.70 18.22
CA ASN B 858 -25.29 3.63 18.25
C ASN B 858 -25.87 4.55 17.19
N GLU B 859 -25.15 4.76 16.09
CA GLU B 859 -25.41 5.89 15.22
C GLU B 859 -26.35 5.56 14.05
N GLY B 860 -26.60 4.28 13.77
CA GLY B 860 -27.53 3.89 12.74
C GLY B 860 -26.91 3.21 11.54
N TYR B 861 -25.62 3.39 11.29
CA TYR B 861 -24.96 2.64 10.23
C TYR B 861 -24.82 1.16 10.59
N SER B 862 -24.64 0.82 11.87
CA SER B 862 -24.65 -0.56 12.35
C SER B 862 -26.08 -0.93 12.72
N MET B 863 -26.88 -1.38 11.76
CA MET B 863 -28.30 -1.51 11.98
C MET B 863 -28.76 -2.96 11.87
N THR B 864 -29.73 -3.30 12.72
CA THR B 864 -30.47 -4.55 12.67
C THR B 864 -31.77 -4.45 11.88
N ASP B 865 -32.32 -3.25 11.67
CA ASP B 865 -33.62 -3.13 11.02
C ASP B 865 -33.63 -1.93 10.08
N ARG B 866 -33.70 -2.20 8.77
CA ARG B 866 -33.65 -1.15 7.77
C ARG B 866 -34.93 -0.32 7.72
N TYR B 867 -36.08 -0.91 8.07
CA TYR B 867 -37.36 -0.22 7.99
C TYR B 867 -37.85 0.33 9.33
N ASN B 868 -37.20 0.03 10.44
CA ASN B 868 -37.67 0.53 11.73
C ASN B 868 -36.79 1.71 12.16
N LEU B 869 -37.35 2.91 12.09
CA LEU B 869 -36.62 4.12 12.45
C LEU B 869 -37.00 4.62 13.84
N GLY B 870 -37.54 3.75 14.68
CA GLY B 870 -37.73 4.12 16.10
C GLY B 870 -39.20 4.05 16.50
N THR B 871 -39.44 3.39 17.63
CA THR B 871 -40.75 3.44 18.25
C THR B 871 -40.62 4.00 19.65
N GLU B 872 -41.77 4.27 20.28
CA GLU B 872 -41.75 4.87 21.61
C GLU B 872 -41.09 3.96 22.61
N ALA B 873 -41.29 2.64 22.46
CA ALA B 873 -40.67 1.68 23.35
C ALA B 873 -39.24 1.35 22.94
N ASN B 874 -38.87 1.53 21.67
CA ASN B 874 -37.51 1.22 21.21
C ASN B 874 -36.97 2.38 20.38
N LEU B 875 -36.46 3.39 21.08
CA LEU B 875 -35.95 4.59 20.44
C LEU B 875 -34.60 4.36 19.81
N THR B 876 -34.37 4.96 18.66
CA THR B 876 -33.00 5.11 18.22
C THR B 876 -32.36 6.24 19.05
N LYS B 877 -31.12 6.58 18.72
CA LYS B 877 -30.47 7.68 19.45
C LYS B 877 -31.16 9.02 19.19
N TYR B 878 -31.78 9.17 18.02
CA TYR B 878 -32.34 10.44 17.57
C TYR B 878 -33.81 10.58 17.93
N GLY B 879 -34.47 9.48 18.28
CA GLY B 879 -35.86 9.54 18.61
C GLY B 879 -36.66 8.45 17.95
N SER B 880 -37.96 8.71 17.81
CA SER B 880 -38.93 7.77 17.26
C SER B 880 -39.23 8.11 15.80
N GLY B 881 -39.70 7.10 15.08
CA GLY B 881 -40.11 7.32 13.71
C GLY B 881 -41.14 8.42 13.61
N GLU B 882 -42.13 8.42 14.52
CA GLU B 882 -43.09 9.50 14.54
C GLU B 882 -42.41 10.85 14.79
N GLU B 883 -41.43 10.89 15.68
CA GLU B 883 -40.70 12.14 15.86
C GLU B 883 -39.93 12.51 14.59
N LEU B 884 -39.36 11.52 13.90
CA LEU B 884 -38.65 11.84 12.65
C LEU B 884 -39.59 12.48 11.64
N SER B 885 -40.81 11.97 11.53
CA SER B 885 -41.73 12.49 10.53
C SER B 885 -42.06 13.95 10.83
N ASN B 886 -42.20 14.29 12.11
CA ASN B 886 -42.48 15.69 12.42
C ASN B 886 -41.27 16.58 12.22
N ALA B 887 -40.06 16.05 12.41
CA ALA B 887 -38.87 16.81 12.06
C ALA B 887 -38.83 17.09 10.55
N ILE B 888 -39.05 16.06 9.73
CA ILE B 888 -39.02 16.26 8.28
C ILE B 888 -40.06 17.29 7.85
N ALA B 889 -41.28 17.19 8.40
CA ALA B 889 -42.33 18.12 8.01
C ALA B 889 -42.00 19.55 8.41
N ALA B 890 -41.44 19.72 9.61
CA ALA B 890 -41.04 21.06 10.03
C ALA B 890 -39.97 21.62 9.10
N LEU B 891 -39.00 20.79 8.72
CA LEU B 891 -37.98 21.24 7.79
C LEU B 891 -38.59 21.60 6.44
N HIS B 892 -39.49 20.75 5.91
CA HIS B 892 -40.21 21.11 4.69
C HIS B 892 -40.94 22.43 4.87
N ASP B 893 -41.59 22.62 6.03
CA ASP B 893 -42.34 23.86 6.27
C ASP B 893 -41.44 25.08 6.18
N ALA B 894 -40.16 24.92 6.51
CA ALA B 894 -39.19 26.00 6.42
C ALA B 894 -38.56 26.12 5.04
N GLY B 895 -38.98 25.29 4.08
CA GLY B 895 -38.49 25.36 2.73
C GLY B 895 -37.27 24.51 2.43
N LEU B 896 -36.90 23.62 3.33
CA LEU B 896 -35.74 22.77 3.09
C LEU B 896 -36.16 21.44 2.48
N LYS B 897 -35.22 20.81 1.80
CA LYS B 897 -35.35 19.42 1.42
C LYS B 897 -34.50 18.54 2.33
N VAL B 898 -34.90 17.28 2.43
CA VAL B 898 -34.36 16.38 3.42
C VAL B 898 -33.92 15.10 2.74
N GLN B 899 -32.68 14.70 2.99
CA GLN B 899 -32.12 13.46 2.48
C GLN B 899 -31.85 12.52 3.65
N GLU B 900 -32.06 11.23 3.43
CA GLU B 900 -31.69 10.23 4.42
C GLU B 900 -30.36 9.62 4.00
N ASP B 901 -29.52 9.32 5.00
CA ASP B 901 -28.32 8.52 4.79
C ASP B 901 -28.76 7.11 4.40
N LEU B 902 -28.65 6.78 3.11
CA LEU B 902 -29.05 5.48 2.57
C LEU B 902 -27.85 4.53 2.67
N VAL B 903 -28.05 3.37 3.29
CA VAL B 903 -26.95 2.49 3.69
C VAL B 903 -27.15 1.09 3.15
N MET B 904 -26.73 0.86 1.92
CA MET B 904 -26.88 -0.44 1.27
C MET B 904 -25.70 -1.38 1.47
N ASN B 905 -24.56 -0.90 2.01
CA ASN B 905 -23.39 -1.75 2.02
C ASN B 905 -23.51 -2.88 3.01
N GLN B 906 -24.13 -2.65 4.16
CA GLN B 906 -24.00 -3.67 5.20
C GLN B 906 -25.08 -3.49 6.26
N MET B 907 -25.35 -4.62 6.92
CA MET B 907 -26.14 -4.69 8.13
C MET B 907 -25.28 -5.36 9.20
N ILE B 908 -25.59 -5.07 10.46
CA ILE B 908 -24.85 -5.63 11.58
C ILE B 908 -25.83 -5.97 12.70
N GLY B 909 -25.66 -7.12 13.33
CA GLY B 909 -26.42 -7.47 14.50
C GLY B 909 -27.50 -8.52 14.32
N PHE B 910 -27.49 -9.27 13.22
CA PHE B 910 -28.39 -10.40 13.01
C PHE B 910 -28.32 -11.34 14.20
N SER B 911 -29.45 -11.97 14.53
CA SER B 911 -29.51 -12.90 15.65
C SER B 911 -29.57 -14.36 15.26
N GLY B 912 -29.88 -14.67 13.98
CA GLY B 912 -29.96 -16.05 13.54
C GLY B 912 -28.66 -16.49 12.91
N GLN B 913 -28.18 -17.65 13.31
CA GLN B 913 -26.98 -18.25 12.73
C GLN B 913 -27.32 -19.15 11.54
N GLU B 914 -26.39 -19.22 10.60
CA GLU B 914 -26.45 -20.22 9.55
C GLU B 914 -25.07 -20.84 9.37
N ALA B 915 -25.05 -22.12 9.00
CA ALA B 915 -23.78 -22.73 8.63
C ALA B 915 -23.39 -22.20 7.26
N VAL B 916 -22.28 -21.47 7.19
CA VAL B 916 -21.84 -20.93 5.91
C VAL B 916 -20.40 -21.38 5.64
N THR B 917 -20.12 -21.62 4.36
CA THR B 917 -18.78 -21.96 3.93
C THR B 917 -18.04 -20.68 3.56
N VAL B 918 -16.90 -20.44 4.22
CA VAL B 918 -16.23 -19.15 4.11
C VAL B 918 -14.77 -19.35 3.77
N THR B 919 -14.14 -18.27 3.29
CA THR B 919 -12.71 -18.17 3.06
C THR B 919 -12.21 -16.87 3.68
N ARG B 920 -11.06 -16.95 4.37
CA ARG B 920 -10.44 -15.78 4.98
C ARG B 920 -9.88 -14.85 3.91
N THR B 921 -10.33 -13.58 3.90
CA THR B 921 -9.94 -12.66 2.84
C THR B 921 -9.61 -11.29 3.41
N ASP B 922 -9.13 -10.43 2.51
CA ASP B 922 -8.92 -9.02 2.80
C ASP B 922 -10.18 -8.26 2.38
N GLY B 923 -10.17 -6.94 2.52
CA GLY B 923 -11.36 -6.19 2.15
C GLY B 923 -11.70 -6.23 0.67
N HIS B 924 -10.77 -6.70 -0.18
CA HIS B 924 -11.00 -6.87 -1.62
C HIS B 924 -11.45 -8.30 -1.99
N ALA B 925 -11.77 -9.14 -0.99
CA ALA B 925 -12.22 -10.52 -1.18
C ALA B 925 -11.13 -11.41 -1.76
N LYS B 926 -9.88 -11.04 -1.53
CA LYS B 926 -8.74 -11.84 -1.95
C LYS B 926 -8.23 -12.63 -0.76
N GLN B 927 -7.98 -13.92 -0.97
CA GLN B 927 -7.62 -14.77 0.15
C GLN B 927 -6.36 -14.25 0.81
N LEU B 928 -6.36 -14.28 2.14
CA LEU B 928 -5.33 -13.62 2.95
C LEU B 928 -4.61 -14.63 3.83
N THR B 929 -3.30 -14.43 3.97
CA THR B 929 -2.49 -15.18 4.90
C THR B 929 -2.09 -14.28 6.06
N VAL B 930 -2.19 -14.77 7.29
CA VAL B 930 -1.89 -13.98 8.49
C VAL B 930 -0.92 -14.77 9.37
N ASP B 931 0.27 -14.20 9.61
CA ASP B 931 1.34 -14.89 10.34
C ASP B 931 1.55 -16.29 9.76
N GLY B 932 1.46 -16.39 8.44
CA GLY B 932 1.66 -17.64 7.73
C GLY B 932 0.45 -18.55 7.69
N LYS B 933 -0.70 -18.12 8.22
CA LYS B 933 -1.89 -18.96 8.27
C LYS B 933 -3.00 -18.41 7.38
N THR B 934 -3.84 -19.32 6.89
CA THR B 934 -5.06 -18.97 6.18
C THR B 934 -6.07 -20.11 6.28
N PHE B 935 -7.29 -19.87 5.82
CA PHE B 935 -8.24 -20.97 5.69
C PHE B 935 -9.18 -20.68 4.54
N ALA B 936 -9.81 -21.73 4.05
CA ALA B 936 -10.59 -21.62 2.82
C ALA B 936 -11.60 -22.77 2.78
N ASN B 937 -12.79 -22.45 2.27
CA ASN B 937 -13.89 -23.40 2.18
C ASN B 937 -14.11 -24.13 3.50
N GLN B 938 -14.31 -23.33 4.54
CA GLN B 938 -14.53 -23.85 5.88
C GLN B 938 -15.91 -23.44 6.37
N ILE B 939 -16.59 -24.37 7.03
CA ILE B 939 -17.93 -24.09 7.54
C ILE B 939 -17.82 -23.25 8.81
N TYR B 940 -18.55 -22.14 8.82
CA TYR B 940 -18.48 -21.08 9.82
C TYR B 940 -19.89 -20.82 10.31
N PHE B 941 -20.09 -20.74 11.62
CA PHE B 941 -21.42 -20.56 12.19
C PHE B 941 -21.73 -19.06 12.36
N ALA B 942 -21.81 -18.37 11.22
CA ALA B 942 -21.95 -16.92 11.21
C ALA B 942 -23.37 -16.48 11.53
N TYR B 943 -23.47 -15.31 12.15
CA TYR B 943 -24.75 -14.61 12.33
C TYR B 943 -25.09 -13.88 11.03
N THR B 944 -26.10 -14.40 10.32
CA THR B 944 -26.46 -13.93 8.99
C THR B 944 -27.96 -13.79 8.76
N ARG B 945 -28.80 -14.22 9.69
N ARG B 945 -28.80 -14.24 9.67
CA ARG B 945 -30.24 -14.25 9.49
CA ARG B 945 -30.24 -14.24 9.45
C ARG B 945 -30.90 -13.27 10.44
C ARG B 945 -30.91 -13.28 10.43
N GLY B 946 -31.76 -12.41 9.90
CA GLY B 946 -32.46 -11.44 10.71
C GLY B 946 -33.08 -10.35 9.84
N GLY B 947 -33.30 -9.20 10.44
CA GLY B 947 -33.89 -8.10 9.70
C GLY B 947 -34.94 -7.33 10.46
N GLY B 948 -35.49 -7.91 11.52
CA GLY B 948 -36.48 -7.23 12.33
C GLY B 948 -37.88 -7.33 11.76
N GLU B 949 -38.85 -6.88 12.56
CA GLU B 949 -40.23 -6.84 12.08
C GLU B 949 -40.37 -5.87 10.92
N GLY B 950 -39.55 -4.83 10.89
CA GLY B 950 -39.58 -3.91 9.76
C GLY B 950 -39.39 -4.61 8.44
N GLN B 951 -38.45 -5.56 8.39
CA GLN B 951 -38.22 -6.29 7.14
C GLN B 951 -39.36 -7.25 6.85
N LYS B 952 -39.92 -7.87 7.90
CA LYS B 952 -41.05 -8.78 7.72
C LYS B 952 -42.27 -8.05 7.17
N ASN B 953 -42.55 -6.85 7.68
CA ASN B 953 -43.78 -6.16 7.39
C ASN B 953 -43.67 -5.15 6.25
N TYR B 954 -42.46 -4.85 5.78
CA TYR B 954 -42.34 -3.91 4.67
C TYR B 954 -41.44 -4.42 3.56
N GLY B 955 -40.72 -5.52 3.76
CA GLY B 955 -39.89 -6.05 2.71
C GLY B 955 -40.70 -6.44 1.49
N GLY B 956 -40.35 -5.88 0.34
CA GLY B 956 -41.04 -6.19 -0.90
C GLY B 956 -42.46 -5.68 -0.98
N LYS B 957 -42.93 -4.90 0.00
CA LYS B 957 -44.36 -4.61 0.09
C LYS B 957 -44.87 -3.77 -1.07
N TYR B 958 -44.02 -2.92 -1.66
CA TYR B 958 -44.47 -2.00 -2.69
C TYR B 958 -44.04 -2.42 -4.09
N LEU B 959 -43.44 -3.60 -4.22
CA LEU B 959 -42.89 -4.04 -5.51
C LEU B 959 -43.99 -4.23 -6.55
N ASP B 960 -45.15 -4.76 -6.14
CA ASP B 960 -46.26 -4.84 -7.08
C ASP B 960 -46.68 -3.45 -7.54
N GLU B 961 -46.83 -2.52 -6.60
CA GLU B 961 -47.15 -1.14 -6.94
C GLU B 961 -46.12 -0.55 -7.88
N LEU B 962 -44.83 -0.66 -7.53
CA LEU B 962 -43.77 -0.13 -8.38
C LEU B 962 -43.76 -0.79 -9.76
N GLN B 963 -43.95 -2.11 -9.80
CA GLN B 963 -43.91 -2.84 -11.06
C GLN B 963 -45.00 -2.34 -12.01
N LYS B 964 -46.19 -2.02 -11.48
CA LYS B 964 -47.26 -1.49 -12.32
C LYS B 964 -47.03 -0.03 -12.69
N LYS B 965 -46.51 0.77 -11.76
CA LYS B 965 -46.27 2.19 -12.04
C LYS B 965 -45.06 2.41 -12.93
N TYR B 966 -43.95 1.72 -12.65
CA TYR B 966 -42.66 2.00 -13.28
C TYR B 966 -42.02 0.70 -13.73
N PRO B 967 -42.61 0.02 -14.72
CA PRO B 967 -42.06 -1.26 -15.19
C PRO B 967 -40.60 -1.18 -15.62
N GLU B 968 -40.13 -0.01 -16.08
CA GLU B 968 -38.73 0.11 -16.49
C GLU B 968 -37.77 -0.34 -15.39
N LEU B 969 -38.12 -0.11 -14.12
CA LEU B 969 -37.21 -0.49 -13.03
C LEU B 969 -36.89 -1.96 -13.06
N PHE B 970 -37.79 -2.78 -13.61
CA PHE B 970 -37.60 -4.22 -13.58
C PHE B 970 -37.42 -4.82 -14.97
N THR B 971 -37.29 -3.99 -16.01
CA THR B 971 -36.82 -4.48 -17.30
C THR B 971 -35.46 -3.91 -17.68
N THR B 972 -35.04 -2.78 -17.11
CA THR B 972 -33.69 -2.29 -17.36
C THR B 972 -32.68 -3.27 -16.77
N LYS B 973 -31.75 -3.74 -17.61
CA LYS B 973 -30.73 -4.68 -17.18
C LYS B 973 -29.56 -3.96 -16.51
N ALA B 974 -29.19 -4.41 -15.32
CA ALA B 974 -28.08 -3.80 -14.60
C ALA B 974 -26.77 -4.04 -15.34
N VAL B 975 -25.84 -3.10 -15.18
CA VAL B 975 -24.56 -3.19 -15.86
C VAL B 975 -23.80 -4.44 -15.43
N SER B 976 -23.70 -4.66 -14.11
CA SER B 976 -22.78 -5.68 -13.62
C SER B 976 -23.29 -7.09 -13.91
N THR B 977 -24.60 -7.31 -13.85
CA THR B 977 -25.19 -8.64 -14.05
C THR B 977 -25.80 -8.85 -15.43
N GLY B 978 -25.99 -7.81 -16.23
CA GLY B 978 -26.79 -7.94 -17.44
C GLY B 978 -28.21 -8.40 -17.19
N VAL B 979 -28.72 -8.22 -15.97
CA VAL B 979 -30.02 -8.74 -15.57
C VAL B 979 -30.79 -7.64 -14.85
N ALA B 980 -32.10 -7.60 -15.07
CA ALA B 980 -32.93 -6.60 -14.42
C ALA B 980 -33.16 -6.97 -12.95
N PRO B 981 -33.42 -5.98 -12.11
CA PRO B 981 -33.86 -6.29 -10.74
C PRO B 981 -35.08 -7.22 -10.78
N ASP B 982 -35.11 -8.17 -9.86
CA ASP B 982 -36.07 -9.25 -9.86
C ASP B 982 -37.06 -9.07 -8.70
N PRO B 983 -38.26 -8.57 -8.95
CA PRO B 983 -39.24 -8.36 -7.87
C PRO B 983 -40.14 -9.56 -7.59
N SER B 984 -39.89 -10.70 -8.22
CA SER B 984 -40.69 -11.91 -8.02
C SER B 984 -40.29 -12.70 -6.78
N VAL B 985 -39.31 -12.22 -6.02
CA VAL B 985 -38.98 -12.74 -4.69
C VAL B 985 -38.90 -11.56 -3.73
N HIS B 986 -39.58 -11.67 -2.61
CA HIS B 986 -39.52 -10.62 -1.63
C HIS B 986 -38.55 -11.06 -0.54
N ILE B 987 -37.81 -10.09 -0.04
CA ILE B 987 -36.90 -10.30 1.08
C ILE B 987 -37.61 -9.78 2.32
N THR B 988 -38.14 -10.71 3.11
CA THR B 988 -38.71 -10.38 4.40
C THR B 988 -37.83 -10.83 5.54
N GLU B 989 -36.76 -11.54 5.24
CA GLU B 989 -35.79 -11.96 6.24
C GLU B 989 -34.47 -12.13 5.50
N TRP B 990 -33.45 -11.41 5.96
CA TRP B 990 -32.15 -11.53 5.35
C TRP B 990 -31.50 -12.86 5.73
N SER B 991 -30.70 -13.40 4.83
CA SER B 991 -29.93 -14.60 5.12
C SER B 991 -28.70 -14.59 4.24
N ALA B 992 -27.80 -15.55 4.50
CA ALA B 992 -26.47 -15.53 3.91
C ALA B 992 -26.52 -15.61 2.38
N LYS B 993 -27.52 -16.25 1.80
CA LYS B 993 -27.58 -16.27 0.34
C LYS B 993 -27.65 -14.88 -0.26
N TYR B 994 -28.06 -13.87 0.52
CA TYR B 994 -28.13 -12.49 0.05
C TYR B 994 -26.91 -11.67 0.46
N GLN B 995 -25.81 -12.31 0.88
CA GLN B 995 -24.67 -11.61 1.46
C GLN B 995 -23.35 -12.03 0.79
N ASN B 996 -22.44 -11.06 0.65
CA ASN B 996 -21.11 -11.38 0.12
C ASN B 996 -20.23 -12.08 1.14
N GLY B 997 -20.34 -11.71 2.41
CA GLY B 997 -19.45 -12.21 3.45
C GLY B 997 -19.64 -11.42 4.74
N THR B 998 -18.69 -11.57 5.65
CA THR B 998 -18.80 -10.78 6.89
C THR B 998 -17.41 -10.44 7.42
N SER B 999 -17.30 -9.28 8.06
CA SER B 999 -16.10 -9.04 8.85
C SER B 999 -16.05 -10.06 9.98
N LEU B 1000 -14.85 -10.35 10.48
CA LEU B 1000 -14.72 -11.44 11.45
C LEU B 1000 -15.68 -11.24 12.61
N GLN B 1001 -16.47 -12.27 12.90
CA GLN B 1001 -17.48 -12.14 13.95
C GLN B 1001 -16.98 -12.58 15.32
N ASN B 1002 -15.71 -12.94 15.45
CA ASN B 1002 -15.10 -13.31 16.73
C ASN B 1002 -15.75 -14.54 17.35
N ILE B 1003 -16.08 -15.51 16.50
CA ILE B 1003 -16.68 -16.77 16.94
C ILE B 1003 -15.66 -17.91 16.95
N GLY B 1004 -14.81 -17.97 15.95
CA GLY B 1004 -13.96 -19.13 15.79
C GLY B 1004 -14.30 -19.89 14.51
N ILE B 1005 -13.31 -20.58 13.98
CA ILE B 1005 -13.46 -21.25 12.69
C ILE B 1005 -13.47 -22.77 12.83
N GLY B 1006 -13.01 -23.32 13.94
CA GLY B 1006 -13.05 -24.75 14.10
C GLY B 1006 -14.14 -25.25 15.04
N LEU B 1007 -15.33 -24.64 15.01
CA LEU B 1007 -16.42 -25.07 15.87
C LEU B 1007 -17.21 -26.22 15.28
N ALA B 1008 -17.35 -26.29 13.96
CA ALA B 1008 -18.11 -27.37 13.35
C ALA B 1008 -17.46 -28.72 13.67
N VAL B 1009 -18.26 -29.65 14.21
CA VAL B 1009 -17.71 -30.90 14.74
C VAL B 1009 -17.31 -31.80 13.58
N LYS B 1010 -16.09 -32.36 13.65
CA LYS B 1010 -15.55 -33.23 12.61
C LYS B 1010 -15.21 -34.60 13.20
N LEU B 1011 -15.68 -35.65 12.54
CA LEU B 1011 -15.33 -37.01 12.94
C LEU B 1011 -13.85 -37.27 12.66
N ALA B 1012 -13.37 -38.41 13.16
CA ALA B 1012 -11.95 -38.72 13.08
C ALA B 1012 -11.47 -38.74 11.63
N ASN B 1013 -12.28 -39.29 10.71
CA ASN B 1013 -11.92 -39.32 9.29
C ASN B 1013 -12.15 -38.00 8.58
N GLY B 1014 -12.56 -36.95 9.30
CA GLY B 1014 -12.79 -35.66 8.70
C GLY B 1014 -14.18 -35.42 8.18
N ASP B 1015 -15.04 -36.43 8.18
CA ASP B 1015 -16.45 -36.21 7.85
C ASP B 1015 -17.04 -35.22 8.85
N TYR B 1016 -17.75 -34.21 8.33
CA TYR B 1016 -18.53 -33.35 9.20
C TYR B 1016 -19.60 -34.16 9.91
N ALA B 1017 -19.80 -33.90 11.21
CA ALA B 1017 -20.99 -34.39 11.88
C ALA B 1017 -22.22 -33.76 11.24
N TYR B 1018 -23.34 -34.48 11.28
CA TYR B 1018 -24.53 -33.98 10.60
C TYR B 1018 -25.79 -34.56 11.21
N LEU B 1019 -26.87 -33.78 11.17
CA LEU B 1019 -28.19 -34.20 11.65
C LEU B 1019 -29.17 -34.20 10.47
N ASN B 1020 -29.51 -35.38 9.98
CA ASN B 1020 -30.48 -35.51 8.90
C ASN B 1020 -31.90 -35.46 9.45
N ASP B 1021 -32.71 -34.54 8.95
CA ASP B 1021 -34.14 -34.51 9.25
C ASP B 1021 -34.87 -34.10 7.97
N SER B 1022 -36.11 -33.63 8.10
CA SER B 1022 -36.87 -33.23 6.92
C SER B 1022 -36.32 -31.95 6.31
N ASN B 1023 -35.69 -31.10 7.11
CA ASN B 1023 -35.13 -29.85 6.60
C ASN B 1023 -33.71 -29.98 6.08
N ASN B 1024 -32.97 -30.98 6.55
CA ASN B 1024 -31.53 -31.07 6.32
C ASN B 1024 -31.21 -32.45 5.75
N LYS B 1025 -30.97 -32.51 4.43
CA LYS B 1025 -30.76 -33.76 3.73
C LYS B 1025 -29.39 -33.83 3.05
N ALA B 1026 -28.43 -33.02 3.49
CA ALA B 1026 -27.14 -33.02 2.80
C ALA B 1026 -26.40 -34.35 2.97
N PHE B 1027 -26.57 -35.00 4.12
CA PHE B 1027 -25.87 -36.24 4.43
C PHE B 1027 -26.76 -37.09 5.32
N ASN B 1028 -26.36 -38.36 5.48
CA ASN B 1028 -26.95 -39.18 6.52
C ASN B 1028 -26.54 -38.65 7.88
N THR B 1029 -27.36 -38.94 8.89
CA THR B 1029 -26.98 -38.54 10.24
C THR B 1029 -25.65 -39.20 10.59
N THR B 1030 -24.78 -38.41 11.21
CA THR B 1030 -23.38 -38.80 11.39
C THR B 1030 -22.88 -38.07 12.64
N LEU B 1031 -22.80 -38.79 13.75
CA LEU B 1031 -22.46 -38.20 15.02
C LEU B 1031 -21.22 -38.85 15.62
N PRO B 1032 -20.53 -38.16 16.53
CA PRO B 1032 -19.44 -38.81 17.27
C PRO B 1032 -19.89 -40.10 17.93
N GLU B 1033 -18.97 -41.01 18.23
CA GLU B 1033 -19.39 -42.30 18.75
C GLU B 1033 -20.08 -42.16 20.11
N THR B 1034 -19.50 -41.35 21.00
CA THR B 1034 -20.13 -41.10 22.30
C THR B 1034 -21.57 -40.65 22.14
N MET B 1035 -21.87 -39.95 21.05
CA MET B 1035 -23.22 -39.58 20.72
C MET B 1035 -23.75 -40.53 19.65
CA CA C . 13.08 -1.28 -15.46
CA CA D . 18.50 -5.96 -7.15
CA CA E . 17.12 11.24 -4.61
CA CA F . 22.56 -24.84 -31.22
CA CA G . 34.83 5.64 -4.64
C1 EDO H . 34.28 -39.93 9.08
O1 EDO H . 33.01 -39.43 8.62
C2 EDO H . 34.12 -40.45 10.51
O2 EDO H . 35.14 -41.41 10.76
C1 EDO I . 23.14 -34.90 -24.00
O1 EDO I . 22.70 -35.66 -22.87
C2 EDO I . 23.82 -33.62 -23.52
O2 EDO I . 24.94 -33.94 -22.66
C1 EDO J . 18.86 -29.36 -32.57
O1 EDO J . 18.80 -28.63 -31.32
C2 EDO J . 20.31 -29.68 -32.87
O2 EDO J . 20.79 -30.67 -31.95
C1 EDO K . 24.66 -37.06 -21.04
O1 EDO K . 25.18 -36.37 -19.88
C2 EDO K . 23.33 -37.75 -20.69
O2 EDO K . 23.56 -39.16 -20.50
C1 EDO L . 34.69 -7.07 13.88
O1 EDO L . 34.28 -8.11 14.79
C2 EDO L . 34.70 -7.65 12.48
O2 EDO L . 35.53 -8.82 12.51
C1 EDO M . 24.27 12.78 -3.69
O1 EDO M . 24.05 13.97 -2.94
C2 EDO M . 25.53 12.08 -3.21
O2 EDO M . 25.75 10.91 -4.01
C1 EDO N . 21.03 22.14 -7.73
O1 EDO N . 22.03 23.18 -7.65
C2 EDO N . 20.76 21.49 -6.38
O2 EDO N . 20.78 22.47 -5.30
C1 EDO O . 16.14 -40.27 -6.90
O1 EDO O . 15.03 -41.03 -6.39
C2 EDO O . 16.94 -41.15 -7.85
O2 EDO O . 16.86 -40.64 -9.18
C1 EDO P . 46.04 -12.78 -3.78
O1 EDO P . 45.63 -13.14 -2.45
C2 EDO P . 47.56 -12.63 -3.91
O2 EDO P . 47.87 -11.83 -5.06
C1 EDO Q . -0.57 17.46 -15.99
O1 EDO Q . 0.33 18.04 -15.03
C2 EDO Q . -0.55 18.22 -17.31
O2 EDO Q . -1.88 18.26 -17.87
C1 EDO R . 0.90 -16.55 19.20
O1 EDO R . 1.35 -16.48 17.83
C2 EDO R . 0.17 -17.86 19.43
O2 EDO R . -0.85 -17.66 20.44
C1 EDO S . 0.02 -27.11 12.86
C1 EDO S . -0.38 -27.12 12.64
O1 EDO S . -0.01 -25.68 12.71
O1 EDO S . -0.38 -25.69 12.43
C2 EDO S . -1.16 -27.74 12.12
C2 EDO S . -1.44 -27.77 11.75
O2 EDO S . -1.18 -27.29 10.75
O2 EDO S . -1.86 -29.01 12.33
C1 EDO T . 6.52 -27.87 -13.13
O1 EDO T . 5.69 -26.76 -12.84
C2 EDO T . 5.66 -28.94 -13.81
O2 EDO T . 6.51 -30.02 -14.26
C1 EDO U . 32.37 -29.76 23.69
O1 EDO U . 31.21 -30.63 23.74
C2 EDO U . 32.59 -29.30 22.26
O2 EDO U . 31.57 -28.35 21.88
C1 EDO V . 33.15 27.26 -18.36
O1 EDO V . 33.08 28.52 -17.68
C2 EDO V . 31.78 26.59 -18.26
O2 EDO V . 31.24 26.45 -19.58
C1 EDO W . 41.93 -16.04 3.76
O1 EDO W . 42.63 -15.12 2.91
C2 EDO W . 41.94 -17.46 3.20
O2 EDO W . 40.62 -18.02 3.24
C1 EDO X . 0.40 -7.84 -2.58
O1 EDO X . -0.52 -6.82 -2.15
C2 EDO X . 0.48 -8.99 -1.57
O2 EDO X . 1.56 -9.82 -2.04
C1 EDO Y . 12.27 -38.76 -4.53
O1 EDO Y . 11.71 -38.99 -3.23
C2 EDO Y . 13.74 -39.13 -4.48
O2 EDO Y . 14.47 -38.19 -3.69
C1 GOL Z . -1.28 -2.21 -17.84
O1 GOL Z . -1.79 -2.33 -16.52
C2 GOL Z . 0.25 -2.11 -17.82
O2 GOL Z . 0.66 -0.81 -17.41
C3 GOL Z . 0.79 -2.43 -19.22
O3 GOL Z . -0.26 -3.01 -19.95
C1 EDO AA . 48.52 -16.48 -6.02
O1 EDO AA . 47.74 -15.57 -5.23
C2 EDO AA . 49.10 -17.60 -5.17
O2 EDO AA . 49.27 -18.77 -5.98
C1 EDO BA . 35.80 -11.61 14.10
O1 EDO BA . 34.39 -11.86 14.25
C2 EDO BA . 36.41 -12.86 13.49
O2 EDO BA . 35.69 -13.19 12.30
C1 GOL CA . 45.21 -19.73 -0.76
O1 GOL CA . 44.54 -20.12 0.42
C2 GOL CA . 45.99 -20.91 -1.32
O2 GOL CA . 46.81 -20.53 -2.42
C3 GOL CA . 46.81 -21.53 -0.19
O3 GOL CA . 46.39 -22.86 0.06
C1 GOL DA . 14.44 -9.85 13.72
O1 GOL DA . 15.48 -9.14 13.07
C2 GOL DA . 14.83 -10.17 15.16
O2 GOL DA . 13.87 -9.72 16.11
C3 GOL DA . 16.17 -9.50 15.43
O3 GOL DA . 16.50 -9.63 16.79
C1 EDO EA . 42.37 1.69 -8.02
O1 EDO EA . 42.20 1.57 -9.44
C2 EDO EA . 41.02 1.75 -7.30
O2 EDO EA . 40.87 0.59 -6.47
C1 EDO FA . 32.11 1.93 -0.77
O1 EDO FA . 31.83 2.74 -1.92
C2 EDO FA . 33.56 1.46 -0.75
O2 EDO FA . 33.68 0.39 0.22
C1 EDO GA . -5.37 17.37 -7.74
O1 EDO GA . -6.70 17.89 -7.54
C2 EDO GA . -4.67 17.18 -6.38
O2 EDO GA . -3.53 16.33 -6.55
C1 PEG HA . 3.65 -27.61 -17.41
O1 PEG HA . 3.70 -27.02 -18.73
C2 PEG HA . 2.39 -27.15 -16.68
O2 PEG HA . 2.66 -26.07 -15.77
C3 PEG HA . 1.80 -24.96 -16.04
C4 PEG HA . 1.75 -24.02 -14.84
O4 PEG HA . 1.45 -22.67 -15.28
C1 PEG IA . 55.64 -21.17 -0.76
O1 PEG IA . 56.04 -22.44 -1.30
C2 PEG IA . 55.91 -20.02 -1.75
O2 PEG IA . 56.31 -20.47 -3.05
C3 PEG IA . 57.41 -19.72 -3.57
C4 PEG IA . 57.07 -18.77 -4.72
O4 PEG IA . 58.08 -17.76 -4.85
CA CA JA . -19.91 -4.17 -0.11
CA CA KA . -19.34 5.96 5.44
CA CA LA . -19.34 25.79 24.03
CA CA MA . -10.99 2.05 4.04
CA CA NA . 1.66 -12.56 16.63
CA CA OA . -17.83 21.68 26.03
C1 EDO PA . -60.54 8.27 18.76
O1 EDO PA . -61.16 9.11 19.76
C2 EDO PA . -59.42 9.03 18.06
O2 EDO PA . -58.75 8.18 17.11
C1 EDO QA . -3.35 30.79 23.59
O1 EDO QA . -4.34 31.67 23.02
C2 EDO QA . -3.97 29.47 24.03
O2 EDO QA . -4.98 29.69 25.01
C1 EDO RA . 2.39 27.28 -8.12
O1 EDO RA . 2.67 28.33 -7.16
C2 EDO RA . 1.45 27.82 -9.21
O2 EDO RA . 2.14 28.58 -10.21
C1 EDO SA . -13.36 -12.51 -6.47
O1 EDO SA . -12.25 -11.91 -5.79
C2 EDO SA . -14.35 -13.10 -5.46
O2 EDO SA . -13.78 -14.25 -4.81
C1 EDO TA . -42.25 17.45 -14.47
O1 EDO TA . -42.58 18.64 -13.74
C2 EDO TA . -43.08 16.28 -13.95
O2 EDO TA . -42.85 16.04 -12.55
C1 EDO UA . -12.28 12.94 -20.94
O1 EDO UA . -12.79 14.23 -20.60
C2 EDO UA . -11.72 12.98 -22.36
O2 EDO UA . -10.28 12.89 -22.32
C1 EDO VA . -5.28 13.32 11.83
O1 EDO VA . -6.10 12.22 11.45
C2 EDO VA . -4.08 12.81 12.64
O2 EDO VA . -3.44 11.78 11.88
C1 EDO WA . -28.25 -24.43 28.69
O1 EDO WA . -27.07 -23.80 29.22
C2 EDO WA . -28.11 -24.53 27.18
O2 EDO WA . -29.09 -25.45 26.70
C1 EDO XA . -21.83 0.24 -19.98
O1 EDO XA . -22.28 1.17 -18.99
C2 EDO XA . -20.68 -0.62 -19.45
O2 EDO XA . -19.47 0.16 -19.33
C1 EDO YA . -31.30 48.11 -11.40
O1 EDO YA . -30.45 48.84 -12.31
C2 EDO YA . -32.08 47.02 -12.14
O2 EDO YA . -32.50 46.00 -11.22
C1 PEG ZA . -16.16 34.59 -20.81
O1 PEG ZA . -17.07 33.95 -19.90
C2 PEG ZA . -15.18 35.53 -20.12
O2 PEG ZA . -13.95 34.87 -19.75
C3 PEG ZA . -13.42 34.05 -20.79
C4 PEG ZA . -12.36 33.11 -20.21
O4 PEG ZA . -12.67 31.74 -20.51
C1 GOL AB . -24.36 32.48 -15.60
O1 GOL AB . -24.25 32.90 -16.94
C2 GOL AB . -25.25 33.47 -14.83
O2 GOL AB . -25.95 32.83 -13.78
C3 GOL AB . -24.33 34.55 -14.30
O3 GOL AB . -23.24 33.98 -13.60
C1 EDO BB . -16.04 19.04 -19.42
O1 EDO BB . -15.76 20.04 -20.41
C2 EDO BB . -17.56 18.88 -19.27
O2 EDO BB . -17.85 17.77 -18.40
C1 EDO CB . -35.93 9.68 26.53
O1 EDO CB . -37.19 9.02 26.42
C2 EDO CB . -34.77 8.68 26.48
O2 EDO CB . -34.44 8.25 27.82
C1 EDO DB . -24.32 0.37 23.42
O1 EDO DB . -22.92 0.63 23.23
C2 EDO DB . -25.14 1.66 23.61
O2 EDO DB . -26.55 1.37 23.55
C1 EDO EB . -14.51 -7.87 22.96
O1 EDO EB . -13.71 -7.26 23.99
C2 EDO EB . -14.29 -9.38 22.91
O2 EDO EB . -14.32 -9.89 21.56
C1 GOL FB . -18.91 1.81 13.33
O1 GOL FB . -19.40 1.10 14.46
C2 GOL FB . -19.91 1.68 12.17
O2 GOL FB . -21.17 1.27 12.66
C3 GOL FB . -19.41 0.67 11.15
O3 GOL FB . -18.14 1.07 10.68
C1 GOL GB . -3.73 -8.66 0.73
O1 GOL GB . -3.19 -7.44 1.21
C2 GOL GB . -2.70 -9.45 -0.12
O2 GOL GB . -3.12 -10.79 -0.29
C3 GOL GB . -1.31 -9.44 0.52
O3 GOL GB . -0.31 -9.31 -0.50
C1 EDO HB . -20.31 -17.72 -5.37
O1 EDO HB . -21.45 -17.30 -4.59
C2 EDO HB . -19.33 -18.47 -4.48
O2 EDO HB . -18.51 -19.37 -5.25
C1 EDO IB . -30.66 -16.79 -4.59
O1 EDO IB . -30.99 -15.38 -4.48
C2 EDO IB . -29.19 -17.04 -4.95
O2 EDO IB . -28.96 -16.88 -6.35
C1 PEG JB . -27.06 20.95 -24.47
O1 PEG JB . -27.98 19.85 -24.53
C2 PEG JB . -25.76 20.57 -25.18
O2 PEG JB . -24.88 21.69 -25.14
C3 PEG JB . -24.52 22.13 -26.45
C4 PEG JB . -23.85 23.50 -26.39
O4 PEG JB . -22.46 23.37 -26.09
C1 PEG KB . -20.26 1.16 -16.54
O1 PEG KB . -20.54 2.56 -16.33
C2 PEG KB . -18.80 0.81 -16.20
O2 PEG KB . -17.96 0.69 -17.37
C3 PEG KB . -17.22 1.90 -17.58
C4 PEG KB . -15.71 1.65 -17.64
O4 PEG KB . -15.01 2.90 -17.57
C1 PEG LB . -22.92 8.55 24.04
O1 PEG LB . -21.59 9.02 24.27
C2 PEG LB . -23.06 8.06 22.59
O2 PEG LB . -23.72 6.80 22.59
C3 PEG LB . -23.08 5.87 21.69
C4 PEG LB . -23.38 4.44 22.15
O4 PEG LB . -22.16 3.68 22.16
C1 PEG MB . -44.22 4.17 -17.82
O1 PEG MB . -44.30 4.30 -16.39
C2 PEG MB . -42.75 3.98 -18.20
O2 PEG MB . -42.62 2.77 -18.98
C3 PEG MB . -41.25 2.43 -19.25
C4 PEG MB . -40.60 3.49 -20.13
O4 PEG MB . -39.33 3.01 -20.60
#